data_9BJX
#
_entry.id   9BJX
#
_cell.length_a   97.008
_cell.length_b   51.560
_cell.length_c   157.057
_cell.angle_alpha   90.000
_cell.angle_beta   101.500
_cell.angle_gamma   90.000
#
_symmetry.space_group_name_H-M   'P 1 21 1'
#
loop_
_entity.id
_entity.type
_entity.pdbx_description
1 polymer 'Cellulase (Glycosyl hydrolase family 5)'
2 non-polymer 1,2-ETHANEDIOL
3 water water
#
_entity_poly.entity_id   1
_entity_poly.type   'polypeptide(L)'
_entity_poly.pdbx_seq_one_letter_code
;SNATAQQWNKDVVGWNLGNEFECSAPGQDGESMQIGNPDGSIHAETAWGNPVVTKKMIQAVKKAGFNAIRIPIRWQCHIT
NAQAMSIDKAWIARIKEVVGWCLDNGLKVIINVHHEKWLESRPTYQYKEENCQKLALLWMNIASEFANYDSRLAFAGTNE
VHIRDNWGKPTAENLEVQNAYNQIFVDVVRATGGNNAKRHLILQTYVCNPWFGIENGDFIIPKDAEGNGNNYMSVEFHYY
QPWSYAGDCTYDYWGDAYKDAGKIPADNEKTMTDFFDKAVNTWSNKGLGIVIGEWGVTDHYKSNSEKVHENMTYYCKFLT
TEARKRGFSTFVWDNNHFGNGSEKYGIFDRFKSMKVNAPWILEGIFGK
;
_entity_poly.pdbx_strand_id   A,B,C,D
#
loop_
_chem_comp.id
_chem_comp.type
_chem_comp.name
_chem_comp.formula
EDO non-polymer 1,2-ETHANEDIOL 'C2 H6 O2'
#
# COMPACT_ATOMS: atom_id res chain seq x y z
N SER A 1 6.51 29.03 -21.55
CA SER A 1 6.08 28.71 -20.20
C SER A 1 4.98 27.64 -20.22
N ASN A 2 4.94 26.82 -19.18
CA ASN A 2 4.03 25.67 -19.12
C ASN A 2 3.81 25.40 -17.63
N ALA A 3 2.59 25.65 -17.15
CA ALA A 3 2.23 25.38 -15.75
C ALA A 3 0.95 24.58 -15.71
N THR A 4 0.92 23.52 -14.89
CA THR A 4 -0.35 22.83 -14.72
C THR A 4 -1.33 23.72 -13.94
N ALA A 5 -2.59 23.29 -13.93
CA ALA A 5 -3.60 24.04 -13.18
C ALA A 5 -3.26 24.08 -11.69
N GLN A 6 -2.84 22.95 -11.13
CA GLN A 6 -2.47 22.92 -9.73
C GLN A 6 -1.26 23.79 -9.46
N GLN A 7 -0.27 23.78 -10.36
CA GLN A 7 0.89 24.65 -10.17
C GLN A 7 0.48 26.11 -10.27
N TRP A 8 -0.41 26.42 -11.22
CA TRP A 8 -0.84 27.80 -11.42
C TRP A 8 -1.57 28.32 -10.20
N ASN A 9 -2.43 27.48 -9.60
CA ASN A 9 -3.25 27.93 -8.48
C ASN A 9 -2.46 28.06 -7.18
N LYS A 10 -1.32 27.37 -7.05
CA LYS A 10 -0.61 27.29 -5.78
C LYS A 10 -0.31 28.68 -5.24
N ASP A 11 -0.77 28.93 -4.01
CA ASP A 11 -0.50 30.18 -3.29
C ASP A 11 -1.06 31.41 -3.99
N VAL A 12 -1.98 31.25 -4.93
CA VAL A 12 -2.58 32.41 -5.57
C VAL A 12 -3.68 32.98 -4.67
N VAL A 13 -3.52 34.24 -4.28
CA VAL A 13 -4.49 34.94 -3.46
C VAL A 13 -4.86 36.17 -4.26
N GLY A 14 -6.06 36.15 -4.84
CA GLY A 14 -6.42 37.12 -5.86
C GLY A 14 -7.59 38.02 -5.47
N TRP A 15 -7.91 38.89 -6.40
CA TRP A 15 -8.89 39.97 -6.22
C TRP A 15 -9.67 40.15 -7.52
N ASN A 16 -10.98 40.37 -7.40
CA ASN A 16 -11.86 40.59 -8.55
C ASN A 16 -11.99 42.06 -8.88
N LEU A 17 -11.81 42.39 -10.17
CA LEU A 17 -12.12 43.73 -10.67
C LEU A 17 -13.62 43.83 -10.94
N GLY A 18 -14.40 43.87 -9.85
CA GLY A 18 -15.84 43.70 -9.96
C GLY A 18 -16.58 44.97 -10.38
N ASN A 19 -17.69 44.77 -11.09
CA ASN A 19 -18.55 45.83 -11.60
C ASN A 19 -17.78 46.82 -12.45
N GLU A 20 -16.97 46.28 -13.37
CA GLU A 20 -16.29 47.10 -14.36
C GLU A 20 -16.60 46.55 -15.75
N PHE A 21 -15.78 45.62 -16.25
CA PHE A 21 -15.95 45.22 -17.65
C PHE A 21 -17.11 44.27 -17.88
N GLU A 22 -17.81 43.84 -16.84
CA GLU A 22 -19.01 43.01 -17.03
C GLU A 22 -20.30 43.82 -16.88
N CYS A 23 -20.21 45.13 -16.69
CA CYS A 23 -21.44 45.93 -16.71
C CYS A 23 -22.10 45.89 -18.09
N SER A 24 -23.39 46.19 -18.13
CA SER A 24 -24.00 46.27 -19.45
C SER A 24 -23.63 47.59 -20.12
N ALA A 25 -24.00 47.71 -21.39
CA ALA A 25 -23.77 48.97 -22.09
C ALA A 25 -24.56 50.07 -21.39
N PRO A 26 -24.06 51.30 -21.41
CA PRO A 26 -24.75 52.40 -20.72
C PRO A 26 -26.22 52.50 -21.10
N GLY A 27 -27.08 52.53 -20.07
CA GLY A 27 -28.51 52.66 -20.24
C GLY A 27 -29.24 51.39 -20.63
N GLN A 28 -28.56 50.25 -20.64
CA GLN A 28 -29.17 49.01 -21.10
CA GLN A 28 -29.16 49.01 -21.11
C GLN A 28 -29.37 48.04 -19.95
N ASP A 29 -30.39 47.19 -20.10
CA ASP A 29 -30.75 46.15 -19.14
C ASP A 29 -29.66 45.10 -19.03
N GLY A 30 -29.15 44.90 -17.81
CA GLY A 30 -28.14 43.87 -17.60
C GLY A 30 -28.67 42.46 -17.79
N GLU A 31 -29.98 42.28 -17.75
CA GLU A 31 -30.58 40.98 -17.97
C GLU A 31 -30.92 40.74 -19.43
N SER A 32 -30.69 41.72 -20.31
CA SER A 32 -30.97 41.53 -21.73
C SER A 32 -30.11 40.44 -22.32
N MET A 33 -30.70 39.65 -23.20
CA MET A 33 -29.97 38.61 -23.92
C MET A 33 -29.61 39.02 -25.33
N GLN A 34 -29.83 40.29 -25.69
CA GLN A 34 -29.52 40.76 -27.02
C GLN A 34 -28.02 40.82 -27.24
N ILE A 35 -27.62 40.59 -28.49
CA ILE A 35 -26.23 40.61 -28.91
C ILE A 35 -26.05 41.73 -29.94
N GLY A 36 -25.11 42.63 -29.68
CA GLY A 36 -24.90 43.74 -30.57
C GLY A 36 -23.76 44.62 -30.08
N ASN A 37 -23.69 45.83 -30.62
CA ASN A 37 -22.63 46.78 -30.29
C ASN A 37 -23.23 48.18 -30.22
N PRO A 38 -24.08 48.44 -29.23
CA PRO A 38 -24.84 49.69 -29.21
C PRO A 38 -23.95 50.91 -28.96
N ASP A 39 -24.46 52.07 -29.36
CA ASP A 39 -23.71 53.31 -29.21
C ASP A 39 -23.33 53.52 -27.74
N GLY A 40 -22.06 53.82 -27.50
CA GLY A 40 -21.56 54.04 -26.17
C GLY A 40 -21.06 52.80 -25.46
N SER A 41 -21.18 51.61 -26.06
CA SER A 41 -20.81 50.39 -25.36
C SER A 41 -19.34 50.37 -24.98
N ILE A 42 -18.49 51.10 -25.68
CA ILE A 42 -17.08 51.14 -25.30
C ILE A 42 -16.88 51.77 -23.92
N HIS A 43 -17.92 52.42 -23.38
CA HIS A 43 -17.87 53.03 -22.06
C HIS A 43 -18.53 52.16 -21.00
N ALA A 44 -18.73 50.87 -21.28
CA ALA A 44 -19.49 50.01 -20.37
C ALA A 44 -18.88 49.94 -18.97
N GLU A 45 -17.55 50.10 -18.84
CA GLU A 45 -16.98 49.94 -17.50
C GLU A 45 -17.47 50.98 -16.51
N THR A 46 -18.04 52.08 -17.00
CA THR A 46 -18.63 53.09 -16.12
C THR A 46 -20.15 52.98 -16.03
N ALA A 47 -20.75 51.97 -16.66
CA ALA A 47 -22.21 51.94 -16.77
C ALA A 47 -22.92 51.66 -15.46
N TRP A 48 -22.26 51.06 -14.48
CA TRP A 48 -22.88 50.80 -13.18
C TRP A 48 -22.31 51.66 -12.07
N GLY A 49 -21.72 52.79 -12.40
CA GLY A 49 -21.30 53.76 -11.41
C GLY A 49 -19.85 53.72 -11.02
N ASN A 50 -19.07 52.77 -11.52
CA ASN A 50 -17.67 52.72 -11.15
C ASN A 50 -16.83 53.55 -12.12
N PRO A 51 -15.58 53.84 -11.77
CA PRO A 51 -14.75 54.67 -12.63
C PRO A 51 -14.06 53.88 -13.74
N VAL A 52 -13.46 54.63 -14.66
CA VAL A 52 -12.56 54.04 -15.64
C VAL A 52 -11.36 53.45 -14.91
N VAL A 53 -11.04 52.20 -15.22
CA VAL A 53 -9.92 51.53 -14.57
C VAL A 53 -8.60 52.11 -15.06
N THR A 54 -7.70 52.41 -14.13
CA THR A 54 -6.39 52.95 -14.45
C THR A 54 -5.29 51.99 -14.00
N LYS A 55 -4.10 52.20 -14.54
CA LYS A 55 -2.94 51.38 -14.16
C LYS A 55 -2.66 51.49 -12.67
N LYS A 56 -2.80 52.69 -12.10
CA LYS A 56 -2.49 52.88 -10.69
C LYS A 56 -3.43 52.09 -9.81
N MET A 57 -4.68 51.92 -10.26
CA MET A 57 -5.63 51.04 -9.59
C MET A 57 -5.10 49.61 -9.53
N ILE A 58 -4.64 49.09 -10.66
CA ILE A 58 -4.07 47.75 -10.71
C ILE A 58 -2.85 47.65 -9.81
N GLN A 59 -1.98 48.66 -9.86
CA GLN A 59 -0.77 48.62 -9.06
C GLN A 59 -1.07 48.64 -7.56
N ALA A 60 -2.14 49.33 -7.15
CA ALA A 60 -2.47 49.35 -5.73
C ALA A 60 -2.93 47.98 -5.24
N VAL A 61 -3.65 47.23 -6.08
CA VAL A 61 -4.08 45.88 -5.70
C VAL A 61 -2.85 44.99 -5.50
N LYS A 62 -1.89 45.07 -6.42
CA LYS A 62 -0.62 44.34 -6.26
C LYS A 62 0.07 44.72 -4.97
N LYS A 63 0.14 46.01 -4.67
CA LYS A 63 0.91 46.44 -3.51
C LYS A 63 0.25 46.02 -2.20
N ALA A 64 -1.08 45.81 -2.21
CA ALA A 64 -1.77 45.29 -1.04
C ALA A 64 -1.40 43.84 -0.72
N GLY A 65 -0.90 43.10 -1.71
CA GLY A 65 -0.43 41.75 -1.45
C GLY A 65 -1.05 40.71 -2.37
N PHE A 66 -2.06 41.12 -3.11
CA PHE A 66 -2.65 40.21 -4.09
C PHE A 66 -1.65 39.88 -5.18
N ASN A 67 -1.71 38.64 -5.68
CA ASN A 67 -0.81 38.23 -6.75
C ASN A 67 -1.55 37.75 -7.99
N ALA A 68 -2.86 38.01 -8.07
CA ALA A 68 -3.64 37.68 -9.25
C ALA A 68 -4.89 38.56 -9.25
N ILE A 69 -5.40 38.81 -10.44
CA ILE A 69 -6.67 39.54 -10.59
C ILE A 69 -7.57 38.74 -11.53
N ARG A 70 -8.83 38.58 -11.13
CA ARG A 70 -9.85 38.04 -12.00
C ARG A 70 -10.61 39.22 -12.58
N ILE A 71 -10.73 39.23 -13.91
CA ILE A 71 -11.41 40.30 -14.64
C ILE A 71 -12.70 39.79 -15.26
N PRO A 72 -13.84 40.01 -14.61
CA PRO A 72 -15.14 39.76 -15.26
C PRO A 72 -15.30 40.58 -16.53
N ILE A 73 -15.69 39.94 -17.62
CA ILE A 73 -15.90 40.64 -18.89
C ILE A 73 -17.20 40.16 -19.51
N ARG A 74 -18.10 41.10 -19.80
CA ARG A 74 -19.28 40.84 -20.61
C ARG A 74 -18.93 41.12 -22.06
N TRP A 75 -19.38 40.25 -22.97
CA TRP A 75 -19.05 40.41 -24.38
C TRP A 75 -20.25 40.73 -25.26
N GLN A 76 -21.47 40.44 -24.80
CA GLN A 76 -22.62 40.42 -25.68
C GLN A 76 -22.94 41.79 -26.26
N CYS A 77 -22.61 42.86 -25.55
CA CYS A 77 -22.85 44.21 -26.05
C CYS A 77 -21.61 44.81 -26.72
N HIS A 78 -20.65 43.96 -27.12
CA HIS A 78 -19.46 44.40 -27.83
C HIS A 78 -19.26 43.57 -29.09
N ILE A 79 -20.34 43.10 -29.70
CA ILE A 79 -20.27 42.17 -30.82
C ILE A 79 -20.63 42.91 -32.10
N THR A 80 -19.72 42.89 -33.07
CA THR A 80 -19.93 43.53 -34.36
C THR A 80 -20.67 42.66 -35.36
N ASN A 81 -20.70 41.34 -35.16
CA ASN A 81 -21.49 40.50 -36.04
C ASN A 81 -21.96 39.32 -35.20
N ALA A 82 -23.27 39.29 -34.91
CA ALA A 82 -23.83 38.29 -34.01
C ALA A 82 -23.69 36.89 -34.59
N GLN A 83 -23.72 36.78 -35.92
CA GLN A 83 -23.63 35.47 -36.55
C GLN A 83 -22.24 34.88 -36.38
N ALA A 84 -21.20 35.71 -36.50
CA ALA A 84 -19.81 35.28 -36.36
C ALA A 84 -19.28 35.48 -34.95
N MET A 85 -20.04 36.15 -34.09
CA MET A 85 -19.59 36.61 -32.78
C MET A 85 -18.23 37.30 -32.86
N SER A 86 -18.05 38.13 -33.89
N SER A 86 -18.07 38.15 -33.88
CA SER A 86 -16.87 38.98 -33.96
CA SER A 86 -16.91 39.01 -33.97
C SER A 86 -16.97 40.10 -32.93
C SER A 86 -16.98 40.10 -32.91
N ILE A 87 -15.83 40.43 -32.32
CA ILE A 87 -15.77 41.36 -31.20
C ILE A 87 -15.27 42.72 -31.67
N ASP A 88 -15.87 43.79 -31.15
CA ASP A 88 -15.39 45.14 -31.38
C ASP A 88 -13.90 45.26 -31.08
N LYS A 89 -13.15 45.80 -32.06
CA LYS A 89 -11.71 45.89 -31.90
C LYS A 89 -11.32 46.82 -30.77
N ALA A 90 -12.09 47.89 -30.57
CA ALA A 90 -11.79 48.81 -29.48
C ALA A 90 -11.98 48.14 -28.13
N TRP A 91 -12.98 47.27 -28.00
CA TRP A 91 -13.18 46.55 -26.75
C TRP A 91 -12.03 45.59 -26.47
N ILE A 92 -11.62 44.81 -27.49
CA ILE A 92 -10.45 43.94 -27.34
C ILE A 92 -9.25 44.76 -26.89
N ALA A 93 -9.02 45.90 -27.54
CA ALA A 93 -7.87 46.73 -27.19
C ALA A 93 -7.94 47.19 -25.75
N ARG A 94 -9.11 47.61 -25.29
CA ARG A 94 -9.26 48.06 -23.91
C ARG A 94 -8.95 46.93 -22.93
N ILE A 95 -9.48 45.72 -23.19
CA ILE A 95 -9.20 44.57 -22.33
C ILE A 95 -7.71 44.25 -22.33
N LYS A 96 -7.09 44.25 -23.51
CA LYS A 96 -5.66 43.95 -23.58
C LYS A 96 -4.85 44.99 -22.83
N GLU A 97 -5.29 46.25 -22.85
CA GLU A 97 -4.61 47.29 -22.08
C GLU A 97 -4.61 46.95 -20.60
N VAL A 98 -5.76 46.54 -20.08
CA VAL A 98 -5.86 46.24 -18.66
C VAL A 98 -5.13 44.94 -18.32
N VAL A 99 -5.28 43.91 -19.16
CA VAL A 99 -4.55 42.67 -18.96
C VAL A 99 -3.05 42.93 -18.94
N GLY A 100 -2.57 43.79 -19.85
CA GLY A 100 -1.15 44.14 -19.88
C GLY A 100 -0.70 44.86 -18.63
N TRP A 101 -1.53 45.78 -18.11
CA TRP A 101 -1.21 46.41 -16.83
C TRP A 101 -1.01 45.37 -15.74
N CYS A 102 -1.87 44.37 -15.70
CA CYS A 102 -1.75 43.34 -14.66
C CYS A 102 -0.47 42.56 -14.83
N LEU A 103 -0.25 42.02 -16.04
CA LEU A 103 0.91 41.19 -16.29
C LEU A 103 2.20 41.96 -16.10
N ASP A 104 2.24 43.22 -16.54
CA ASP A 104 3.44 44.03 -16.39
C ASP A 104 3.74 44.38 -14.94
N ASN A 105 2.77 44.23 -14.04
CA ASN A 105 2.96 44.54 -12.64
C ASN A 105 2.90 43.30 -11.75
N GLY A 106 3.28 42.16 -12.32
CA GLY A 106 3.51 40.96 -11.51
C GLY A 106 2.24 40.29 -11.01
N LEU A 107 1.20 40.28 -11.82
CA LEU A 107 -0.07 39.66 -11.45
C LEU A 107 -0.43 38.58 -12.46
N LYS A 108 -0.84 37.41 -11.96
CA LYS A 108 -1.59 36.48 -12.78
C LYS A 108 -2.96 37.08 -13.09
N VAL A 109 -3.61 36.59 -14.15
CA VAL A 109 -4.87 37.13 -14.66
C VAL A 109 -5.80 35.99 -15.05
N ILE A 110 -7.08 36.13 -14.70
CA ILE A 110 -8.16 35.34 -15.31
C ILE A 110 -9.05 36.30 -16.09
N ILE A 111 -9.28 36.00 -17.37
CA ILE A 111 -10.38 36.63 -18.10
C ILE A 111 -11.47 35.59 -18.35
N ASN A 112 -12.70 36.06 -18.44
CA ASN A 112 -13.82 35.12 -18.55
C ASN A 112 -14.90 35.68 -19.44
N VAL A 113 -16.03 34.99 -19.45
CA VAL A 113 -17.27 35.41 -20.10
C VAL A 113 -18.30 35.50 -18.99
N HIS A 114 -18.79 36.71 -18.70
CA HIS A 114 -19.43 37.06 -17.43
C HIS A 114 -20.68 37.90 -17.71
N HIS A 115 -21.80 37.55 -17.06
CA HIS A 115 -23.10 38.18 -17.32
C HIS A 115 -23.47 38.10 -18.80
N GLU A 116 -23.06 37.02 -19.46
CA GLU A 116 -23.32 36.83 -20.88
C GLU A 116 -24.69 36.16 -20.97
N LYS A 117 -25.75 36.99 -21.00
CA LYS A 117 -27.05 36.45 -20.59
C LYS A 117 -27.70 35.54 -21.63
N TRP A 118 -27.43 35.71 -22.92
CA TRP A 118 -27.97 34.76 -23.89
C TRP A 118 -27.50 33.34 -23.59
N LEU A 119 -26.32 33.22 -23.01
CA LEU A 119 -25.73 31.95 -22.62
C LEU A 119 -26.18 31.52 -21.23
N GLU A 120 -26.05 32.41 -20.25
CA GLU A 120 -26.31 32.05 -18.86
C GLU A 120 -27.79 31.79 -18.60
N SER A 121 -28.67 32.55 -19.23
CA SER A 121 -30.09 32.49 -18.91
C SER A 121 -30.85 31.46 -19.71
N ARG A 122 -30.21 30.77 -20.66
CA ARG A 122 -30.91 29.83 -21.53
C ARG A 122 -30.25 28.44 -21.55
N PRO A 123 -30.00 27.83 -20.37
CA PRO A 123 -29.39 26.47 -20.39
C PRO A 123 -30.46 25.42 -20.58
N THR A 124 -31.03 25.38 -21.77
CA THR A 124 -32.11 24.45 -22.06
C THR A 124 -31.86 23.83 -23.43
N TYR A 125 -32.54 22.70 -23.68
CA TYR A 125 -32.40 22.03 -24.97
C TYR A 125 -32.83 22.91 -26.12
N GLN A 126 -33.80 23.80 -25.88
CA GLN A 126 -34.29 24.69 -26.93
C GLN A 126 -33.17 25.52 -27.54
N TYR A 127 -32.20 25.94 -26.71
CA TYR A 127 -31.15 26.86 -27.14
C TYR A 127 -29.77 26.22 -27.14
N LYS A 128 -29.67 24.92 -26.88
CA LYS A 128 -28.35 24.29 -26.69
C LYS A 128 -27.47 24.44 -27.93
N GLU A 129 -27.99 24.08 -29.11
CA GLU A 129 -27.17 24.14 -30.33
C GLU A 129 -26.77 25.56 -30.63
N GLU A 130 -27.73 26.49 -30.63
CA GLU A 130 -27.40 27.89 -30.90
C GLU A 130 -26.37 28.41 -29.91
N ASN A 131 -26.55 28.13 -28.62
CA ASN A 131 -25.65 28.66 -27.61
C ASN A 131 -24.26 28.04 -27.72
N CYS A 132 -24.18 26.75 -28.01
CA CYS A 132 -22.88 26.11 -28.17
C CYS A 132 -22.16 26.66 -29.40
N GLN A 133 -22.89 26.86 -30.50
CA GLN A 133 -22.30 27.50 -31.67
C GLN A 133 -21.77 28.89 -31.35
N LYS A 134 -22.58 29.72 -30.70
CA LYS A 134 -22.15 31.08 -30.39
C LYS A 134 -20.99 31.08 -29.39
N LEU A 135 -21.05 30.22 -28.37
CA LEU A 135 -19.94 30.15 -27.42
C LEU A 135 -18.66 29.69 -28.10
N ALA A 136 -18.77 28.71 -28.98
CA ALA A 136 -17.62 28.27 -29.77
C ALA A 136 -17.04 29.44 -30.57
N LEU A 137 -17.89 30.17 -31.28
CA LEU A 137 -17.41 31.30 -32.08
C LEU A 137 -16.82 32.39 -31.20
N LEU A 138 -17.47 32.68 -30.06
CA LEU A 138 -16.97 33.73 -29.19
C LEU A 138 -15.60 33.36 -28.64
N TRP A 139 -15.46 32.14 -28.13
CA TRP A 139 -14.17 31.77 -27.58
C TRP A 139 -13.10 31.61 -28.65
N MET A 140 -13.46 31.20 -29.87
N MET A 140 -13.47 31.19 -29.87
CA MET A 140 -12.46 31.21 -30.94
CA MET A 140 -12.52 31.21 -30.97
C MET A 140 -11.87 32.61 -31.10
C MET A 140 -11.88 32.59 -31.12
N ASN A 141 -12.71 33.64 -31.05
CA ASN A 141 -12.21 34.99 -31.21
C ASN A 141 -11.41 35.45 -30.00
N ILE A 142 -11.91 35.21 -28.77
CA ILE A 142 -11.16 35.60 -27.58
C ILE A 142 -9.82 34.86 -27.50
N ALA A 143 -9.86 33.53 -27.68
CA ALA A 143 -8.63 32.75 -27.55
C ALA A 143 -7.61 33.14 -28.61
N SER A 144 -8.07 33.44 -29.83
CA SER A 144 -7.14 33.88 -30.87
C SER A 144 -6.51 35.23 -30.52
N GLU A 145 -7.31 36.18 -30.02
CA GLU A 145 -6.77 37.48 -29.70
C GLU A 145 -5.76 37.41 -28.56
N PHE A 146 -5.95 36.49 -27.62
CA PHE A 146 -5.08 36.42 -26.45
C PHE A 146 -4.11 35.24 -26.52
N ALA A 147 -3.93 34.69 -27.72
CA ALA A 147 -3.15 33.46 -27.87
C ALA A 147 -1.68 33.64 -27.49
N ASN A 148 -1.11 34.82 -27.73
CA ASN A 148 0.33 35.01 -27.56
C ASN A 148 0.75 35.36 -26.13
N TYR A 149 -0.20 35.47 -25.20
CA TYR A 149 0.11 35.81 -23.82
C TYR A 149 0.64 34.58 -23.08
N ASP A 150 1.49 34.82 -22.09
CA ASP A 150 2.17 33.73 -21.41
C ASP A 150 1.23 33.04 -20.41
N SER A 151 1.74 32.00 -19.75
CA SER A 151 0.90 31.15 -18.90
C SER A 151 0.31 31.88 -17.70
N ARG A 152 0.79 33.08 -17.36
CA ARG A 152 0.18 33.83 -16.27
C ARG A 152 -1.26 34.22 -16.56
N LEU A 153 -1.67 34.21 -17.83
CA LEU A 153 -3.05 34.47 -18.21
C LEU A 153 -3.82 33.16 -18.35
N ALA A 154 -4.90 33.02 -17.59
CA ALA A 154 -5.79 31.87 -17.69
C ALA A 154 -7.14 32.32 -18.24
N PHE A 155 -7.86 31.37 -18.84
CA PHE A 155 -9.21 31.59 -19.37
C PHE A 155 -10.24 30.83 -18.53
N ALA A 156 -11.35 31.50 -18.16
CA ALA A 156 -12.49 30.85 -17.53
C ALA A 156 -13.67 30.95 -18.50
N GLY A 157 -14.27 29.82 -18.85
CA GLY A 157 -15.14 29.80 -20.02
C GLY A 157 -16.45 30.53 -19.83
N THR A 158 -17.01 30.49 -18.62
CA THR A 158 -18.33 31.04 -18.32
C THR A 158 -18.32 31.59 -16.90
N ASN A 159 -19.44 32.22 -16.51
CA ASN A 159 -19.57 32.60 -15.11
C ASN A 159 -20.70 31.79 -14.49
N GLU A 160 -21.82 32.43 -14.15
CA GLU A 160 -22.90 31.80 -13.39
C GLU A 160 -24.09 31.52 -14.31
N VAL A 161 -24.15 30.28 -14.80
CA VAL A 161 -25.23 29.81 -15.68
C VAL A 161 -26.40 29.36 -14.83
N HIS A 162 -27.59 29.93 -15.09
CA HIS A 162 -28.81 29.58 -14.37
C HIS A 162 -30.03 30.29 -14.95
N ILE A 163 -31.20 29.67 -14.82
CA ILE A 163 -32.45 30.34 -15.16
C ILE A 163 -32.60 31.59 -14.32
N ARG A 164 -33.00 32.69 -14.96
CA ARG A 164 -33.20 33.97 -14.27
C ARG A 164 -34.02 33.79 -13.00
N ASP A 165 -33.53 34.36 -11.91
CA ASP A 165 -34.14 34.38 -10.57
C ASP A 165 -34.22 33.01 -9.93
N ASN A 166 -33.57 31.99 -10.51
CA ASN A 166 -33.57 30.65 -9.93
C ASN A 166 -32.14 30.31 -9.54
N TRP A 167 -31.89 30.19 -8.24
CA TRP A 167 -30.56 29.92 -7.72
C TRP A 167 -30.42 28.50 -7.20
N GLY A 168 -31.41 27.65 -7.47
CA GLY A 168 -31.44 26.30 -6.94
C GLY A 168 -30.88 25.27 -7.90
N LYS A 169 -30.98 24.02 -7.47
CA LYS A 169 -30.32 22.91 -8.16
C LYS A 169 -30.80 22.80 -9.60
N PRO A 170 -29.90 22.58 -10.56
CA PRO A 170 -30.32 22.47 -11.97
C PRO A 170 -31.14 21.22 -12.23
N THR A 171 -31.98 21.31 -13.27
CA THR A 171 -32.58 20.10 -13.81
C THR A 171 -31.51 19.30 -14.56
N ALA A 172 -31.85 18.05 -14.88
CA ALA A 172 -30.93 17.24 -15.69
C ALA A 172 -30.67 17.92 -17.03
N GLU A 173 -31.70 18.57 -17.58
CA GLU A 173 -31.55 19.31 -18.83
C GLU A 173 -30.60 20.47 -18.66
N ASN A 174 -30.83 21.30 -17.62
CA ASN A 174 -29.94 22.43 -17.35
C ASN A 174 -28.51 21.97 -17.24
N LEU A 175 -28.30 20.90 -16.50
CA LEU A 175 -26.94 20.42 -16.24
C LEU A 175 -26.29 19.87 -17.49
N GLU A 176 -27.05 19.21 -18.37
CA GLU A 176 -26.47 18.71 -19.62
C GLU A 176 -26.01 19.86 -20.50
N VAL A 177 -26.83 20.90 -20.62
CA VAL A 177 -26.47 22.02 -21.48
C VAL A 177 -25.27 22.76 -20.91
N GLN A 178 -25.27 22.99 -19.59
CA GLN A 178 -24.17 23.72 -18.99
C GLN A 178 -22.87 22.92 -19.00
N ASN A 179 -22.94 21.60 -18.82
CA ASN A 179 -21.73 20.80 -19.01
C ASN A 179 -21.24 20.87 -20.46
N ALA A 180 -22.17 20.96 -21.42
CA ALA A 180 -21.78 21.09 -22.81
C ALA A 180 -21.03 22.40 -23.06
N TYR A 181 -21.46 23.48 -22.41
CA TYR A 181 -20.73 24.75 -22.49
C TYR A 181 -19.26 24.55 -22.17
N ASN A 182 -18.98 23.88 -21.04
CA ASN A 182 -17.61 23.67 -20.61
C ASN A 182 -16.81 22.88 -21.64
N GLN A 183 -17.40 21.85 -22.23
CA GLN A 183 -16.67 21.05 -23.21
C GLN A 183 -16.40 21.84 -24.49
N ILE A 184 -17.40 22.62 -24.95
CA ILE A 184 -17.22 23.44 -26.15
C ILE A 184 -16.08 24.44 -25.95
N PHE A 185 -16.04 25.06 -24.77
CA PHE A 185 -14.98 25.99 -24.43
C PHE A 185 -13.61 25.32 -24.55
N VAL A 186 -13.44 24.16 -23.93
CA VAL A 186 -12.15 23.48 -24.00
C VAL A 186 -11.81 23.12 -25.44
N ASP A 187 -12.79 22.59 -26.17
CA ASP A 187 -12.56 22.21 -27.57
C ASP A 187 -12.00 23.36 -28.41
N VAL A 188 -12.66 24.52 -28.38
N VAL A 188 -12.66 24.51 -28.40
CA VAL A 188 -12.30 25.58 -29.31
CA VAL A 188 -12.27 25.55 -29.34
C VAL A 188 -10.96 26.20 -28.91
C VAL A 188 -10.97 26.25 -28.91
N VAL A 189 -10.73 26.38 -27.60
CA VAL A 189 -9.47 26.99 -27.16
C VAL A 189 -8.29 26.10 -27.55
N ARG A 190 -8.40 24.80 -27.31
CA ARG A 190 -7.29 23.92 -27.66
C ARG A 190 -7.09 23.86 -29.17
N ALA A 191 -8.15 24.06 -29.96
CA ALA A 191 -8.03 24.04 -31.41
C ALA A 191 -7.26 25.23 -31.96
N THR A 192 -7.19 26.34 -31.23
CA THR A 192 -6.39 27.45 -31.71
C THR A 192 -4.89 27.16 -31.60
N GLY A 193 -4.51 26.11 -30.90
CA GLY A 193 -3.14 25.65 -30.82
C GLY A 193 -2.21 26.68 -30.18
N GLY A 194 -0.91 26.50 -30.47
CA GLY A 194 0.08 27.43 -29.97
C GLY A 194 0.12 27.44 -28.46
N ASN A 195 0.22 28.64 -27.88
CA ASN A 195 0.25 28.78 -26.43
C ASN A 195 -1.04 28.31 -25.77
N ASN A 196 -2.14 28.27 -26.52
CA ASN A 196 -3.41 27.86 -25.94
C ASN A 196 -3.53 26.36 -25.74
N ALA A 197 -2.58 25.57 -26.26
CA ALA A 197 -2.66 24.12 -26.11
C ALA A 197 -2.51 23.71 -24.65
N LYS A 198 -1.74 24.44 -23.85
CA LYS A 198 -1.55 24.08 -22.46
C LYS A 198 -1.90 25.23 -21.51
N ARG A 199 -2.62 26.23 -21.99
CA ARG A 199 -3.07 27.28 -21.10
C ARG A 199 -4.00 26.72 -20.03
N HIS A 200 -3.91 27.32 -18.85
CA HIS A 200 -4.83 26.97 -17.77
C HIS A 200 -6.26 27.36 -18.15
N LEU A 201 -7.13 26.36 -18.27
CA LEU A 201 -8.55 26.60 -18.53
C LEU A 201 -9.36 26.28 -17.29
N ILE A 202 -10.36 27.12 -17.01
CA ILE A 202 -11.10 27.11 -15.76
C ILE A 202 -12.56 26.89 -16.10
N LEU A 203 -13.16 25.85 -15.54
CA LEU A 203 -14.51 25.39 -15.88
C LEU A 203 -15.42 25.51 -14.67
N GLN A 204 -16.68 25.91 -14.90
CA GLN A 204 -17.57 26.27 -13.80
C GLN A 204 -18.53 25.14 -13.46
N THR A 205 -18.83 24.99 -12.17
CA THR A 205 -20.01 24.21 -11.80
C THR A 205 -21.28 25.01 -12.11
N TYR A 206 -22.43 24.32 -12.07
CA TYR A 206 -23.68 24.99 -12.37
C TYR A 206 -23.91 26.13 -11.38
N VAL A 207 -24.26 27.32 -11.92
CA VAL A 207 -24.37 28.61 -11.24
C VAL A 207 -23.24 28.83 -10.22
N CYS A 208 -22.08 28.22 -10.50
CA CYS A 208 -20.88 28.28 -9.65
C CYS A 208 -21.17 27.91 -8.21
N ASN A 209 -22.20 27.10 -8.02
CA ASN A 209 -22.44 26.54 -6.71
C ASN A 209 -21.76 25.18 -6.67
N PRO A 210 -20.77 24.97 -5.80
CA PRO A 210 -20.04 23.68 -5.83
C PRO A 210 -20.93 22.50 -5.53
N TRP A 211 -21.98 22.68 -4.72
CA TRP A 211 -22.86 21.56 -4.41
C TRP A 211 -23.66 21.07 -5.60
N PHE A 212 -23.72 21.84 -6.67
CA PHE A 212 -24.43 21.38 -7.86
C PHE A 212 -23.52 20.66 -8.82
N GLY A 213 -22.24 20.50 -8.46
CA GLY A 213 -21.30 19.76 -9.28
C GLY A 213 -20.60 18.61 -8.57
N ILE A 214 -20.50 18.69 -7.24
CA ILE A 214 -19.59 17.80 -6.52
C ILE A 214 -20.17 16.41 -6.27
N GLU A 215 -21.47 16.23 -6.47
CA GLU A 215 -22.10 14.93 -6.25
C GLU A 215 -22.38 14.23 -7.57
N ASN A 216 -22.26 12.89 -7.55
CA ASN A 216 -22.84 12.02 -8.57
C ASN A 216 -22.29 12.30 -9.97
N GLY A 217 -21.07 12.83 -10.07
CA GLY A 217 -20.55 13.25 -11.35
C GLY A 217 -21.37 14.33 -12.03
N ASP A 218 -22.11 15.14 -11.25
CA ASP A 218 -22.92 16.19 -11.86
C ASP A 218 -22.08 17.12 -12.72
N PHE A 219 -20.95 17.60 -12.17
CA PHE A 219 -19.96 18.28 -12.98
C PHE A 219 -19.20 17.25 -13.80
N ILE A 220 -19.28 17.35 -15.12
CA ILE A 220 -18.58 16.43 -16.01
C ILE A 220 -17.23 17.03 -16.36
N ILE A 221 -16.15 16.33 -16.01
CA ILE A 221 -14.83 16.82 -16.39
C ILE A 221 -14.70 16.74 -17.90
N PRO A 222 -14.40 17.83 -18.60
CA PRO A 222 -14.29 17.77 -20.05
C PRO A 222 -13.14 16.87 -20.49
N LYS A 223 -13.27 16.33 -21.70
CA LYS A 223 -12.13 15.73 -22.39
C LYS A 223 -11.25 16.83 -22.94
N ASP A 224 -10.00 16.89 -22.46
CA ASP A 224 -9.06 17.89 -22.93
C ASP A 224 -8.25 17.33 -24.11
N ALA A 225 -7.36 18.16 -24.64
CA ALA A 225 -6.55 17.76 -25.79
C ALA A 225 -5.69 16.55 -25.44
N GLU A 226 -5.34 15.78 -26.47
CA GLU A 226 -4.61 14.53 -26.27
C GLU A 226 -3.33 14.74 -25.46
N GLY A 227 -3.22 13.98 -24.38
CA GLY A 227 -2.08 14.05 -23.50
C GLY A 227 -2.26 14.94 -22.28
N ASN A 228 -3.17 15.93 -22.33
CA ASN A 228 -3.30 16.85 -21.20
C ASN A 228 -3.90 16.20 -19.96
N GLY A 229 -4.63 15.09 -20.10
CA GLY A 229 -5.29 14.54 -18.93
C GLY A 229 -6.21 15.58 -18.32
N ASN A 230 -6.23 15.63 -16.99
CA ASN A 230 -6.96 16.68 -16.27
C ASN A 230 -6.05 17.80 -15.79
N ASN A 231 -4.76 17.75 -16.14
CA ASN A 231 -3.74 18.57 -15.46
C ASN A 231 -3.81 20.05 -15.80
N TYR A 232 -4.41 20.41 -16.94
CA TYR A 232 -4.44 21.80 -17.36
C TYR A 232 -5.84 22.41 -17.25
N MET A 233 -6.68 21.86 -16.37
CA MET A 233 -8.03 22.40 -16.14
C MET A 233 -8.26 22.55 -14.65
N SER A 234 -9.02 23.60 -14.28
CA SER A 234 -9.51 23.73 -12.91
C SER A 234 -11.04 23.69 -12.90
N VAL A 235 -11.61 23.25 -11.79
CA VAL A 235 -13.02 23.46 -11.48
C VAL A 235 -13.12 24.76 -10.70
N GLU A 236 -14.02 25.63 -11.13
CA GLU A 236 -14.30 26.89 -10.46
C GLU A 236 -15.66 26.83 -9.76
N PHE A 237 -15.70 27.34 -8.55
CA PHE A 237 -16.98 27.65 -7.93
C PHE A 237 -16.83 28.96 -7.16
N HIS A 238 -17.97 29.52 -6.80
CA HIS A 238 -18.02 30.70 -5.95
C HIS A 238 -18.47 30.24 -4.57
N TYR A 239 -17.99 30.94 -3.54
CA TYR A 239 -18.10 30.42 -2.18
C TYR A 239 -18.40 31.54 -1.20
N TYR A 240 -19.57 32.16 -1.40
CA TYR A 240 -20.12 33.09 -0.43
C TYR A 240 -20.92 32.33 0.63
N GLN A 241 -20.20 31.52 1.39
CA GLN A 241 -20.85 30.52 2.23
C GLN A 241 -20.37 30.62 3.66
N PRO A 242 -21.28 30.48 4.63
CA PRO A 242 -22.73 30.31 4.46
C PRO A 242 -23.35 31.61 4.02
N TRP A 243 -24.30 31.54 3.08
CA TRP A 243 -24.89 32.75 2.52
C TRP A 243 -25.57 33.59 3.58
N SER A 244 -26.10 32.96 4.64
CA SER A 244 -26.78 33.68 5.70
C SER A 244 -25.84 34.59 6.46
N TYR A 245 -24.53 34.38 6.35
CA TYR A 245 -23.53 35.29 6.91
C TYR A 245 -22.91 36.18 5.85
N ALA A 246 -22.47 35.59 4.73
CA ALA A 246 -21.65 36.30 3.78
C ALA A 246 -22.46 37.14 2.81
N GLY A 247 -23.75 36.82 2.66
CA GLY A 247 -24.54 37.44 1.61
C GLY A 247 -25.75 38.20 2.09
N ASP A 248 -26.61 37.57 2.89
CA ASP A 248 -27.91 38.19 3.13
C ASP A 248 -28.05 38.79 4.53
N CYS A 249 -26.98 38.81 5.32
CA CYS A 249 -26.90 39.55 6.58
C CYS A 249 -27.83 39.01 7.66
N THR A 250 -28.29 37.76 7.54
CA THR A 250 -29.05 37.15 8.62
C THR A 250 -28.25 37.10 9.91
N TYR A 251 -26.96 36.75 9.80
CA TYR A 251 -26.07 36.66 10.95
C TYR A 251 -24.98 37.71 10.86
N ASP A 252 -24.65 38.31 12.00
CA ASP A 252 -23.50 39.21 12.10
C ASP A 252 -22.21 38.49 12.48
N TYR A 253 -22.28 37.23 12.90
CA TYR A 253 -21.12 36.52 13.40
C TYR A 253 -21.06 35.14 12.75
N TRP A 254 -19.88 34.54 12.77
CA TRP A 254 -19.65 33.25 12.14
C TRP A 254 -18.64 32.46 12.93
N GLY A 255 -18.94 31.19 13.15
CA GLY A 255 -17.89 30.28 13.60
C GLY A 255 -18.03 29.98 15.09
N ASP A 256 -17.65 28.76 15.46
CA ASP A 256 -17.65 28.39 16.88
C ASP A 256 -16.80 29.35 17.70
N ALA A 257 -15.78 29.95 17.08
CA ALA A 257 -14.92 30.89 17.79
C ALA A 257 -15.68 32.11 18.29
N TYR A 258 -16.80 32.45 17.64
CA TYR A 258 -17.55 33.65 17.99
C TYR A 258 -18.95 33.32 18.50
N LYS A 259 -19.19 32.08 18.91
CA LYS A 259 -20.52 31.68 19.35
C LYS A 259 -21.01 32.47 20.56
N ASP A 260 -20.11 33.04 21.36
CA ASP A 260 -20.51 33.86 22.50
C ASP A 260 -20.72 35.33 22.15
N ALA A 261 -20.33 35.76 20.94
CA ALA A 261 -20.45 37.14 20.53
C ALA A 261 -21.82 37.48 19.94
N GLY A 262 -22.53 36.48 19.44
CA GLY A 262 -23.82 36.68 18.82
C GLY A 262 -24.24 35.39 18.16
N LYS A 263 -25.42 35.43 17.54
CA LYS A 263 -25.92 34.24 16.86
C LYS A 263 -25.08 33.93 15.64
N ILE A 264 -24.77 32.65 15.45
CA ILE A 264 -23.96 32.18 14.33
C ILE A 264 -24.73 31.14 13.52
N PRO A 265 -24.45 30.97 12.24
CA PRO A 265 -25.10 29.89 11.48
C PRO A 265 -24.60 28.52 11.93
N ALA A 266 -25.41 27.51 11.61
CA ALA A 266 -25.01 26.13 11.84
C ALA A 266 -23.73 25.79 11.09
N ASP A 267 -23.58 26.30 9.86
CA ASP A 267 -22.35 26.14 9.10
C ASP A 267 -21.19 26.86 9.79
N ASN A 268 -20.15 26.12 10.16
CA ASN A 268 -19.08 26.68 10.97
C ASN A 268 -17.74 26.29 10.35
N GLU A 269 -16.67 26.37 11.16
CA GLU A 269 -15.33 26.09 10.65
C GLU A 269 -15.21 24.67 10.10
N LYS A 270 -15.80 23.70 10.82
CA LYS A 270 -15.73 22.31 10.38
C LYS A 270 -16.54 22.07 9.10
N THR A 271 -17.73 22.68 9.01
CA THR A 271 -18.49 22.58 7.77
C THR A 271 -17.64 23.00 6.58
N MET A 272 -16.88 24.07 6.74
CA MET A 272 -16.12 24.58 5.61
C MET A 272 -14.94 23.68 5.29
N THR A 273 -14.20 23.22 6.32
CA THR A 273 -13.07 22.33 6.02
C THR A 273 -13.54 20.95 5.54
N ASP A 274 -14.67 20.45 6.05
CA ASP A 274 -15.22 19.22 5.48
C ASP A 274 -15.54 19.40 4.01
N PHE A 275 -16.12 20.54 3.63
CA PHE A 275 -16.40 20.75 2.22
C PHE A 275 -15.11 20.83 1.41
N PHE A 276 -14.13 21.62 1.87
CA PHE A 276 -12.87 21.73 1.16
C PHE A 276 -12.20 20.36 0.98
N ASP A 277 -12.30 19.51 2.01
CA ASP A 277 -11.75 18.16 1.88
C ASP A 277 -12.50 17.37 0.80
N LYS A 278 -13.81 17.56 0.72
CA LYS A 278 -14.60 16.88 -0.29
C LYS A 278 -14.19 17.30 -1.69
N ALA A 279 -13.90 18.59 -1.86
CA ALA A 279 -13.42 19.06 -3.16
C ALA A 279 -12.06 18.47 -3.50
N VAL A 280 -11.17 18.34 -2.50
CA VAL A 280 -9.89 17.68 -2.74
C VAL A 280 -10.11 16.24 -3.19
N ASN A 281 -10.97 15.52 -2.49
CA ASN A 281 -11.13 14.09 -2.78
C ASN A 281 -11.80 13.86 -4.13
N THR A 282 -12.71 14.76 -4.51
CA THR A 282 -13.53 14.62 -5.71
C THR A 282 -12.84 15.14 -6.96
N TRP A 283 -12.13 16.26 -6.83
CA TRP A 283 -11.58 16.95 -7.99
C TRP A 283 -10.06 17.03 -7.97
N SER A 284 -9.47 17.54 -6.88
CA SER A 284 -8.01 17.69 -6.85
C SER A 284 -7.32 16.35 -7.04
N ASN A 285 -7.85 15.29 -6.44
CA ASN A 285 -7.20 13.99 -6.52
C ASN A 285 -7.32 13.36 -7.90
N LYS A 286 -8.12 13.94 -8.79
CA LYS A 286 -8.15 13.55 -10.19
C LYS A 286 -7.25 14.41 -11.05
N GLY A 287 -6.42 15.26 -10.44
CA GLY A 287 -5.44 16.06 -11.15
C GLY A 287 -5.89 17.46 -11.48
N LEU A 288 -7.13 17.82 -11.16
CA LEU A 288 -7.67 19.13 -11.47
C LEU A 288 -7.20 20.21 -10.50
N GLY A 289 -7.09 21.43 -11.00
CA GLY A 289 -7.00 22.58 -10.12
C GLY A 289 -8.36 22.96 -9.54
N ILE A 290 -8.33 23.79 -8.50
CA ILE A 290 -9.55 24.32 -7.86
C ILE A 290 -9.40 25.82 -7.75
N VAL A 291 -10.36 26.55 -8.30
CA VAL A 291 -10.38 28.02 -8.27
C VAL A 291 -11.62 28.45 -7.50
N ILE A 292 -11.43 29.07 -6.33
CA ILE A 292 -12.55 29.79 -5.74
C ILE A 292 -12.57 31.16 -6.39
N GLY A 293 -13.39 31.27 -7.44
CA GLY A 293 -13.38 32.45 -8.30
C GLY A 293 -13.98 33.69 -7.67
N GLU A 294 -14.91 33.52 -6.71
CA GLU A 294 -15.48 34.62 -5.95
C GLU A 294 -15.76 34.15 -4.52
N TRP A 295 -15.45 35.00 -3.57
CA TRP A 295 -15.87 34.81 -2.19
C TRP A 295 -15.88 36.19 -1.56
N GLY A 296 -16.47 36.28 -0.38
CA GLY A 296 -16.44 37.54 0.35
C GLY A 296 -17.57 37.64 1.33
N VAL A 297 -17.45 38.61 2.22
CA VAL A 297 -18.48 38.88 3.23
C VAL A 297 -18.88 40.34 3.09
N THR A 298 -20.16 40.57 2.81
CA THR A 298 -20.63 41.94 2.69
C THR A 298 -20.48 42.66 4.03
N ASP A 299 -20.17 43.95 3.96
CA ASP A 299 -20.04 44.71 5.19
C ASP A 299 -21.43 44.90 5.80
N HIS A 300 -21.64 44.36 7.00
CA HIS A 300 -22.94 44.48 7.62
C HIS A 300 -22.79 44.32 9.13
N TYR A 301 -23.60 45.08 9.88
CA TYR A 301 -23.62 44.91 11.32
C TYR A 301 -24.83 45.65 11.87
N LYS A 302 -25.54 45.01 12.79
CA LYS A 302 -26.59 45.70 13.55
C LYS A 302 -26.03 46.52 14.70
N SER A 303 -24.85 46.17 15.21
CA SER A 303 -24.19 46.91 16.27
C SER A 303 -22.76 46.39 16.35
N ASN A 304 -21.96 47.06 17.18
CA ASN A 304 -20.62 46.63 17.52
C ASN A 304 -19.81 46.28 16.26
N SER A 305 -19.57 47.30 15.44
CA SER A 305 -18.80 47.08 14.22
C SER A 305 -17.41 46.56 14.53
N GLU A 306 -16.82 46.92 15.67
N GLU A 306 -16.84 46.92 15.68
CA GLU A 306 -15.48 46.42 15.96
CA GLU A 306 -15.51 46.45 16.03
C GLU A 306 -15.48 44.90 16.05
C GLU A 306 -15.47 44.92 16.09
N LYS A 307 -16.38 44.32 16.86
CA LYS A 307 -16.37 42.87 17.02
C LYS A 307 -16.84 42.17 15.75
N VAL A 308 -17.82 42.73 15.06
CA VAL A 308 -18.26 42.15 13.78
C VAL A 308 -17.10 42.14 12.79
N HIS A 309 -16.38 43.26 12.68
CA HIS A 309 -15.27 43.33 11.75
C HIS A 309 -14.11 42.42 12.16
N GLU A 310 -13.88 42.25 13.48
CA GLU A 310 -12.89 41.27 13.92
C GLU A 310 -13.25 39.85 13.48
N ASN A 311 -14.54 39.52 13.57
CA ASN A 311 -15.01 38.21 13.13
C ASN A 311 -14.87 38.06 11.62
N MET A 312 -15.08 39.14 10.85
CA MET A 312 -14.88 39.04 9.41
C MET A 312 -13.40 38.78 9.10
N THR A 313 -12.49 39.46 9.84
CA THR A 313 -11.07 39.15 9.70
C THR A 313 -10.81 37.67 9.92
N TYR A 314 -11.40 37.10 10.97
CA TYR A 314 -11.24 35.68 11.24
C TYR A 314 -11.75 34.83 10.09
N TYR A 315 -12.96 35.14 9.60
CA TYR A 315 -13.55 34.40 8.48
C TYR A 315 -12.66 34.49 7.25
N CYS A 316 -12.16 35.69 6.92
CA CYS A 316 -11.32 35.82 5.74
C CYS A 316 -10.02 35.03 5.89
N LYS A 317 -9.38 35.11 7.06
CA LYS A 317 -8.16 34.35 7.27
C LYS A 317 -8.42 32.85 7.21
N PHE A 318 -9.53 32.39 7.79
CA PHE A 318 -9.82 30.96 7.81
C PHE A 318 -10.08 30.44 6.39
N LEU A 319 -10.97 31.12 5.65
CA LEU A 319 -11.32 30.66 4.32
C LEU A 319 -10.09 30.66 3.41
N THR A 320 -9.35 31.78 3.38
CA THR A 320 -8.24 31.85 2.44
C THR A 320 -7.11 30.92 2.84
N THR A 321 -6.87 30.72 4.15
CA THR A 321 -5.75 29.87 4.53
C THR A 321 -6.08 28.40 4.33
N GLU A 322 -7.30 27.98 4.68
CA GLU A 322 -7.67 26.58 4.53
C GLU A 322 -7.77 26.20 3.06
N ALA A 323 -8.22 27.13 2.21
CA ALA A 323 -8.21 26.90 0.78
C ALA A 323 -6.79 26.84 0.23
N ARG A 324 -5.93 27.78 0.64
CA ARG A 324 -4.57 27.82 0.11
C ARG A 324 -3.77 26.57 0.49
N LYS A 325 -3.95 26.09 1.71
CA LYS A 325 -3.17 24.94 2.13
C LYS A 325 -3.60 23.64 1.43
N ARG A 326 -4.80 23.63 0.84
CA ARG A 326 -5.23 22.51 0.00
C ARG A 326 -4.88 22.72 -1.47
N GLY A 327 -4.17 23.80 -1.79
CA GLY A 327 -3.73 24.07 -3.14
C GLY A 327 -4.69 24.84 -4.01
N PHE A 328 -5.77 25.37 -3.45
CA PHE A 328 -6.73 26.15 -4.22
C PHE A 328 -6.19 27.57 -4.45
N SER A 329 -6.65 28.20 -5.54
CA SER A 329 -6.53 29.64 -5.62
C SER A 329 -7.83 30.26 -5.11
N THR A 330 -7.74 31.48 -4.59
CA THR A 330 -8.92 32.24 -4.18
C THR A 330 -8.92 33.65 -4.76
N PHE A 331 -10.12 34.16 -5.06
CA PHE A 331 -10.27 35.52 -5.57
C PHE A 331 -11.41 36.19 -4.83
N VAL A 332 -11.09 37.21 -4.02
CA VAL A 332 -12.13 37.88 -3.27
C VAL A 332 -12.93 38.80 -4.19
N TRP A 333 -14.24 38.90 -3.93
CA TRP A 333 -15.09 39.81 -4.69
C TRP A 333 -14.99 41.23 -4.16
N ASP A 334 -14.89 42.19 -5.07
CA ASP A 334 -14.81 43.61 -4.74
C ASP A 334 -15.60 44.37 -5.79
N ASN A 335 -16.66 45.06 -5.39
CA ASN A 335 -17.46 45.84 -6.35
C ASN A 335 -17.39 47.34 -6.09
N ASN A 336 -16.44 47.79 -5.26
CA ASN A 336 -16.28 49.22 -4.98
C ASN A 336 -17.54 49.83 -4.36
N HIS A 337 -18.34 49.02 -3.68
N HIS A 337 -18.35 49.01 -3.70
CA HIS A 337 -19.56 49.49 -3.03
CA HIS A 337 -19.56 49.46 -3.01
C HIS A 337 -19.39 49.38 -1.52
C HIS A 337 -19.33 49.39 -1.51
N PHE A 338 -19.53 50.51 -0.83
CA PHE A 338 -19.31 50.60 0.61
C PHE A 338 -20.60 50.96 1.34
N GLY A 339 -20.73 50.44 2.56
CA GLY A 339 -21.89 50.73 3.36
C GLY A 339 -22.14 49.61 4.36
N ASN A 340 -23.41 49.47 4.76
CA ASN A 340 -23.80 48.54 5.81
C ASN A 340 -25.09 47.87 5.33
N GLY A 341 -24.96 46.64 4.82
CA GLY A 341 -26.11 45.94 4.24
C GLY A 341 -25.64 44.98 3.15
N SER A 342 -26.49 44.77 2.15
CA SER A 342 -26.15 43.79 1.13
C SER A 342 -25.38 44.42 -0.03
N GLU A 343 -24.59 43.57 -0.68
CA GLU A 343 -23.76 43.92 -1.83
CA GLU A 343 -23.76 43.93 -1.84
C GLU A 343 -22.69 44.96 -1.50
N LYS A 344 -22.28 45.05 -0.23
CA LYS A 344 -21.22 45.99 0.17
C LYS A 344 -19.88 45.27 0.24
N TYR A 345 -19.33 45.00 -0.95
CA TYR A 345 -18.10 44.19 -1.09
C TYR A 345 -16.88 45.02 -1.42
N GLY A 346 -16.98 46.35 -1.34
CA GLY A 346 -15.83 47.18 -1.65
C GLY A 346 -14.72 46.98 -0.61
N ILE A 347 -13.48 46.94 -1.10
CA ILE A 347 -12.30 46.99 -0.24
C ILE A 347 -11.53 48.28 -0.43
N PHE A 348 -11.14 48.58 -1.67
CA PHE A 348 -10.41 49.79 -2.01
C PHE A 348 -11.38 50.82 -2.57
N ASP A 349 -11.21 52.08 -2.17
CA ASP A 349 -12.06 53.15 -2.73
C ASP A 349 -11.50 53.55 -4.09
N ARG A 350 -12.09 53.06 -5.17
CA ARG A 350 -11.54 53.35 -6.49
C ARG A 350 -11.68 54.83 -6.86
N PHE A 351 -12.53 55.58 -6.16
CA PHE A 351 -12.64 57.00 -6.40
C PHE A 351 -11.67 57.84 -5.60
N LYS A 352 -10.96 57.25 -4.64
CA LYS A 352 -10.09 58.01 -3.75
C LYS A 352 -8.75 57.31 -3.58
N SER A 353 -8.02 57.20 -4.69
CA SER A 353 -6.64 56.71 -4.66
C SER A 353 -6.52 55.34 -4.00
N MET A 354 -7.56 54.52 -4.17
CA MET A 354 -7.59 53.13 -3.71
C MET A 354 -7.41 53.04 -2.20
N LYS A 355 -7.86 54.06 -1.49
CA LYS A 355 -7.85 54.05 -0.04
C LYS A 355 -8.52 52.79 0.48
N VAL A 356 -7.93 52.18 1.49
CA VAL A 356 -8.48 50.95 2.04
C VAL A 356 -9.63 51.29 2.99
N ASN A 357 -10.86 51.03 2.56
CA ASN A 357 -12.04 51.30 3.38
C ASN A 357 -12.54 50.08 4.14
N ALA A 358 -12.05 48.88 3.81
CA ALA A 358 -12.38 47.66 4.55
C ALA A 358 -11.08 47.00 4.99
N PRO A 359 -10.35 47.62 5.90
CA PRO A 359 -9.06 47.05 6.32
C PRO A 359 -9.21 45.71 7.03
N TRP A 360 -10.36 45.45 7.66
CA TRP A 360 -10.58 44.17 8.30
C TRP A 360 -10.48 43.00 7.33
N ILE A 361 -10.83 43.22 6.05
CA ILE A 361 -10.70 42.16 5.04
C ILE A 361 -9.23 41.90 4.73
N LEU A 362 -8.48 42.96 4.44
CA LEU A 362 -7.08 42.81 4.08
C LEU A 362 -6.25 42.30 5.24
N GLU A 363 -6.62 42.67 6.47
CA GLU A 363 -5.93 42.12 7.63
C GLU A 363 -6.17 40.62 7.75
N GLY A 364 -7.35 40.14 7.36
CA GLY A 364 -7.60 38.70 7.40
C GLY A 364 -6.90 37.95 6.29
N ILE A 365 -6.86 38.52 5.09
CA ILE A 365 -6.20 37.83 3.98
C ILE A 365 -4.68 37.85 4.14
N PHE A 366 -4.12 39.00 4.51
CA PHE A 366 -2.68 39.15 4.49
C PHE A 366 -2.04 39.35 5.86
N GLY A 367 -2.82 39.56 6.91
CA GLY A 367 -2.25 39.76 8.22
C GLY A 367 -2.31 41.22 8.64
N LYS A 368 -2.17 41.44 9.93
CA LYS A 368 -2.16 42.80 10.47
C LYS A 368 -0.81 43.44 10.15
N SER B 1 8.65 20.08 -7.63
CA SER B 1 7.66 19.25 -6.93
C SER B 1 6.41 19.08 -7.78
N ASN B 2 6.10 17.82 -8.10
CA ASN B 2 5.11 17.48 -9.13
C ASN B 2 5.42 18.15 -10.46
N ALA B 3 6.70 18.20 -10.81
CA ALA B 3 7.06 18.62 -12.16
C ALA B 3 6.56 17.59 -13.16
N THR B 4 5.99 18.08 -14.26
CA THR B 4 5.67 17.19 -15.36
C THR B 4 6.96 16.72 -16.03
N ALA B 5 6.82 15.70 -16.86
CA ALA B 5 7.99 15.17 -17.57
C ALA B 5 8.67 16.25 -18.39
N GLN B 6 7.89 17.05 -19.12
CA GLN B 6 8.48 18.12 -19.92
C GLN B 6 9.16 19.16 -19.04
N GLN B 7 8.55 19.48 -17.91
CA GLN B 7 9.18 20.42 -16.98
C GLN B 7 10.47 19.84 -16.42
N TRP B 8 10.44 18.55 -16.06
CA TRP B 8 11.61 17.89 -15.51
C TRP B 8 12.76 17.88 -16.50
N ASN B 9 12.46 17.66 -17.77
CA ASN B 9 13.49 17.53 -18.80
C ASN B 9 14.09 18.87 -19.21
N LYS B 10 13.37 19.98 -19.01
CA LYS B 10 13.83 21.24 -19.59
C LYS B 10 15.23 21.61 -19.11
N ASP B 11 16.11 21.86 -20.07
CA ASP B 11 17.49 22.29 -19.82
C ASP B 11 18.31 21.28 -19.03
N VAL B 12 17.89 20.02 -18.99
CA VAL B 12 18.66 19.00 -18.30
C VAL B 12 19.78 18.50 -19.22
N VAL B 13 21.01 18.66 -18.78
CA VAL B 13 22.19 18.24 -19.52
C VAL B 13 22.94 17.31 -18.59
N GLY B 14 22.86 16.00 -18.84
CA GLY B 14 23.24 15.01 -17.88
C GLY B 14 24.38 14.11 -18.35
N TRP B 15 24.77 13.22 -17.45
CA TRP B 15 25.95 12.37 -17.63
C TRP B 15 25.61 10.99 -17.09
N ASN B 16 26.03 9.95 -17.83
CA ASN B 16 25.84 8.57 -17.40
C ASN B 16 27.00 8.06 -16.56
N LEU B 17 26.66 7.46 -15.41
CA LEU B 17 27.63 6.73 -14.60
C LEU B 17 27.86 5.34 -15.19
N GLY B 18 28.52 5.30 -16.34
CA GLY B 18 28.56 4.08 -17.13
C GLY B 18 29.57 3.05 -16.65
N ASN B 19 29.24 1.78 -16.89
CA ASN B 19 30.05 0.62 -16.51
C ASN B 19 30.38 0.64 -15.02
N GLU B 20 29.34 0.86 -14.21
CA GLU B 20 29.47 0.76 -12.76
C GLU B 20 28.39 -0.19 -12.23
N PHE B 21 27.21 0.34 -11.89
CA PHE B 21 26.21 -0.50 -11.22
C PHE B 21 25.44 -1.42 -12.17
N GLU B 22 25.68 -1.34 -13.47
CA GLU B 22 25.10 -2.28 -14.41
C GLU B 22 26.06 -3.39 -14.83
N CYS B 23 27.26 -3.43 -14.27
CA CYS B 23 28.19 -4.53 -14.58
C CYS B 23 27.62 -5.85 -14.06
N SER B 24 28.09 -6.97 -14.62
CA SER B 24 27.64 -8.22 -14.02
C SER B 24 28.41 -8.47 -12.72
N ALA B 25 27.98 -9.48 -11.98
CA ALA B 25 28.71 -9.86 -10.77
C ALA B 25 30.12 -10.31 -11.16
N PRO B 26 31.10 -10.14 -10.27
CA PRO B 26 32.49 -10.46 -10.60
C PRO B 26 32.63 -11.87 -11.17
N GLY B 27 33.32 -11.96 -12.31
CA GLY B 27 33.58 -13.24 -12.93
C GLY B 27 32.41 -13.88 -13.64
N GLN B 28 31.27 -13.19 -13.75
N GLN B 28 31.26 -13.21 -13.71
CA GLN B 28 30.06 -13.75 -14.33
CA GLN B 28 30.06 -13.75 -14.33
C GLN B 28 29.81 -13.17 -15.71
C GLN B 28 29.83 -13.18 -15.72
N ASP B 29 29.10 -13.95 -16.52
CA ASP B 29 28.74 -13.57 -17.89
C ASP B 29 27.70 -12.47 -17.90
N GLY B 30 28.03 -11.34 -18.51
CA GLY B 30 27.08 -10.25 -18.65
C GLY B 30 25.87 -10.59 -19.47
N GLU B 31 25.94 -11.62 -20.32
CA GLU B 31 24.78 -12.02 -21.10
C GLU B 31 23.94 -13.09 -20.43
N SER B 32 24.34 -13.54 -19.25
N SER B 32 24.33 -13.53 -19.23
CA SER B 32 23.56 -14.57 -18.58
CA SER B 32 23.56 -14.55 -18.53
C SER B 32 22.18 -14.02 -18.20
C SER B 32 22.18 -14.01 -18.17
N MET B 33 21.17 -14.88 -18.28
CA MET B 33 19.81 -14.55 -17.92
C MET B 33 19.47 -15.07 -16.53
N GLN B 34 20.44 -15.67 -15.83
N GLN B 34 20.45 -15.63 -15.83
CA GLN B 34 20.14 -16.21 -14.52
CA GLN B 34 20.19 -16.20 -14.52
C GLN B 34 19.90 -15.11 -13.51
C GLN B 34 19.90 -15.09 -13.50
N ILE B 35 19.05 -15.42 -12.54
CA ILE B 35 18.65 -14.49 -11.48
C ILE B 35 19.12 -15.08 -10.16
N GLY B 36 19.81 -14.27 -9.38
CA GLY B 36 20.30 -14.75 -8.10
C GLY B 36 21.19 -13.71 -7.45
N ASN B 37 21.95 -14.15 -6.47
CA ASN B 37 22.78 -13.25 -5.66
C ASN B 37 24.10 -13.97 -5.42
N PRO B 38 24.91 -14.11 -6.47
CA PRO B 38 26.13 -14.92 -6.35
C PRO B 38 27.16 -14.24 -5.45
N ASP B 39 28.06 -15.09 -4.93
CA ASP B 39 29.13 -14.63 -4.04
C ASP B 39 29.89 -13.50 -4.70
N GLY B 40 30.02 -12.38 -3.97
CA GLY B 40 30.76 -11.24 -4.44
C GLY B 40 29.95 -10.23 -5.25
N SER B 41 28.64 -10.44 -5.43
CA SER B 41 27.86 -9.55 -6.29
C SER B 41 27.83 -8.11 -5.76
N ILE B 42 27.97 -7.91 -4.45
CA ILE B 42 27.97 -6.56 -3.90
C ILE B 42 29.15 -5.73 -4.44
N HIS B 43 30.15 -6.39 -5.03
CA HIS B 43 31.30 -5.73 -5.63
C HIS B 43 31.15 -5.54 -7.13
N ALA B 44 29.93 -5.67 -7.66
CA ALA B 44 29.72 -5.62 -9.10
C ALA B 44 30.24 -4.34 -9.72
N GLU B 45 30.24 -3.22 -8.99
CA GLU B 45 30.60 -1.97 -9.67
C GLU B 45 32.05 -1.97 -10.14
N THR B 46 32.89 -2.87 -9.64
CA THR B 46 34.27 -3.01 -10.09
C THR B 46 34.48 -4.17 -11.04
N ALA B 47 33.41 -4.86 -11.45
CA ALA B 47 33.58 -6.11 -12.17
C ALA B 47 34.04 -5.93 -13.61
N TRP B 48 33.86 -4.75 -14.19
CA TRP B 48 34.32 -4.45 -15.54
C TRP B 48 35.48 -3.48 -15.56
N GLY B 49 36.22 -3.36 -14.44
CA GLY B 49 37.46 -2.61 -14.45
C GLY B 49 37.38 -1.20 -13.95
N ASN B 50 36.21 -0.71 -13.58
CA ASN B 50 36.08 0.65 -13.09
C ASN B 50 36.18 0.68 -11.57
N PRO B 51 36.39 1.86 -11.00
CA PRO B 51 36.57 1.95 -9.55
C PRO B 51 35.26 1.99 -8.79
N VAL B 52 35.38 1.81 -7.47
CA VAL B 52 34.27 2.11 -6.58
C VAL B 52 33.91 3.59 -6.69
N VAL B 53 32.64 3.86 -6.93
CA VAL B 53 32.18 5.24 -7.07
C VAL B 53 32.25 5.96 -5.73
N THR B 54 32.75 7.20 -5.74
CA THR B 54 32.87 7.99 -4.52
C THR B 54 32.08 9.29 -4.66
N LYS B 55 31.82 9.92 -3.50
CA LYS B 55 31.10 11.20 -3.51
C LYS B 55 31.86 12.24 -4.33
N LYS B 56 33.20 12.24 -4.25
CA LYS B 56 33.95 13.26 -4.97
C LYS B 56 33.80 13.09 -6.47
N MET B 57 33.66 11.86 -6.96
CA MET B 57 33.42 11.64 -8.38
C MET B 57 32.12 12.31 -8.81
N ILE B 58 31.07 12.12 -8.01
CA ILE B 58 29.78 12.73 -8.28
C ILE B 58 29.90 14.25 -8.26
N GLN B 59 30.63 14.79 -7.28
CA GLN B 59 30.78 16.24 -7.17
C GLN B 59 31.54 16.82 -8.36
N ALA B 60 32.51 16.09 -8.91
CA ALA B 60 33.23 16.60 -10.06
C ALA B 60 32.35 16.68 -11.29
N VAL B 61 31.40 15.74 -11.44
CA VAL B 61 30.49 15.79 -12.57
C VAL B 61 29.60 17.02 -12.47
N LYS B 62 29.12 17.31 -11.27
CA LYS B 62 28.37 18.54 -11.03
C LYS B 62 29.19 19.77 -11.36
N LYS B 63 30.45 19.79 -10.90
CA LYS B 63 31.26 20.99 -11.09
C LYS B 63 31.61 21.21 -12.56
N ALA B 64 31.60 20.15 -13.38
CA ALA B 64 31.83 20.33 -14.80
C ALA B 64 30.67 21.02 -15.52
N GLY B 65 29.49 21.04 -14.90
CA GLY B 65 28.34 21.73 -15.45
C GLY B 65 27.12 20.85 -15.62
N PHE B 66 27.27 19.54 -15.47
CA PHE B 66 26.11 18.67 -15.60
C PHE B 66 25.13 18.94 -14.47
N ASN B 67 23.84 18.78 -14.78
CA ASN B 67 22.84 18.99 -13.74
C ASN B 67 21.95 17.77 -13.54
N ALA B 68 22.39 16.61 -14.05
CA ALA B 68 21.67 15.36 -13.81
C ALA B 68 22.62 14.21 -14.06
N ILE B 69 22.36 13.09 -13.39
CA ILE B 69 23.14 11.86 -13.63
C ILE B 69 22.16 10.72 -13.86
N ARG B 70 22.44 9.91 -14.88
CA ARG B 70 21.70 8.68 -15.13
C ARG B 70 22.56 7.55 -14.58
N ILE B 71 21.95 6.70 -13.75
CA ILE B 71 22.65 5.59 -13.11
C ILE B 71 22.12 4.27 -13.64
N PRO B 72 22.81 3.65 -14.60
CA PRO B 72 22.48 2.28 -15.02
C PRO B 72 22.63 1.31 -13.85
N ILE B 73 21.61 0.50 -13.62
CA ILE B 73 21.65 -0.48 -12.52
C ILE B 73 21.16 -1.81 -13.03
N ARG B 74 22.01 -2.83 -12.95
CA ARG B 74 21.59 -4.20 -13.16
C ARG B 74 21.08 -4.75 -11.83
N TRP B 75 19.97 -5.49 -11.87
CA TRP B 75 19.41 -6.05 -10.64
C TRP B 75 19.48 -7.57 -10.59
N GLN B 76 19.64 -8.23 -11.74
N GLN B 76 19.62 -8.24 -11.73
CA GLN B 76 19.42 -9.68 -11.82
CA GLN B 76 19.38 -9.68 -11.75
C GLN B 76 20.40 -10.47 -10.96
C GLN B 76 20.39 -10.47 -10.90
N CYS B 77 21.59 -9.95 -10.71
CA CYS B 77 22.58 -10.64 -9.88
C CYS B 77 22.60 -10.12 -8.45
N HIS B 78 21.52 -9.44 -8.03
CA HIS B 78 21.36 -8.90 -6.68
C HIS B 78 20.03 -9.33 -6.10
N ILE B 79 19.51 -10.48 -6.54
CA ILE B 79 18.18 -10.96 -6.20
C ILE B 79 18.31 -12.10 -5.20
N THR B 80 17.70 -11.94 -4.02
CA THR B 80 17.80 -12.96 -2.98
C THR B 80 16.82 -14.11 -3.20
N ASN B 81 15.74 -13.89 -3.93
CA ASN B 81 14.78 -14.95 -4.28
C ASN B 81 14.21 -14.63 -5.65
N ALA B 82 14.43 -15.52 -6.63
CA ALA B 82 14.08 -15.20 -8.01
C ALA B 82 12.57 -15.24 -8.24
N GLN B 83 11.85 -16.06 -7.47
CA GLN B 83 10.39 -16.06 -7.58
C GLN B 83 9.80 -14.75 -7.07
N ALA B 84 10.32 -14.23 -5.96
CA ALA B 84 9.78 -13.01 -5.38
C ALA B 84 10.41 -11.76 -5.97
N MET B 85 11.55 -11.89 -6.66
CA MET B 85 12.36 -10.76 -7.11
C MET B 85 12.67 -9.81 -5.96
N SER B 86 12.91 -10.38 -4.78
CA SER B 86 13.38 -9.58 -3.66
C SER B 86 14.84 -9.21 -3.85
N ILE B 87 15.21 -7.99 -3.43
CA ILE B 87 16.52 -7.42 -3.72
C ILE B 87 17.40 -7.47 -2.48
N ASP B 88 18.68 -7.83 -2.69
CA ASP B 88 19.69 -7.79 -1.63
C ASP B 88 19.71 -6.44 -0.94
N LYS B 89 19.58 -6.45 0.39
CA LYS B 89 19.50 -5.19 1.12
C LYS B 89 20.79 -4.39 1.02
N ALA B 90 21.94 -5.07 0.95
CA ALA B 90 23.19 -4.34 0.83
C ALA B 90 23.27 -3.62 -0.52
N TRP B 91 22.68 -4.20 -1.56
CA TRP B 91 22.68 -3.54 -2.86
C TRP B 91 21.79 -2.31 -2.84
N ILE B 92 20.58 -2.40 -2.27
CA ILE B 92 19.70 -1.24 -2.15
CA ILE B 92 19.73 -1.22 -2.22
C ILE B 92 20.41 -0.13 -1.38
N ALA B 93 21.09 -0.50 -0.29
CA ALA B 93 21.76 0.53 0.51
C ALA B 93 22.86 1.21 -0.30
N ARG B 94 23.60 0.45 -1.10
CA ARG B 94 24.65 1.04 -1.92
C ARG B 94 24.07 1.99 -2.95
N ILE B 95 23.01 1.56 -3.65
CA ILE B 95 22.37 2.44 -4.62
C ILE B 95 21.83 3.70 -3.95
N LYS B 96 21.20 3.54 -2.77
CA LYS B 96 20.69 4.72 -2.07
C LYS B 96 21.82 5.67 -1.67
N GLU B 97 22.98 5.13 -1.33
CA GLU B 97 24.10 5.99 -0.98
C GLU B 97 24.47 6.89 -2.16
N VAL B 98 24.55 6.31 -3.35
CA VAL B 98 24.99 7.07 -4.51
C VAL B 98 23.90 8.05 -4.95
N VAL B 99 22.64 7.59 -4.95
CA VAL B 99 21.54 8.48 -5.27
C VAL B 99 21.54 9.69 -4.35
N GLY B 100 21.78 9.46 -3.05
CA GLY B 100 21.83 10.56 -2.09
C GLY B 100 22.98 11.52 -2.35
N TRP B 101 24.15 10.98 -2.73
CA TRP B 101 25.25 11.87 -3.13
C TRP B 101 24.82 12.80 -4.25
N CYS B 102 24.10 12.26 -5.23
CA CYS B 102 23.70 13.09 -6.36
C CYS B 102 22.71 14.16 -5.93
N LEU B 103 21.65 13.74 -5.20
CA LEU B 103 20.61 14.69 -4.83
C LEU B 103 21.15 15.76 -3.89
N ASP B 104 22.03 15.37 -2.98
CA ASP B 104 22.59 16.33 -2.04
C ASP B 104 23.57 17.30 -2.69
N ASN B 105 24.02 17.03 -3.91
CA ASN B 105 24.94 17.93 -4.60
C ASN B 105 24.30 18.56 -5.82
N GLY B 106 22.97 18.71 -5.80
CA GLY B 106 22.29 19.50 -6.79
C GLY B 106 22.13 18.84 -8.14
N LEU B 107 21.96 17.52 -8.16
CA LEU B 107 21.76 16.79 -9.40
C LEU B 107 20.40 16.10 -9.41
N LYS B 108 19.72 16.19 -10.54
CA LYS B 108 18.64 15.24 -10.83
C LYS B 108 19.21 13.86 -11.08
N VAL B 109 18.37 12.84 -10.95
CA VAL B 109 18.82 11.44 -11.01
C VAL B 109 17.80 10.61 -11.78
N ILE B 110 18.29 9.73 -12.65
CA ILE B 110 17.50 8.63 -13.22
C ILE B 110 18.10 7.34 -12.71
N ILE B 111 17.26 6.48 -12.15
CA ILE B 111 17.66 5.10 -11.90
C ILE B 111 16.84 4.23 -12.82
N ASN B 112 17.42 3.10 -13.25
CA ASN B 112 16.71 2.24 -14.19
C ASN B 112 16.96 0.76 -13.89
N VAL B 113 16.54 -0.07 -14.84
CA VAL B 113 16.78 -1.50 -14.89
C VAL B 113 17.55 -1.74 -16.18
N HIS B 114 18.83 -2.17 -16.07
CA HIS B 114 19.79 -2.03 -17.15
C HIS B 114 20.61 -3.33 -17.28
N HIS B 115 20.76 -3.83 -18.50
CA HIS B 115 21.39 -5.14 -18.75
C HIS B 115 20.71 -6.24 -17.96
N GLU B 116 19.40 -6.14 -17.79
CA GLU B 116 18.62 -7.11 -17.04
C GLU B 116 18.21 -8.19 -18.04
N LYS B 117 19.08 -9.20 -18.23
CA LYS B 117 19.00 -9.95 -19.48
C LYS B 117 17.83 -10.92 -19.54
N TRP B 118 17.32 -11.44 -18.42
CA TRP B 118 16.12 -12.27 -18.49
C TRP B 118 14.96 -11.51 -19.09
N LEU B 119 14.96 -10.20 -18.91
CA LEU B 119 13.93 -9.31 -19.45
C LEU B 119 14.27 -8.88 -20.87
N GLU B 120 15.49 -8.39 -21.06
CA GLU B 120 15.88 -7.77 -22.32
C GLU B 120 15.99 -8.80 -23.42
N SER B 121 16.52 -9.98 -23.11
CA SER B 121 16.85 -10.95 -24.14
C SER B 121 15.70 -11.88 -24.49
N ARG B 122 14.55 -11.76 -23.82
CA ARG B 122 13.43 -12.68 -24.07
C ARG B 122 12.12 -11.96 -24.34
N PRO B 123 12.09 -11.01 -25.32
CA PRO B 123 10.82 -10.30 -25.63
C PRO B 123 9.94 -11.10 -26.56
N THR B 124 9.42 -12.22 -26.06
CA THR B 124 8.64 -13.14 -26.88
C THR B 124 7.44 -13.62 -26.08
N TYR B 125 6.44 -14.16 -26.80
CA TYR B 125 5.22 -14.63 -26.12
C TYR B 125 5.53 -15.77 -25.16
N GLN B 126 6.53 -16.59 -25.47
CA GLN B 126 6.92 -17.68 -24.59
C GLN B 126 7.19 -17.20 -23.18
N TYR B 127 7.79 -16.03 -23.04
CA TYR B 127 8.24 -15.52 -21.75
C TYR B 127 7.46 -14.31 -21.28
N LYS B 128 6.45 -13.86 -22.04
CA LYS B 128 5.80 -12.59 -21.71
C LYS B 128 5.19 -12.61 -20.32
N GLU B 129 4.38 -13.62 -20.01
CA GLU B 129 3.72 -13.65 -18.71
C GLU B 129 4.74 -13.72 -17.58
N GLU B 130 5.70 -14.64 -17.68
CA GLU B 130 6.74 -14.73 -16.66
C GLU B 130 7.47 -13.40 -16.50
N ASN B 131 7.88 -12.80 -17.63
CA ASN B 131 8.69 -11.59 -17.55
C ASN B 131 7.88 -10.42 -16.99
N CYS B 132 6.62 -10.30 -17.41
CA CYS B 132 5.81 -9.22 -16.86
C CYS B 132 5.58 -9.40 -15.37
N GLN B 133 5.39 -10.64 -14.91
CA GLN B 133 5.24 -10.86 -13.47
C GLN B 133 6.52 -10.47 -12.73
N LYS B 134 7.66 -10.92 -13.25
CA LYS B 134 8.94 -10.58 -12.60
C LYS B 134 9.20 -9.08 -12.63
N LEU B 135 8.93 -8.42 -13.77
CA LEU B 135 9.16 -6.98 -13.82
C LEU B 135 8.25 -6.25 -12.84
N ALA B 136 7.01 -6.71 -12.72
CA ALA B 136 6.10 -6.09 -11.76
C ALA B 136 6.61 -6.24 -10.33
N LEU B 137 7.11 -7.43 -9.98
CA LEU B 137 7.64 -7.63 -8.64
C LEU B 137 8.89 -6.82 -8.42
N LEU B 138 9.79 -6.78 -9.42
CA LEU B 138 11.03 -6.02 -9.28
C LEU B 138 10.72 -4.55 -9.06
N TRP B 139 9.86 -3.96 -9.91
CA TRP B 139 9.58 -2.54 -9.79
C TRP B 139 8.74 -2.20 -8.55
N MET B 140 7.88 -3.12 -8.10
N MET B 140 7.90 -3.13 -8.10
CA MET B 140 7.22 -2.90 -6.82
CA MET B 140 7.22 -2.90 -6.82
C MET B 140 8.26 -2.71 -5.72
C MET B 140 8.24 -2.73 -5.71
N ASN B 141 9.31 -3.54 -5.72
CA ASN B 141 10.35 -3.43 -4.71
C ASN B 141 11.20 -2.18 -4.90
N ILE B 142 11.64 -1.88 -6.12
CA ILE B 142 12.43 -0.66 -6.33
C ILE B 142 11.60 0.57 -5.99
N ALA B 143 10.39 0.65 -6.54
CA ALA B 143 9.57 1.84 -6.31
C ALA B 143 9.24 2.01 -4.84
N SER B 144 9.05 0.90 -4.11
CA SER B 144 8.75 1.03 -2.68
C SER B 144 9.96 1.57 -1.91
N GLU B 145 11.15 1.07 -2.24
CA GLU B 145 12.37 1.51 -1.56
C GLU B 145 12.67 2.98 -1.82
N PHE B 146 12.34 3.49 -2.99
CA PHE B 146 12.69 4.86 -3.37
C PHE B 146 11.50 5.80 -3.34
N ALA B 147 10.39 5.39 -2.73
CA ALA B 147 9.15 6.14 -2.82
C ALA B 147 9.24 7.52 -2.19
N ASN B 148 10.04 7.68 -1.15
CA ASN B 148 10.03 8.95 -0.41
C ASN B 148 11.00 9.98 -0.96
N TYR B 149 11.73 9.67 -2.03
CA TYR B 149 12.61 10.64 -2.65
C TYR B 149 11.80 11.67 -3.42
N ASP B 150 12.33 12.90 -3.49
CA ASP B 150 11.62 14.01 -4.09
C ASP B 150 11.65 13.90 -5.62
N SER B 151 10.96 14.85 -6.28
CA SER B 151 10.72 14.74 -7.71
C SER B 151 11.99 14.81 -8.56
N ARG B 152 13.14 15.14 -7.97
CA ARG B 152 14.37 15.15 -8.75
C ARG B 152 14.82 13.75 -9.14
N LEU B 153 14.30 12.72 -8.47
CA LEU B 153 14.56 11.33 -8.86
C LEU B 153 13.47 10.83 -9.79
N ALA B 154 13.87 10.43 -10.99
CA ALA B 154 12.98 9.80 -11.93
C ALA B 154 13.33 8.32 -12.09
N PHE B 155 12.33 7.54 -12.54
CA PHE B 155 12.50 6.10 -12.80
C PHE B 155 12.42 5.84 -14.30
N ALA B 156 13.35 5.03 -14.82
CA ALA B 156 13.27 4.52 -16.18
C ALA B 156 13.07 3.01 -16.11
N GLY B 157 12.00 2.52 -16.75
CA GLY B 157 11.54 1.16 -16.46
C GLY B 157 12.48 0.06 -16.94
N THR B 158 13.10 0.25 -18.11
CA THR B 158 13.94 -0.75 -18.76
C THR B 158 15.10 -0.04 -19.44
N ASN B 159 15.99 -0.82 -20.07
CA ASN B 159 17.02 -0.21 -20.93
C ASN B 159 16.81 -0.67 -22.37
N GLU B 160 17.68 -1.52 -22.90
CA GLU B 160 17.66 -1.87 -24.31
C GLU B 160 17.15 -3.31 -24.45
N VAL B 161 15.87 -3.47 -24.75
CA VAL B 161 15.25 -4.78 -24.93
C VAL B 161 15.51 -5.23 -26.37
N HIS B 162 16.11 -6.42 -26.54
CA HIS B 162 16.34 -6.97 -27.88
C HIS B 162 16.85 -8.41 -27.76
N ILE B 163 16.54 -9.20 -28.79
CA ILE B 163 17.13 -10.52 -28.91
C ILE B 163 18.66 -10.40 -28.96
N ARG B 164 19.35 -11.29 -28.26
CA ARG B 164 20.82 -11.24 -28.22
C ARG B 164 21.43 -11.21 -29.63
N ASP B 165 22.40 -10.31 -29.80
CA ASP B 165 23.13 -10.08 -31.04
C ASP B 165 22.25 -9.58 -32.18
N ASN B 166 21.01 -9.19 -31.89
CA ASN B 166 20.11 -8.68 -32.91
C ASN B 166 19.79 -7.23 -32.55
N TRP B 167 20.30 -6.29 -33.36
CA TRP B 167 20.12 -4.87 -33.11
C TRP B 167 19.08 -4.26 -34.04
N GLY B 168 18.31 -5.10 -34.73
CA GLY B 168 17.40 -4.65 -35.75
C GLY B 168 15.96 -4.54 -35.31
N LYS B 169 15.12 -4.21 -36.29
CA LYS B 169 13.75 -3.84 -35.99
C LYS B 169 13.02 -5.01 -35.33
N PRO B 170 12.12 -4.73 -34.38
CA PRO B 170 11.37 -5.80 -33.73
C PRO B 170 10.34 -6.45 -34.65
N THR B 171 10.07 -7.73 -34.40
CA THR B 171 8.88 -8.33 -34.95
C THR B 171 7.65 -7.80 -34.23
N ALA B 172 6.46 -8.05 -34.80
CA ALA B 172 5.24 -7.65 -34.11
C ALA B 172 5.20 -8.25 -32.71
N GLU B 173 5.64 -9.50 -32.58
CA GLU B 173 5.66 -10.16 -31.28
C GLU B 173 6.60 -9.44 -30.31
N ASN B 174 7.82 -9.15 -30.76
CA ASN B 174 8.79 -8.44 -29.92
C ASN B 174 8.21 -7.14 -29.41
N LEU B 175 7.58 -6.40 -30.31
CA LEU B 175 7.08 -5.08 -29.97
C LEU B 175 5.90 -5.18 -29.01
N GLU B 176 5.04 -6.19 -29.18
CA GLU B 176 3.92 -6.35 -28.27
C GLU B 176 4.43 -6.60 -26.85
N VAL B 177 5.43 -7.47 -26.72
CA VAL B 177 5.92 -7.82 -25.41
C VAL B 177 6.65 -6.64 -24.77
N GLN B 178 7.45 -5.94 -25.57
CA GLN B 178 8.21 -4.82 -25.01
C GLN B 178 7.30 -3.65 -24.66
N ASN B 179 6.26 -3.38 -25.45
CA ASN B 179 5.27 -2.38 -25.03
C ASN B 179 4.57 -2.78 -23.73
N ALA B 180 4.32 -4.08 -23.55
CA ALA B 180 3.75 -4.56 -22.30
C ALA B 180 4.66 -4.27 -21.11
N TYR B 181 5.99 -4.44 -21.28
CA TYR B 181 6.91 -4.10 -20.21
C TYR B 181 6.67 -2.68 -19.72
N ASN B 182 6.56 -1.74 -20.66
CA ASN B 182 6.39 -0.34 -20.27
C ASN B 182 5.09 -0.13 -19.50
N GLN B 183 4.00 -0.77 -19.94
CA GLN B 183 2.73 -0.59 -19.24
C GLN B 183 2.77 -1.21 -17.84
N ILE B 184 3.40 -2.38 -17.70
CA ILE B 184 3.51 -3.01 -16.38
C ILE B 184 4.26 -2.11 -15.43
N PHE B 185 5.38 -1.55 -15.89
CA PHE B 185 6.18 -0.63 -15.09
C PHE B 185 5.34 0.54 -14.59
N VAL B 186 4.61 1.20 -15.48
CA VAL B 186 3.78 2.33 -15.06
C VAL B 186 2.72 1.88 -14.06
N ASP B 187 2.01 0.80 -14.37
CA ASP B 187 0.98 0.29 -13.47
C ASP B 187 1.50 0.07 -12.05
N VAL B 188 2.64 -0.59 -11.91
N VAL B 188 2.64 -0.59 -11.92
CA VAL B 188 3.06 -0.99 -10.57
CA VAL B 188 3.11 -1.00 -10.60
C VAL B 188 3.66 0.18 -9.81
C VAL B 188 3.61 0.21 -9.82
N VAL B 189 4.34 1.10 -10.48
CA VAL B 189 4.88 2.27 -9.80
C VAL B 189 3.74 3.12 -9.27
N ARG B 190 2.73 3.37 -10.12
CA ARG B 190 1.62 4.21 -9.68
C ARG B 190 0.83 3.55 -8.56
N ALA B 191 0.75 2.22 -8.57
CA ALA B 191 0.05 1.51 -7.50
C ALA B 191 0.70 1.72 -6.14
N THR B 192 1.99 2.06 -6.09
CA THR B 192 2.62 2.35 -4.80
C THR B 192 2.20 3.69 -4.22
N GLY B 193 1.62 4.57 -5.02
CA GLY B 193 1.07 5.82 -4.53
C GLY B 193 2.12 6.72 -3.88
N GLY B 194 1.63 7.63 -3.04
CA GLY B 194 2.51 8.60 -2.42
C GLY B 194 3.22 9.46 -3.46
N ASN B 195 4.52 9.72 -3.21
CA ASN B 195 5.33 10.48 -4.15
C ASN B 195 5.48 9.80 -5.50
N ASN B 196 5.16 8.51 -5.60
CA ASN B 196 5.26 7.82 -6.88
C ASN B 196 4.06 8.06 -7.79
N ALA B 197 3.01 8.74 -7.31
CA ALA B 197 1.82 8.91 -8.13
C ALA B 197 2.08 9.85 -9.32
N LYS B 198 2.93 10.86 -9.13
CA LYS B 198 3.28 11.79 -10.20
C LYS B 198 4.79 11.85 -10.42
N ARG B 199 5.53 10.85 -9.97
CA ARG B 199 6.94 10.80 -10.30
C ARG B 199 7.12 10.71 -11.82
N HIS B 200 8.17 11.35 -12.30
CA HIS B 200 8.54 11.25 -13.71
C HIS B 200 8.95 9.82 -14.05
N LEU B 201 8.20 9.16 -14.92
CA LEU B 201 8.49 7.81 -15.40
C LEU B 201 8.94 7.87 -16.86
N ILE B 202 9.97 7.10 -17.18
CA ILE B 202 10.64 7.18 -18.46
C ILE B 202 10.54 5.81 -19.13
N LEU B 203 9.98 5.78 -20.33
CA LEU B 203 9.63 4.56 -21.06
C LEU B 203 10.48 4.45 -22.32
N GLN B 204 10.89 3.22 -22.66
CA GLN B 204 11.87 3.04 -23.74
C GLN B 204 11.21 2.61 -25.04
N THR B 205 11.75 3.08 -26.16
CA THR B 205 11.42 2.45 -27.42
C THR B 205 12.16 1.11 -27.54
N TYR B 206 11.78 0.32 -28.53
CA TYR B 206 12.42 -0.98 -28.69
C TYR B 206 13.91 -0.81 -28.97
N VAL B 207 14.72 -1.56 -28.22
CA VAL B 207 16.19 -1.49 -28.14
C VAL B 207 16.68 -0.03 -28.08
N CYS B 208 15.81 0.84 -27.55
CA CYS B 208 16.08 2.29 -27.46
C CYS B 208 16.50 2.88 -28.79
N ASN B 209 16.08 2.28 -29.90
CA ASN B 209 16.27 2.90 -31.20
C ASN B 209 15.00 3.67 -31.53
N PRO B 210 15.04 5.00 -31.69
CA PRO B 210 13.79 5.74 -31.87
C PRO B 210 13.05 5.34 -33.13
N TRP B 211 13.77 4.88 -34.16
CA TRP B 211 13.12 4.53 -35.41
C TRP B 211 12.25 3.29 -35.28
N PHE B 212 12.40 2.53 -34.20
CA PHE B 212 11.56 1.37 -33.99
C PHE B 212 10.35 1.69 -33.13
N GLY B 213 10.17 2.95 -32.77
CA GLY B 213 8.99 3.40 -32.04
C GLY B 213 8.22 4.52 -32.70
N ILE B 214 8.88 5.33 -33.52
CA ILE B 214 8.30 6.61 -33.95
C ILE B 214 7.34 6.48 -35.13
N GLU B 215 7.31 5.35 -35.83
CA GLU B 215 6.41 5.15 -36.95
C GLU B 215 5.20 4.32 -36.53
N ASN B 216 4.05 4.64 -37.13
CA ASN B 216 2.91 3.72 -37.16
C ASN B 216 2.37 3.39 -35.77
N GLY B 217 2.62 4.25 -34.79
CA GLY B 217 2.24 3.91 -33.42
C GLY B 217 2.98 2.70 -32.86
N ASP B 218 4.20 2.43 -33.34
CA ASP B 218 4.91 1.25 -32.87
C ASP B 218 5.15 1.32 -31.37
N PHE B 219 5.65 2.46 -30.89
CA PHE B 219 5.71 2.70 -29.44
C PHE B 219 4.31 3.04 -28.94
N ILE B 220 3.77 2.21 -28.05
CA ILE B 220 2.45 2.47 -27.48
C ILE B 220 2.60 3.30 -26.21
N ILE B 221 1.98 4.47 -26.20
CA ILE B 221 2.03 5.28 -24.98
C ILE B 221 1.22 4.57 -23.91
N PRO B 222 1.79 4.28 -22.76
CA PRO B 222 1.04 3.56 -21.73
C PRO B 222 -0.11 4.40 -21.22
N LYS B 223 -1.10 3.70 -20.65
CA LYS B 223 -2.15 4.36 -19.91
C LYS B 223 -1.64 4.65 -18.50
N ASP B 224 -1.54 5.93 -18.14
CA ASP B 224 -1.13 6.32 -16.80
C ASP B 224 -2.35 6.48 -15.89
N ALA B 225 -2.08 6.83 -14.63
CA ALA B 225 -3.13 6.98 -13.62
C ALA B 225 -4.13 8.06 -14.03
N GLU B 226 -5.36 7.93 -13.55
CA GLU B 226 -6.43 8.86 -13.92
C GLU B 226 -6.01 10.31 -13.67
N GLY B 227 -6.18 11.14 -14.68
CA GLY B 227 -5.84 12.54 -14.58
C GLY B 227 -4.46 12.89 -15.06
N ASN B 228 -3.50 11.94 -14.99
CA ASN B 228 -2.14 12.25 -15.39
C ASN B 228 -2.00 12.51 -16.89
N GLY B 229 -2.91 12.00 -17.71
CA GLY B 229 -2.70 12.11 -19.15
C GLY B 229 -1.37 11.50 -19.54
N ASN B 230 -0.66 12.17 -20.44
CA ASN B 230 0.69 11.78 -20.81
C ASN B 230 1.74 12.63 -20.12
N ASN B 231 1.33 13.53 -19.22
CA ASN B 231 2.25 14.60 -18.81
C ASN B 231 3.34 14.16 -17.84
N TYR B 232 3.22 12.98 -17.22
CA TYR B 232 4.22 12.55 -16.25
C TYR B 232 5.05 11.39 -16.79
N MET B 233 5.13 11.26 -18.11
CA MET B 233 5.87 10.16 -18.73
C MET B 233 6.75 10.76 -19.83
N SER B 234 7.95 10.19 -20.03
CA SER B 234 8.79 10.54 -21.18
C SER B 234 9.02 9.30 -22.03
N VAL B 235 9.29 9.52 -23.31
N VAL B 235 9.27 9.52 -23.32
CA VAL B 235 9.84 8.49 -24.20
CA VAL B 235 9.84 8.49 -24.20
C VAL B 235 11.35 8.63 -24.20
C VAL B 235 11.35 8.65 -24.15
N GLU B 236 12.05 7.53 -24.00
CA GLU B 236 13.51 7.50 -23.98
C GLU B 236 14.00 6.78 -25.22
N PHE B 237 14.99 7.34 -25.88
CA PHE B 237 15.75 6.57 -26.85
C PHE B 237 17.22 6.92 -26.67
N HIS B 238 18.05 6.11 -27.28
CA HIS B 238 19.48 6.36 -27.31
C HIS B 238 19.85 6.80 -28.72
N TYR B 239 20.87 7.66 -28.82
CA TYR B 239 21.06 8.41 -30.06
C TYR B 239 22.55 8.53 -30.36
N TYR B 240 23.18 7.39 -30.62
CA TYR B 240 24.57 7.35 -31.08
C TYR B 240 24.55 7.41 -32.59
N GLN B 241 24.07 8.53 -33.12
N GLN B 241 24.07 8.53 -33.13
CA GLN B 241 23.76 8.60 -34.53
CA GLN B 241 23.75 8.60 -34.54
C GLN B 241 24.43 9.80 -35.18
C GLN B 241 24.45 9.79 -35.18
N PRO B 242 24.93 9.63 -36.41
CA PRO B 242 24.92 8.39 -37.20
C PRO B 242 25.93 7.41 -36.62
N TRP B 243 25.56 6.13 -36.53
CA TRP B 243 26.43 5.14 -35.92
C TRP B 243 27.77 5.03 -36.63
N SER B 244 27.81 5.33 -37.94
CA SER B 244 29.05 5.26 -38.72
C SER B 244 30.08 6.28 -38.25
N TYR B 245 29.64 7.33 -37.56
CA TYR B 245 30.51 8.31 -36.93
C TYR B 245 30.65 8.06 -35.43
N ALA B 246 29.53 7.87 -34.73
CA ALA B 246 29.53 7.91 -33.27
C ALA B 246 29.99 6.58 -32.66
N GLY B 247 29.85 5.49 -33.39
CA GLY B 247 30.01 4.17 -32.80
C GLY B 247 31.06 3.30 -33.48
N ASP B 248 31.03 3.15 -34.80
CA ASP B 248 31.89 2.15 -35.43
C ASP B 248 33.07 2.73 -36.19
N CYS B 249 33.29 4.05 -36.13
CA CYS B 249 34.51 4.71 -36.57
C CYS B 249 34.71 4.69 -38.09
N THR B 250 33.66 4.47 -38.87
CA THR B 250 33.81 4.52 -40.32
C THR B 250 34.23 5.91 -40.78
N TYR B 251 33.69 6.95 -40.16
CA TYR B 251 34.00 8.33 -40.50
C TYR B 251 34.66 9.01 -39.31
N ASP B 252 35.63 9.86 -39.60
CA ASP B 252 36.31 10.68 -38.59
C ASP B 252 35.69 12.05 -38.45
N TYR B 253 34.75 12.40 -39.32
CA TYR B 253 34.20 13.75 -39.40
C TYR B 253 32.70 13.66 -39.58
N TRP B 254 32.01 14.74 -39.20
CA TRP B 254 30.55 14.76 -39.26
C TRP B 254 30.08 16.16 -39.55
N GLY B 255 29.09 16.26 -40.43
CA GLY B 255 28.43 17.55 -40.60
C GLY B 255 28.89 18.25 -41.86
N ASP B 256 27.94 18.96 -42.50
CA ASP B 256 28.31 19.81 -43.61
C ASP B 256 29.36 20.83 -43.20
N ALA B 257 29.34 21.26 -41.94
CA ALA B 257 30.33 22.20 -41.43
C ALA B 257 31.75 21.64 -41.51
N TYR B 258 31.93 20.32 -41.53
CA TYR B 258 33.26 19.71 -41.59
C TYR B 258 33.48 18.86 -42.83
N LYS B 259 32.61 18.96 -43.84
CA LYS B 259 32.88 18.30 -45.11
C LYS B 259 34.22 18.73 -45.69
N ASP B 260 34.64 19.97 -45.41
CA ASP B 260 35.95 20.43 -45.88
C ASP B 260 37.09 19.57 -45.37
N ALA B 261 36.95 18.97 -44.19
CA ALA B 261 38.10 18.37 -43.54
C ALA B 261 38.36 16.93 -43.97
N GLY B 262 37.32 16.20 -44.34
CA GLY B 262 37.46 14.79 -44.64
C GLY B 262 36.10 14.22 -45.00
N LYS B 263 36.06 12.89 -45.13
CA LYS B 263 34.82 12.22 -45.51
C LYS B 263 33.82 12.28 -44.37
N ILE B 264 32.57 12.62 -44.69
CA ILE B 264 31.49 12.66 -43.69
C ILE B 264 30.39 11.71 -44.15
N PRO B 265 29.56 11.26 -43.22
CA PRO B 265 28.39 10.46 -43.61
C PRO B 265 27.34 11.35 -44.24
N ALA B 266 26.37 10.70 -44.91
CA ALA B 266 25.24 11.44 -45.45
C ALA B 266 24.41 12.09 -44.34
N ASP B 267 24.30 11.43 -43.20
CA ASP B 267 23.56 11.96 -42.05
C ASP B 267 24.25 13.21 -41.55
N ASN B 268 23.55 14.34 -41.57
CA ASN B 268 24.18 15.61 -41.23
C ASN B 268 23.29 16.39 -40.27
N GLU B 269 23.52 17.71 -40.19
CA GLU B 269 22.79 18.54 -39.26
C GLU B 269 21.30 18.49 -39.53
N LYS B 270 20.92 18.56 -40.82
CA LYS B 270 19.53 18.49 -41.20
C LYS B 270 18.91 17.14 -40.89
N THR B 271 19.66 16.06 -41.13
CA THR B 271 19.17 14.75 -40.72
C THR B 271 18.75 14.75 -39.27
N MET B 272 19.59 15.35 -38.41
CA MET B 272 19.34 15.23 -36.98
C MET B 272 18.20 16.15 -36.56
N THR B 273 18.17 17.40 -37.04
CA THR B 273 17.07 18.28 -36.64
C THR B 273 15.75 17.84 -37.25
N ASP B 274 15.76 17.27 -38.46
CA ASP B 274 14.53 16.70 -39.01
C ASP B 274 14.00 15.59 -38.12
N PHE B 275 14.89 14.70 -37.66
CA PHE B 275 14.44 13.65 -36.75
C PHE B 275 13.98 14.24 -35.43
N PHE B 276 14.72 15.18 -34.86
CA PHE B 276 14.26 15.78 -33.61
C PHE B 276 12.89 16.42 -33.80
N ASP B 277 12.66 17.08 -34.94
CA ASP B 277 11.34 17.65 -35.22
C ASP B 277 10.27 16.56 -35.29
N LYS B 278 10.58 15.43 -35.88
CA LYS B 278 9.63 14.32 -35.93
C LYS B 278 9.32 13.83 -34.53
N ALA B 279 10.32 13.78 -33.66
CA ALA B 279 10.06 13.37 -32.28
C ALA B 279 9.16 14.38 -31.56
N VAL B 280 9.38 15.68 -31.78
CA VAL B 280 8.48 16.69 -31.23
C VAL B 280 7.05 16.47 -31.72
N ASN B 281 6.89 16.33 -33.03
CA ASN B 281 5.56 16.20 -33.64
C ASN B 281 4.86 14.91 -33.21
N THR B 282 5.61 13.83 -33.00
CA THR B 282 5.04 12.52 -32.69
C THR B 282 4.79 12.31 -31.21
N TRP B 283 5.71 12.80 -30.36
CA TRP B 283 5.64 12.51 -28.94
C TRP B 283 5.45 13.76 -28.07
N SER B 284 6.30 14.78 -28.22
CA SER B 284 6.15 15.99 -27.40
C SER B 284 4.76 16.59 -27.54
N ASN B 285 4.23 16.65 -28.77
CA ASN B 285 2.93 17.25 -28.99
C ASN B 285 1.78 16.40 -28.46
N LYS B 286 2.08 15.20 -27.98
CA LYS B 286 1.10 14.42 -27.23
C LYS B 286 1.31 14.53 -25.72
N GLY B 287 2.13 15.49 -25.28
CA GLY B 287 2.28 15.78 -23.87
C GLY B 287 3.44 15.08 -23.21
N LEU B 288 4.15 14.23 -23.95
CA LEU B 288 5.23 13.44 -23.39
C LEU B 288 6.52 14.24 -23.28
N GLY B 289 7.33 13.89 -22.29
CA GLY B 289 8.71 14.30 -22.30
C GLY B 289 9.55 13.43 -23.24
N ILE B 290 10.74 13.92 -23.56
N ILE B 290 10.75 13.94 -23.56
CA ILE B 290 11.69 13.18 -24.39
CA ILE B 290 11.71 13.22 -24.39
C ILE B 290 13.05 13.15 -23.71
C ILE B 290 13.04 13.16 -23.65
N VAL B 291 13.56 11.95 -23.47
CA VAL B 291 14.85 11.74 -22.81
C VAL B 291 15.79 11.08 -23.81
N ILE B 292 16.88 11.76 -24.17
CA ILE B 292 17.96 11.09 -24.89
C ILE B 292 18.87 10.50 -23.82
N GLY B 293 18.61 9.22 -23.49
CA GLY B 293 19.22 8.63 -22.32
C GLY B 293 20.68 8.31 -22.46
N GLU B 294 21.13 8.12 -23.69
CA GLU B 294 22.54 7.89 -24.00
C GLU B 294 22.81 8.50 -25.36
N TRP B 295 23.96 9.17 -25.47
CA TRP B 295 24.48 9.64 -26.74
C TRP B 295 25.98 9.76 -26.53
N GLY B 296 26.72 9.88 -27.62
CA GLY B 296 28.14 10.08 -27.46
C GLY B 296 28.90 9.69 -28.70
N VAL B 297 30.14 10.16 -28.78
CA VAL B 297 30.99 9.82 -29.90
C VAL B 297 32.27 9.21 -29.34
N THR B 298 32.55 7.97 -29.77
CA THR B 298 33.77 7.29 -29.33
C THR B 298 35.02 8.03 -29.85
N ASP B 299 36.02 8.13 -28.99
CA ASP B 299 37.25 8.80 -29.41
C ASP B 299 37.93 7.95 -30.47
N HIS B 300 38.09 8.47 -31.68
CA HIS B 300 38.69 7.71 -32.76
C HIS B 300 39.22 8.69 -33.80
N TYR B 301 40.31 8.32 -34.45
CA TYR B 301 40.88 9.11 -35.53
C TYR B 301 41.89 8.26 -36.27
N LYS B 302 41.94 8.39 -37.59
CA LYS B 302 43.03 7.77 -38.34
C LYS B 302 44.23 8.69 -38.44
N SER B 303 44.00 10.00 -38.33
CA SER B 303 45.06 11.00 -38.37
C SER B 303 44.40 12.31 -37.98
N ASN B 304 45.22 13.35 -37.79
CA ASN B 304 44.72 14.69 -37.52
C ASN B 304 43.75 14.70 -36.34
N SER B 305 44.21 14.16 -35.22
CA SER B 305 43.35 14.10 -34.03
C SER B 305 42.85 15.47 -33.62
N GLU B 306 43.64 16.51 -33.85
CA GLU B 306 43.23 17.84 -33.40
C GLU B 306 42.00 18.31 -34.15
N LYS B 307 41.95 18.09 -35.47
CA LYS B 307 40.77 18.47 -36.25
C LYS B 307 39.60 17.55 -35.94
N VAL B 308 39.86 16.26 -35.80
CA VAL B 308 38.79 15.31 -35.45
C VAL B 308 38.15 15.72 -34.13
N HIS B 309 38.96 16.10 -33.16
CA HIS B 309 38.41 16.47 -31.86
C HIS B 309 37.65 17.79 -31.94
N GLU B 310 38.13 18.73 -32.75
CA GLU B 310 37.37 19.95 -33.01
C GLU B 310 35.99 19.63 -33.56
N ASN B 311 35.92 18.69 -34.51
CA ASN B 311 34.62 18.29 -35.07
C ASN B 311 33.76 17.61 -34.01
N MET B 312 34.37 16.83 -33.11
CA MET B 312 33.59 16.23 -32.04
C MET B 312 32.99 17.29 -31.13
N THR B 313 33.74 18.36 -30.84
CA THR B 313 33.19 19.49 -30.10
C THR B 313 31.94 20.02 -30.77
N TYR B 314 32.03 20.23 -32.09
CA TYR B 314 30.90 20.74 -32.86
C TYR B 314 29.71 19.79 -32.78
N TYR B 315 29.96 18.50 -32.94
CA TYR B 315 28.89 17.51 -32.89
C TYR B 315 28.19 17.52 -31.53
N CYS B 316 28.99 17.53 -30.46
CA CYS B 316 28.43 17.56 -29.11
C CYS B 316 27.62 18.84 -28.89
N LYS B 317 28.16 19.98 -29.30
CA LYS B 317 27.43 21.25 -29.18
C LYS B 317 26.13 21.20 -29.97
N PHE B 318 26.21 20.71 -31.21
CA PHE B 318 25.01 20.69 -32.06
C PHE B 318 23.95 19.78 -31.46
N LEU B 319 24.31 18.54 -31.13
CA LEU B 319 23.34 17.57 -30.63
C LEU B 319 22.68 18.06 -29.33
N THR B 320 23.49 18.46 -28.35
CA THR B 320 22.92 18.89 -27.07
C THR B 320 22.11 20.17 -27.22
N THR B 321 22.57 21.13 -28.03
CA THR B 321 21.83 22.39 -28.20
C THR B 321 20.50 22.17 -28.91
N GLU B 322 20.49 21.39 -30.00
CA GLU B 322 19.27 21.23 -30.77
C GLU B 322 18.26 20.39 -30.00
N ALA B 323 18.74 19.43 -29.21
CA ALA B 323 17.86 18.69 -28.31
C ALA B 323 17.33 19.60 -27.20
N ARG B 324 18.21 20.42 -26.61
N ARG B 324 18.21 20.42 -26.62
CA ARG B 324 17.80 21.26 -25.49
CA ARG B 324 17.80 21.26 -25.51
C ARG B 324 16.74 22.28 -25.93
C ARG B 324 16.75 22.28 -25.92
N LYS B 325 16.90 22.86 -27.11
CA LYS B 325 15.96 23.89 -27.56
C LYS B 325 14.58 23.31 -27.85
N ARG B 326 14.46 21.99 -28.03
CA ARG B 326 13.18 21.32 -28.24
C ARG B 326 12.61 20.74 -26.95
N GLY B 327 13.24 21.01 -25.81
CA GLY B 327 12.74 20.56 -24.53
C GLY B 327 13.21 19.19 -24.10
N PHE B 328 14.10 18.54 -24.87
CA PHE B 328 14.60 17.23 -24.50
C PHE B 328 15.62 17.35 -23.38
N SER B 329 15.75 16.29 -22.58
CA SER B 329 16.94 16.12 -21.77
C SER B 329 17.94 15.25 -22.52
N THR B 330 19.22 15.41 -22.20
CA THR B 330 20.25 14.56 -22.80
C THR B 330 21.20 14.06 -21.73
N PHE B 331 21.69 12.84 -21.92
CA PHE B 331 22.63 12.23 -20.98
C PHE B 331 23.76 11.59 -21.77
N VAL B 332 24.96 12.16 -21.66
CA VAL B 332 26.09 11.66 -22.43
C VAL B 332 26.58 10.35 -21.83
N TRP B 333 27.01 9.43 -22.70
CA TRP B 333 27.55 8.17 -22.23
C TRP B 333 29.03 8.32 -21.87
N ASP B 334 29.39 7.83 -20.69
CA ASP B 334 30.77 7.85 -20.22
C ASP B 334 31.05 6.51 -19.56
N ASN B 335 32.02 5.76 -20.08
CA ASN B 335 32.36 4.46 -19.49
C ASN B 335 33.77 4.43 -18.92
N ASN B 336 34.40 5.59 -18.77
CA ASN B 336 35.76 5.68 -18.21
C ASN B 336 36.78 4.89 -19.03
N HIS B 337 36.52 4.69 -20.33
N HIS B 337 36.54 4.71 -20.33
CA HIS B 337 37.44 4.04 -21.25
CA HIS B 337 37.47 4.00 -21.21
C HIS B 337 38.04 5.08 -22.17
C HIS B 337 38.05 4.98 -22.22
N PHE B 338 39.37 5.12 -22.25
CA PHE B 338 40.05 6.09 -23.08
C PHE B 338 40.92 5.40 -24.12
N GLY B 339 41.08 6.04 -25.27
CA GLY B 339 41.89 5.43 -26.32
C GLY B 339 41.43 5.90 -27.68
N ASN B 340 41.75 5.09 -28.69
CA ASN B 340 41.46 5.42 -30.09
C ASN B 340 40.83 4.20 -30.74
N GLY B 341 39.51 4.19 -30.86
CA GLY B 341 38.85 3.02 -31.43
C GLY B 341 37.44 2.89 -30.87
N SER B 342 37.01 1.63 -30.73
N SER B 342 36.96 1.66 -30.76
CA SER B 342 35.65 1.32 -30.29
CA SER B 342 35.58 1.46 -30.35
C SER B 342 35.50 1.49 -28.78
C SER B 342 35.46 1.47 -28.83
N GLU B 343 34.30 1.92 -28.37
CA GLU B 343 33.92 1.97 -26.96
C GLU B 343 34.76 2.91 -26.13
N LYS B 344 35.38 3.92 -26.73
CA LYS B 344 36.20 4.87 -25.97
C LYS B 344 35.37 6.10 -25.62
N TYR B 345 34.48 5.92 -24.64
CA TYR B 345 33.55 6.98 -24.27
C TYR B 345 33.91 7.67 -22.96
N GLY B 346 35.10 7.46 -22.44
CA GLY B 346 35.47 8.15 -21.20
C GLY B 346 35.59 9.65 -21.41
N ILE B 347 35.15 10.42 -20.41
CA ILE B 347 35.41 11.85 -20.34
C ILE B 347 36.31 12.17 -19.17
N PHE B 348 35.92 11.75 -17.97
CA PHE B 348 36.67 11.98 -16.74
C PHE B 348 37.47 10.75 -16.37
N ASP B 349 38.73 10.93 -15.97
CA ASP B 349 39.52 9.77 -15.52
C ASP B 349 39.14 9.47 -14.08
N ARG B 350 38.30 8.46 -13.88
CA ARG B 350 37.83 8.15 -12.53
C ARG B 350 38.93 7.62 -11.62
N PHE B 351 40.06 7.21 -12.20
CA PHE B 351 41.19 6.75 -11.41
C PHE B 351 42.15 7.87 -11.00
N LYS B 352 42.00 9.07 -11.56
CA LYS B 352 42.94 10.17 -11.38
C LYS B 352 42.18 11.46 -11.11
N SER B 353 41.41 11.44 -10.03
CA SER B 353 40.73 12.62 -9.52
C SER B 353 39.83 13.27 -10.57
N MET B 354 39.18 12.45 -11.39
CA MET B 354 38.27 12.94 -12.44
C MET B 354 38.93 13.91 -13.40
N LYS B 355 40.22 13.74 -13.67
CA LYS B 355 40.90 14.57 -14.65
C LYS B 355 40.18 14.49 -15.99
N VAL B 356 39.99 15.63 -16.64
CA VAL B 356 39.26 15.64 -17.91
C VAL B 356 40.23 15.18 -19.00
N ASN B 357 40.07 13.92 -19.44
CA ASN B 357 40.86 13.36 -20.53
C ASN B 357 40.23 13.57 -21.91
N ALA B 358 38.95 13.96 -21.99
CA ALA B 358 38.33 14.30 -23.28
C ALA B 358 37.75 15.71 -23.20
N PRO B 359 38.62 16.72 -23.10
CA PRO B 359 38.12 18.10 -22.94
C PRO B 359 37.30 18.58 -24.14
N TRP B 360 37.55 18.02 -25.33
CA TRP B 360 36.79 18.41 -26.51
C TRP B 360 35.30 18.10 -26.32
N ILE B 361 34.96 17.08 -25.55
CA ILE B 361 33.55 16.77 -25.30
C ILE B 361 32.93 17.83 -24.41
N LEU B 362 33.59 18.16 -23.29
CA LEU B 362 33.05 19.17 -22.38
C LEU B 362 33.02 20.55 -23.01
N GLU B 363 34.02 20.88 -23.86
CA GLU B 363 33.97 22.13 -24.61
C GLU B 363 32.73 22.20 -25.49
N GLY B 364 32.34 21.09 -26.11
CA GLY B 364 31.13 21.09 -26.92
C GLY B 364 29.86 21.22 -26.10
N ILE B 365 29.78 20.49 -25.00
CA ILE B 365 28.55 20.51 -24.22
C ILE B 365 28.35 21.84 -23.52
N PHE B 366 29.42 22.39 -22.91
CA PHE B 366 29.28 23.54 -22.03
C PHE B 366 29.97 24.80 -22.53
N GLY B 367 30.84 24.71 -23.54
CA GLY B 367 31.53 25.90 -24.02
C GLY B 367 30.58 26.87 -24.69
N LYS B 368 30.90 28.17 -24.58
CA LYS B 368 30.07 29.20 -25.20
C LYS B 368 30.91 30.03 -26.18
N ASN C 2 -7.05 -23.00 24.26
CA ASN C 2 -6.80 -21.57 24.07
C ASN C 2 -6.66 -21.22 22.59
N ALA C 3 -7.80 -20.94 21.97
CA ALA C 3 -7.82 -20.57 20.57
C ALA C 3 -7.17 -19.21 20.37
N THR C 4 -6.39 -19.08 19.31
CA THR C 4 -5.99 -17.75 18.89
C THR C 4 -7.20 -16.97 18.42
N ALA C 5 -7.01 -15.66 18.24
CA ALA C 5 -8.10 -14.81 17.76
C ALA C 5 -8.60 -15.29 16.40
N GLN C 6 -7.70 -15.66 15.49
CA GLN C 6 -8.16 -16.12 14.18
C GLN C 6 -8.89 -17.45 14.29
N GLN C 7 -8.40 -18.37 15.14
CA GLN C 7 -9.13 -19.62 15.33
C GLN C 7 -10.50 -19.35 15.95
N TRP C 8 -10.58 -18.41 16.88
CA TRP C 8 -11.84 -18.11 17.54
C TRP C 8 -12.84 -17.51 16.54
N ASN C 9 -12.37 -16.65 15.65
CA ASN C 9 -13.26 -15.96 14.73
C ASN C 9 -13.74 -16.82 13.57
N LYS C 10 -13.02 -17.89 13.25
CA LYS C 10 -13.29 -18.65 12.03
C LYS C 10 -14.73 -19.14 11.99
N ASP C 11 -15.43 -18.78 10.93
CA ASP C 11 -16.81 -19.20 10.67
C ASP C 11 -17.78 -18.74 11.75
N VAL C 12 -17.45 -17.71 12.52
CA VAL C 12 -18.38 -17.21 13.54
C VAL C 12 -19.38 -16.27 12.88
N VAL C 13 -20.66 -16.60 13.02
N VAL C 13 -20.66 -16.62 12.97
CA VAL C 13 -21.76 -15.81 12.48
CA VAL C 13 -21.76 -15.80 12.46
C VAL C 13 -22.67 -15.52 13.67
C VAL C 13 -22.67 -15.52 13.65
N GLY C 14 -22.61 -14.29 14.17
CA GLY C 14 -23.19 -13.96 15.45
C GLY C 14 -24.26 -12.89 15.38
N TRP C 15 -24.81 -12.62 16.56
CA TRP C 15 -25.98 -11.77 16.75
C TRP C 15 -25.79 -10.95 18.02
N ASN C 16 -26.19 -9.68 17.95
CA ASN C 16 -26.12 -8.78 19.10
C ASN C 16 -27.39 -8.79 19.93
N LEU C 17 -27.22 -8.94 21.24
CA LEU C 17 -28.32 -8.77 22.19
C LEU C 17 -28.53 -7.27 22.45
N GLY C 18 -29.05 -6.59 21.42
CA GLY C 18 -29.04 -5.12 21.44
C GLY C 18 -30.14 -4.50 22.27
N ASN C 19 -29.80 -3.34 22.84
CA ASN C 19 -30.72 -2.56 23.69
C ASN C 19 -31.24 -3.39 24.86
N GLU C 20 -30.31 -4.03 25.57
CA GLU C 20 -30.63 -4.75 26.79
C GLU C 20 -29.68 -4.31 27.89
N PHE C 21 -28.53 -4.97 28.04
CA PHE C 21 -27.68 -4.67 29.19
C PHE C 21 -26.84 -3.41 29.03
N GLU C 22 -26.90 -2.74 27.88
CA GLU C 22 -26.24 -1.47 27.73
C GLU C 22 -27.17 -0.28 27.88
N CYS C 23 -28.45 -0.51 28.19
N CYS C 23 -28.45 -0.51 28.20
CA CYS C 23 -29.35 0.61 28.45
CA CYS C 23 -29.34 0.60 28.45
C CYS C 23 -28.92 1.36 29.70
C CYS C 23 -28.92 1.36 29.71
N SER C 24 -29.34 2.62 29.79
CA SER C 24 -29.05 3.35 31.02
C SER C 24 -29.96 2.83 32.14
N ALA C 25 -29.66 3.22 33.37
CA ALA C 25 -30.53 2.87 34.47
C ALA C 25 -31.89 3.52 34.22
N PRO C 26 -32.98 2.93 34.71
CA PRO C 26 -34.32 3.47 34.38
C PRO C 26 -34.46 4.93 34.78
N GLY C 27 -34.96 5.73 33.84
CA GLY C 27 -35.15 7.14 34.07
C GLY C 27 -33.91 7.99 33.96
N GLN C 28 -32.77 7.42 33.58
CA GLN C 28 -31.52 8.16 33.48
C GLN C 28 -31.09 8.41 32.05
N ASP C 29 -30.32 9.48 31.88
CA ASP C 29 -29.81 9.90 30.58
C ASP C 29 -28.73 8.94 30.08
N GLY C 30 -28.95 8.35 28.91
CA GLY C 30 -27.95 7.48 28.32
C GLY C 30 -26.67 8.19 27.97
N GLU C 31 -26.69 9.53 27.89
CA GLU C 31 -25.48 10.29 27.59
C GLU C 31 -24.78 10.78 28.84
N SER C 32 -25.33 10.50 30.01
CA SER C 32 -24.70 10.93 31.25
C SER C 32 -23.33 10.27 31.41
N MET C 33 -22.40 11.01 31.97
CA MET C 33 -21.08 10.51 32.28
C MET C 33 -20.92 10.22 33.76
N GLN C 34 -22.02 10.26 34.52
N GLN C 34 -22.01 10.26 34.52
CA GLN C 34 -21.96 9.99 35.94
CA GLN C 34 -21.93 10.00 35.95
C GLN C 34 -21.75 8.51 36.21
C GLN C 34 -21.75 8.51 36.23
N ILE C 35 -21.09 8.22 37.33
N ILE C 35 -21.11 8.22 37.36
CA ILE C 35 -20.82 6.85 37.77
CA ILE C 35 -20.80 6.86 37.78
C ILE C 35 -21.46 6.64 39.13
C ILE C 35 -21.44 6.63 39.14
N GLY C 36 -22.23 5.57 39.26
CA GLY C 36 -22.91 5.29 40.52
C GLY C 36 -23.78 4.06 40.37
N ASN C 37 -24.64 3.84 41.36
CA ASN C 37 -25.52 2.66 41.39
C ASN C 37 -26.91 3.09 41.83
N PRO C 38 -27.63 3.82 40.98
CA PRO C 38 -28.92 4.39 41.40
C PRO C 38 -29.98 3.33 41.61
N ASP C 39 -30.98 3.69 42.40
CA ASP C 39 -32.08 2.79 42.71
C ASP C 39 -32.78 2.34 41.44
N GLY C 40 -32.98 1.03 41.31
CA GLY C 40 -33.57 0.45 40.13
C GLY C 40 -32.60 0.08 39.03
N SER C 41 -31.29 0.31 39.23
CA SER C 41 -30.34 0.06 38.15
C SER C 41 -30.30 -1.42 37.74
N ILE C 42 -30.63 -2.33 38.67
CA ILE C 42 -30.62 -3.76 38.32
C ILE C 42 -31.67 -4.07 37.26
N HIS C 43 -32.63 -3.17 37.03
CA HIS C 43 -33.65 -3.37 36.02
C HIS C 43 -33.30 -2.69 34.71
N ALA C 44 -32.02 -2.38 34.49
CA ALA C 44 -31.64 -1.56 33.34
C ALA C 44 -31.97 -2.23 32.02
N GLU C 45 -32.04 -3.56 31.97
CA GLU C 45 -32.26 -4.20 30.67
C GLU C 45 -33.63 -3.87 30.10
N THR C 46 -34.59 -3.43 30.92
CA THR C 46 -35.90 -2.98 30.46
C THR C 46 -35.99 -1.46 30.30
N ALA C 47 -34.90 -0.73 30.52
CA ALA C 47 -35.03 0.72 30.62
C ALA C 47 -35.31 1.38 29.28
N TRP C 48 -35.02 0.73 28.16
CA TRP C 48 -35.31 1.30 26.85
C TRP C 48 -36.44 0.57 26.13
N GLY C 49 -37.29 -0.12 26.87
CA GLY C 49 -38.52 -0.67 26.31
C GLY C 49 -38.47 -2.13 25.92
N ASN C 50 -37.34 -2.79 26.06
CA ASN C 50 -37.24 -4.19 25.71
C ASN C 50 -37.52 -5.07 26.93
N PRO C 51 -37.76 -6.36 26.72
CA PRO C 51 -38.14 -7.21 27.85
C PRO C 51 -36.92 -7.75 28.60
N VAL C 52 -37.20 -8.38 29.74
CA VAL C 52 -36.18 -9.13 30.46
C VAL C 52 -35.74 -10.30 29.58
N VAL C 53 -34.43 -10.48 29.45
CA VAL C 53 -33.90 -11.54 28.61
C VAL C 53 -34.10 -12.90 29.28
N THR C 54 -34.53 -13.88 28.49
CA THR C 54 -34.80 -15.21 29.00
C THR C 54 -33.93 -16.24 28.29
N LYS C 55 -33.81 -17.41 28.92
CA LYS C 55 -33.04 -18.49 28.29
C LYS C 55 -33.64 -18.88 26.95
N LYS C 56 -34.98 -18.89 26.86
CA LYS C 56 -35.61 -19.27 25.61
C LYS C 56 -35.29 -18.31 24.48
N MET C 57 -35.13 -17.00 24.77
CA MET C 57 -34.68 -16.09 23.71
C MET C 57 -33.31 -16.48 23.21
N ILE C 58 -32.38 -16.77 24.12
N ILE C 58 -32.39 -16.81 24.11
CA ILE C 58 -31.03 -17.20 23.73
CA ILE C 58 -31.04 -17.20 23.71
C ILE C 58 -31.10 -18.47 22.88
C ILE C 58 -31.08 -18.48 22.89
N GLN C 59 -31.95 -19.42 23.27
CA GLN C 59 -32.05 -20.68 22.54
C GLN C 59 -32.61 -20.48 21.15
N ALA C 60 -33.50 -19.50 20.98
CA ALA C 60 -34.04 -19.22 19.65
C ALA C 60 -32.97 -18.69 18.72
N VAL C 61 -32.07 -17.84 19.24
CA VAL C 61 -31.01 -17.31 18.38
C VAL C 61 -30.10 -18.44 17.92
N LYS C 62 -29.79 -19.38 18.83
CA LYS C 62 -29.03 -20.58 18.45
C LYS C 62 -29.75 -21.38 17.37
N LYS C 63 -31.05 -21.63 17.55
CA LYS C 63 -31.78 -22.45 16.59
C LYS C 63 -31.85 -21.79 15.22
N ALA C 64 -31.81 -20.47 15.16
CA ALA C 64 -31.83 -19.79 13.86
C ALA C 64 -30.55 -20.02 13.07
N GLY C 65 -29.47 -20.43 13.74
CA GLY C 65 -28.21 -20.74 13.08
C GLY C 65 -27.03 -19.91 13.56
N PHE C 66 -27.25 -18.89 14.38
CA PHE C 66 -26.13 -18.14 14.93
C PHE C 66 -25.30 -19.02 15.85
N ASN C 67 -23.98 -18.81 15.84
CA ASN C 67 -23.12 -19.59 16.72
C ASN C 67 -22.37 -18.72 17.73
N ALA C 68 -22.78 -17.47 17.90
CA ALA C 68 -22.16 -16.59 18.89
C ALA C 68 -23.12 -15.43 19.15
N ILE C 69 -23.00 -14.87 20.35
CA ILE C 69 -23.78 -13.71 20.75
C ILE C 69 -22.84 -12.66 21.32
N ARG C 70 -23.00 -11.42 20.86
CA ARG C 70 -22.32 -10.28 21.46
C ARG C 70 -23.28 -9.61 22.42
N ILE C 71 -22.81 -9.37 23.65
CA ILE C 71 -23.64 -8.77 24.69
C ILE C 71 -23.10 -7.40 25.06
N PRO C 72 -23.68 -6.33 24.50
CA PRO C 72 -23.36 -4.97 24.97
C PRO C 72 -23.69 -4.85 26.44
N ILE C 73 -22.76 -4.29 27.21
CA ILE C 73 -22.99 -4.10 28.64
C ILE C 73 -22.50 -2.73 29.05
N ARG C 74 -23.38 -1.92 29.64
CA ARG C 74 -22.98 -0.69 30.29
C ARG C 74 -22.69 -0.98 31.76
N TRP C 75 -21.66 -0.32 32.31
CA TRP C 75 -21.26 -0.56 33.70
C TRP C 75 -21.39 0.66 34.59
N GLN C 76 -21.37 1.87 34.01
CA GLN C 76 -21.25 3.10 34.81
C GLN C 76 -22.38 3.28 35.82
N CYS C 77 -23.57 2.73 35.56
CA CYS C 77 -24.68 2.84 36.49
C CYS C 77 -24.84 1.60 37.36
N HIS C 78 -23.80 0.78 37.44
CA HIS C 78 -23.78 -0.40 38.31
C HIS C 78 -22.53 -0.41 39.18
N ILE C 79 -22.05 0.76 39.56
CA ILE C 79 -20.79 0.91 40.29
C ILE C 79 -21.11 1.30 41.72
N THR C 80 -20.57 0.55 42.67
CA THR C 80 -20.79 0.84 44.09
C THR C 80 -19.75 1.79 44.68
N ASN C 81 -18.60 1.97 44.03
CA ASN C 81 -17.61 2.95 44.47
C ASN C 81 -16.88 3.43 43.23
N ALA C 82 -17.10 4.70 42.87
CA ALA C 82 -16.51 5.24 41.65
C ALA C 82 -14.99 5.30 41.71
N GLN C 83 -14.43 5.55 42.90
CA GLN C 83 -12.98 5.62 43.01
C GLN C 83 -12.34 4.28 42.67
N ALA C 84 -12.88 3.19 43.22
CA ALA C 84 -12.34 1.85 42.98
C ALA C 84 -12.96 1.18 41.75
N MET C 85 -14.06 1.74 41.23
CA MET C 85 -14.81 1.13 40.13
C MET C 85 -15.29 -0.28 40.50
N SER C 86 -15.70 -0.45 41.76
CA SER C 86 -16.26 -1.73 42.18
C SER C 86 -17.67 -1.88 41.64
N ILE C 87 -17.99 -3.10 41.21
CA ILE C 87 -19.22 -3.37 40.47
C ILE C 87 -20.24 -4.02 41.39
N ASP C 88 -21.50 -3.61 41.24
CA ASP C 88 -22.59 -4.25 41.96
C ASP C 88 -22.60 -5.75 41.69
N LYS C 89 -22.59 -6.54 42.77
CA LYS C 89 -22.55 -8.00 42.63
C LYS C 89 -23.83 -8.54 42.01
N ALA C 90 -24.97 -7.90 42.26
CA ALA C 90 -26.21 -8.33 41.60
C ALA C 90 -26.11 -8.17 40.09
N TRP C 91 -25.45 -7.11 39.63
CA TRP C 91 -25.29 -6.91 38.19
C TRP C 91 -24.37 -7.98 37.61
N ILE C 92 -23.25 -8.27 38.27
N ILE C 92 -23.25 -8.26 38.27
CA ILE C 92 -22.37 -9.34 37.83
CA ILE C 92 -22.36 -9.34 37.84
C ILE C 92 -23.13 -10.65 37.76
C ILE C 92 -23.13 -10.65 37.76
N ALA C 93 -23.99 -10.91 38.75
CA ALA C 93 -24.73 -12.16 38.78
C ALA C 93 -25.69 -12.27 37.61
N ARG C 94 -26.34 -11.17 37.26
CA ARG C 94 -27.25 -11.16 36.12
C ARG C 94 -26.48 -11.42 34.81
N ILE C 95 -25.36 -10.72 34.62
CA ILE C 95 -24.55 -10.93 33.41
C ILE C 95 -24.08 -12.37 33.33
N LYS C 96 -23.59 -12.92 34.45
CA LYS C 96 -23.12 -14.30 34.44
C LYS C 96 -24.24 -15.27 34.10
N GLU C 97 -25.47 -14.97 34.49
CA GLU C 97 -26.60 -15.83 34.15
C GLU C 97 -26.81 -15.88 32.65
N VAL C 98 -26.79 -14.73 31.99
CA VAL C 98 -27.02 -14.70 30.55
C VAL C 98 -25.82 -15.31 29.82
N VAL C 99 -24.60 -14.99 30.26
CA VAL C 99 -23.42 -15.59 29.64
C VAL C 99 -23.48 -17.10 29.75
N GLY C 100 -23.92 -17.62 30.90
CA GLY C 100 -24.04 -19.06 31.07
C GLY C 100 -25.07 -19.68 30.15
N TRP C 101 -26.23 -19.03 30.00
CA TRP C 101 -27.24 -19.50 29.04
C TRP C 101 -26.64 -19.66 27.65
N CYS C 102 -25.83 -18.68 27.23
CA CYS C 102 -25.24 -18.74 25.90
C CYS C 102 -24.26 -19.90 25.81
N LEU C 103 -23.33 -19.97 26.76
CA LEU C 103 -22.31 -21.02 26.73
C LEU C 103 -22.93 -22.41 26.83
N ASP C 104 -23.96 -22.56 27.66
CA ASP C 104 -24.61 -23.85 27.83
C ASP C 104 -25.44 -24.26 26.61
N ASN C 105 -25.71 -23.34 25.70
CA ASN C 105 -26.45 -23.68 24.49
C ASN C 105 -25.58 -23.53 23.23
N GLY C 106 -24.29 -23.76 23.39
CA GLY C 106 -23.40 -23.87 22.24
C GLY C 106 -23.15 -22.59 21.50
N LEU C 107 -23.03 -21.47 22.22
CA LEU C 107 -22.73 -20.19 21.61
C LEU C 107 -21.43 -19.64 22.18
N LYS C 108 -20.59 -19.11 21.29
CA LYS C 108 -19.53 -18.22 21.73
C LYS C 108 -20.15 -16.92 22.24
N VAL C 109 -19.40 -16.19 23.07
CA VAL C 109 -19.90 -14.95 23.68
C VAL C 109 -18.84 -13.88 23.63
N ILE C 110 -19.25 -12.65 23.33
CA ILE C 110 -18.45 -11.45 23.60
C ILE C 110 -19.15 -10.63 24.68
N ILE C 111 -18.42 -10.23 25.71
CA ILE C 111 -18.90 -9.20 26.62
C ILE C 111 -17.98 -7.99 26.49
N ASN C 112 -18.53 -6.80 26.71
CA ASN C 112 -17.75 -5.60 26.47
C ASN C 112 -18.11 -4.53 27.49
N VAL C 113 -17.59 -3.33 27.23
CA VAL C 113 -17.90 -2.09 27.95
C VAL C 113 -18.51 -1.18 26.91
N HIS C 114 -19.81 -0.85 27.06
CA HIS C 114 -20.64 -0.33 25.98
C HIS C 114 -21.47 0.84 26.49
N HIS C 115 -21.50 1.95 25.74
CA HIS C 115 -22.17 3.20 26.15
C HIS C 115 -21.63 3.68 27.50
N GLU C 116 -20.34 3.46 27.74
CA GLU C 116 -19.69 3.83 29.00
C GLU C 116 -19.22 5.27 28.83
N LYS C 117 -20.11 6.24 29.09
CA LYS C 117 -19.93 7.55 28.47
C LYS C 117 -18.80 8.36 29.10
N TRP C 118 -18.47 8.16 30.38
CA TRP C 118 -17.31 8.88 30.93
C TRP C 118 -16.06 8.54 30.16
N LEU C 119 -16.01 7.32 29.63
CA LEU C 119 -14.90 6.84 28.82
C LEU C 119 -15.05 7.27 27.36
N GLU C 120 -16.21 6.96 26.75
CA GLU C 120 -16.38 7.17 25.32
C GLU C 120 -16.39 8.65 24.95
N SER C 121 -16.98 9.51 25.79
CA SER C 121 -17.22 10.89 25.40
C SER C 121 -16.07 11.82 25.73
N ARG C 122 -15.02 11.32 26.39
CA ARG C 122 -13.93 12.19 26.83
C ARG C 122 -12.56 11.67 26.38
N PRO C 123 -12.38 11.38 25.08
CA PRO C 123 -11.02 10.97 24.65
C PRO C 123 -10.10 12.16 24.45
N THR C 124 -9.69 12.79 25.54
CA THR C 124 -8.91 14.02 25.48
C THR C 124 -7.82 13.96 26.54
N TYR C 125 -6.75 14.75 26.33
CA TYR C 125 -5.68 14.79 27.33
C TYR C 125 -6.19 15.25 28.67
N GLN C 126 -7.24 16.07 28.66
CA GLN C 126 -7.82 16.55 29.91
C GLN C 126 -8.24 15.39 30.80
N TYR C 127 -8.74 14.30 30.20
CA TYR C 127 -9.29 13.19 30.98
C TYR C 127 -8.50 11.91 30.77
N LYS C 128 -7.39 11.97 30.05
CA LYS C 128 -6.67 10.75 29.69
C LYS C 128 -6.23 9.97 30.91
N GLU C 129 -5.64 10.65 31.90
CA GLU C 129 -5.14 9.95 33.08
C GLU C 129 -6.28 9.38 33.92
N GLU C 130 -7.30 10.20 34.18
CA GLU C 130 -8.45 9.70 34.94
C GLU C 130 -9.13 8.53 34.24
N ASN C 131 -9.32 8.65 32.92
CA ASN C 131 -10.04 7.61 32.20
C ASN C 131 -9.26 6.31 32.16
N CYS C 132 -7.94 6.39 31.97
CA CYS C 132 -7.14 5.18 31.94
C CYS C 132 -7.12 4.51 33.30
N GLN C 133 -7.10 5.29 34.37
CA GLN C 133 -7.15 4.70 35.72
C GLN C 133 -8.48 4.01 35.96
N LYS C 134 -9.58 4.67 35.62
CA LYS C 134 -10.89 4.06 35.82
C LYS C 134 -11.08 2.84 34.93
N LEU C 135 -10.65 2.92 33.66
CA LEU C 135 -10.77 1.77 32.77
C LEU C 135 -9.96 0.59 33.30
N ALA C 136 -8.77 0.87 33.82
CA ALA C 136 -7.95 -0.19 34.40
C ALA C 136 -8.66 -0.86 35.57
N LEU C 137 -9.28 -0.05 36.44
CA LEU C 137 -9.95 -0.61 37.61
C LEU C 137 -11.19 -1.38 37.20
N LEU C 138 -11.95 -0.84 36.24
CA LEU C 138 -13.15 -1.49 35.78
C LEU C 138 -12.84 -2.86 35.16
N TRP C 139 -11.88 -2.89 34.24
CA TRP C 139 -11.55 -4.16 33.60
C TRP C 139 -10.89 -5.15 34.56
N MET C 140 -10.16 -4.66 35.56
CA MET C 140 -9.63 -5.58 36.56
C MET C 140 -10.76 -6.32 37.26
N ASN C 141 -11.86 -5.61 37.54
CA ASN C 141 -12.98 -6.25 38.23
C ASN C 141 -13.81 -7.13 37.30
N ILE C 142 -14.09 -6.67 36.07
CA ILE C 142 -14.80 -7.54 35.12
C ILE C 142 -14.00 -8.80 34.85
N ALA C 143 -12.75 -8.63 34.46
CA ALA C 143 -11.93 -9.78 34.08
C ALA C 143 -11.76 -10.74 35.25
N SER C 144 -11.61 -10.22 36.47
CA SER C 144 -11.47 -11.12 37.61
C SER C 144 -12.72 -11.96 37.82
N GLU C 145 -13.90 -11.37 37.62
CA GLU C 145 -15.13 -12.11 37.81
C GLU C 145 -15.31 -13.21 36.77
N PHE C 146 -14.78 -13.01 35.56
CA PHE C 146 -14.96 -13.99 34.48
C PHE C 146 -13.71 -14.80 34.18
N ALA C 147 -12.71 -14.77 35.08
CA ALA C 147 -11.40 -15.31 34.75
C ALA C 147 -11.44 -16.80 34.43
N ASN C 148 -12.35 -17.56 35.05
CA ASN C 148 -12.34 -19.01 34.89
C ASN C 148 -13.26 -19.51 33.78
N TYR C 149 -13.92 -18.62 33.05
CA TYR C 149 -14.73 -19.05 31.92
C TYR C 149 -13.85 -19.55 30.80
N ASP C 150 -14.35 -20.55 30.07
CA ASP C 150 -13.54 -21.18 29.02
C ASP C 150 -13.37 -20.20 27.86
N SER C 151 -12.62 -20.63 26.85
N SER C 151 -12.62 -20.63 26.85
CA SER C 151 -12.19 -19.73 25.78
CA SER C 151 -12.18 -19.74 25.77
C SER C 151 -13.30 -19.31 24.85
C SER C 151 -13.30 -19.33 24.83
N ARG C 152 -14.49 -19.92 24.94
CA ARG C 152 -15.61 -19.46 24.11
C ARG C 152 -16.06 -18.07 24.50
N LEU C 153 -15.68 -17.58 25.68
CA LEU C 153 -15.95 -16.22 26.12
C LEU C 153 -14.78 -15.31 25.76
N ALA C 154 -15.05 -14.26 24.97
CA ALA C 154 -14.08 -13.23 24.63
C ALA C 154 -14.46 -11.91 25.27
N PHE C 155 -13.47 -11.05 25.45
CA PHE C 155 -13.64 -9.70 25.98
C PHE C 155 -13.37 -8.66 24.90
N ALA C 156 -14.26 -7.67 24.77
CA ALA C 156 -14.02 -6.48 23.94
C ALA C 156 -13.91 -5.27 24.86
N GLY C 157 -12.79 -4.55 24.76
CA GLY C 157 -12.44 -3.58 25.81
C GLY C 157 -13.34 -2.37 25.88
N THR C 158 -13.75 -1.85 24.73
CA THR C 158 -14.59 -0.64 24.65
C THR C 158 -15.61 -0.83 23.54
N ASN C 159 -16.42 0.20 23.32
CA ASN C 159 -17.29 0.20 22.15
C ASN C 159 -16.92 1.36 21.23
N GLU C 160 -17.78 2.38 21.12
CA GLU C 160 -17.57 3.46 20.16
C GLU C 160 -17.12 4.72 20.90
N VAL C 161 -15.80 4.95 20.89
CA VAL C 161 -15.20 6.12 21.52
C VAL C 161 -15.26 7.30 20.55
N HIS C 162 -15.89 8.41 20.98
CA HIS C 162 -15.94 9.63 20.17
C HIS C 162 -16.53 10.78 20.97
N ILE C 163 -16.11 11.99 20.59
CA ILE C 163 -16.74 13.19 21.11
C ILE C 163 -18.23 13.16 20.77
N ARG C 164 -19.06 13.51 21.75
CA ARG C 164 -20.51 13.50 21.55
C ARG C 164 -20.91 14.25 20.29
N ASP C 165 -21.73 13.59 19.46
CA ASP C 165 -22.31 14.10 18.22
C ASP C 165 -21.29 14.29 17.10
N ASN C 166 -20.04 13.85 17.30
CA ASN C 166 -19.00 13.96 16.28
C ASN C 166 -18.67 12.54 15.82
N TRP C 167 -18.97 12.24 14.56
CA TRP C 167 -18.77 10.91 14.00
C TRP C 167 -17.62 10.88 12.99
N GLY C 168 -16.86 11.98 12.89
CA GLY C 168 -15.81 12.10 11.91
C GLY C 168 -14.45 11.67 12.45
N LYS C 169 -13.42 11.90 11.62
CA LYS C 169 -12.08 11.39 11.88
C LYS C 169 -11.56 11.98 13.20
N PRO C 170 -10.88 11.19 14.03
CA PRO C 170 -10.35 11.73 15.28
C PRO C 170 -9.20 12.70 15.04
N THR C 171 -9.02 13.62 15.98
CA THR C 171 -7.78 14.38 16.00
C THR C 171 -6.65 13.47 16.48
N ALA C 172 -5.40 13.97 16.35
CA ALA C 172 -4.26 13.23 16.86
C ALA C 172 -4.38 13.01 18.36
N GLU C 173 -4.92 14.01 19.07
CA GLU C 173 -5.22 13.88 20.50
C GLU C 173 -6.23 12.78 20.76
N ASN C 174 -7.36 12.80 20.05
CA ASN C 174 -8.39 11.78 20.24
C ASN C 174 -7.82 10.39 20.02
N LEU C 175 -7.05 10.24 18.95
CA LEU C 175 -6.52 8.93 18.58
C LEU C 175 -5.52 8.42 19.60
N GLU C 176 -4.67 9.30 20.12
CA GLU C 176 -3.70 8.93 21.14
C GLU C 176 -4.40 8.40 22.39
N VAL C 177 -5.42 9.11 22.85
CA VAL C 177 -6.11 8.71 24.07
C VAL C 177 -6.85 7.40 23.86
N GLN C 178 -7.50 7.24 22.71
CA GLN C 178 -8.27 6.04 22.45
C GLN C 178 -7.37 4.82 22.24
N ASN C 179 -6.21 4.99 21.59
CA ASN C 179 -5.26 3.88 21.53
C ASN C 179 -4.74 3.51 22.91
N ALA C 180 -4.61 4.49 23.80
CA ALA C 180 -4.17 4.18 25.16
C ALA C 180 -5.21 3.34 25.88
N TYR C 181 -6.50 3.61 25.65
CA TYR C 181 -7.56 2.76 26.19
C TYR C 181 -7.30 1.30 25.85
N ASN C 182 -6.99 1.03 24.58
CA ASN C 182 -6.81 -0.34 24.14
C ASN C 182 -5.64 -1.00 24.85
N GLN C 183 -4.53 -0.27 25.02
CA GLN C 183 -3.37 -0.83 25.71
C GLN C 183 -3.64 -1.07 27.19
N ILE C 184 -4.39 -0.17 27.83
CA ILE C 184 -4.71 -0.34 29.25
C ILE C 184 -5.54 -1.60 29.45
N PHE C 185 -6.53 -1.81 28.58
CA PHE C 185 -7.37 -2.99 28.63
C PHE C 185 -6.54 -4.28 28.56
N VAL C 186 -5.67 -4.38 27.55
CA VAL C 186 -4.83 -5.57 27.41
C VAL C 186 -3.94 -5.75 28.66
N ASP C 187 -3.31 -4.65 29.11
CA ASP C 187 -2.41 -4.75 30.27
C ASP C 187 -3.13 -5.35 31.47
N VAL C 188 -4.31 -4.84 31.79
N VAL C 188 -4.32 -4.85 31.79
CA VAL C 188 -4.95 -5.23 33.04
CA VAL C 188 -4.92 -5.24 33.06
C VAL C 188 -5.52 -6.63 32.96
C VAL C 188 -5.57 -6.63 32.98
N VAL C 189 -6.16 -6.99 31.84
CA VAL C 189 -6.79 -8.30 31.72
C VAL C 189 -5.74 -9.40 31.85
N ARG C 190 -4.62 -9.27 31.14
CA ARG C 190 -3.60 -10.30 31.22
C ARG C 190 -3.10 -10.47 32.64
N ALA C 191 -3.09 -9.40 33.42
CA ALA C 191 -2.60 -9.46 34.80
C ALA C 191 -3.55 -10.21 35.73
N THR C 192 -4.79 -10.48 35.31
CA THR C 192 -5.77 -11.12 36.19
C THR C 192 -5.75 -12.63 36.12
N GLY C 193 -4.96 -13.22 35.22
CA GLY C 193 -4.74 -14.65 35.29
C GLY C 193 -5.95 -15.49 34.96
N GLY C 194 -5.97 -16.69 35.52
CA GLY C 194 -6.99 -17.65 35.12
C GLY C 194 -6.84 -17.97 33.65
N ASN C 195 -7.97 -18.08 32.97
CA ASN C 195 -7.94 -18.25 31.53
CA ASN C 195 -7.93 -18.25 31.53
C ASN C 195 -7.79 -16.92 30.80
N ASN C 196 -7.55 -15.82 31.53
CA ASN C 196 -7.45 -14.54 30.87
C ASN C 196 -6.07 -14.29 30.26
N ALA C 197 -5.09 -15.14 30.55
CA ALA C 197 -3.75 -14.94 29.99
C ALA C 197 -3.77 -15.05 28.47
N LYS C 198 -4.59 -15.95 27.92
CA LYS C 198 -4.69 -16.14 26.48
C LYS C 198 -6.13 -16.06 25.99
N ARG C 199 -7.01 -15.45 26.77
CA ARG C 199 -8.36 -15.17 26.29
C ARG C 199 -8.30 -14.29 25.05
N HIS C 200 -9.23 -14.51 24.12
CA HIS C 200 -9.40 -13.64 22.97
C HIS C 200 -9.80 -12.24 23.42
N LEU C 201 -8.95 -11.25 23.16
CA LEU C 201 -9.24 -9.86 23.49
C LEU C 201 -9.48 -9.07 22.20
N ILE C 202 -10.51 -8.23 22.21
CA ILE C 202 -11.00 -7.56 21.02
C ILE C 202 -10.88 -6.05 21.24
N LEU C 203 -10.19 -5.38 20.30
CA LEU C 203 -9.73 -4.00 20.41
C LEU C 203 -10.40 -3.17 19.33
N GLN C 204 -10.85 -1.96 19.67
CA GLN C 204 -11.67 -1.18 18.75
C GLN C 204 -10.85 -0.15 18.01
N THR C 205 -11.21 0.10 16.76
CA THR C 205 -10.73 1.31 16.11
C THR C 205 -11.54 2.51 16.63
N TYR C 206 -11.06 3.71 16.31
CA TYR C 206 -11.71 4.91 16.80
C TYR C 206 -13.14 4.97 16.29
N VAL C 207 -14.09 5.22 17.20
CA VAL C 207 -15.54 5.18 17.00
C VAL C 207 -15.97 3.95 16.19
N CYS C 208 -15.16 2.88 16.27
CA CYS C 208 -15.37 1.65 15.53
C CYS C 208 -15.59 1.89 14.04
N ASN C 209 -15.02 2.96 13.51
CA ASN C 209 -14.99 3.16 12.07
C ASN C 209 -13.64 2.65 11.57
N PRO C 210 -13.61 1.65 10.69
CA PRO C 210 -12.31 1.05 10.30
C PRO C 210 -11.40 2.01 9.56
N TRP C 211 -11.97 2.97 8.82
CA TRP C 211 -11.16 3.95 8.10
C TRP C 211 -10.38 4.86 9.04
N PHE C 212 -10.75 4.91 10.31
CA PHE C 212 -10.04 5.73 11.26
C PHE C 212 -8.92 4.96 11.97
N GLY C 213 -8.72 3.70 11.58
CA GLY C 213 -7.60 2.95 12.11
C GLY C 213 -6.72 2.28 11.07
N ILE C 214 -7.25 2.05 9.86
CA ILE C 214 -6.58 1.18 8.90
C ILE C 214 -5.46 1.86 8.13
N GLU C 215 -5.34 3.18 8.21
CA GLU C 215 -4.32 3.91 7.47
C GLU C 215 -3.23 4.40 8.42
N ASN C 216 -1.98 4.37 7.94
CA ASN C 216 -0.87 5.11 8.54
C ASN C 216 -0.55 4.63 9.95
N GLY C 217 -0.88 3.37 10.26
CA GLY C 217 -0.76 2.91 11.64
C GLY C 217 -1.62 3.66 12.63
N ASP C 218 -2.76 4.22 12.20
CA ASP C 218 -3.61 4.97 13.13
C ASP C 218 -4.06 4.10 14.29
N PHE C 219 -4.53 2.89 14.01
CA PHE C 219 -4.78 1.89 15.04
C PHE C 219 -3.45 1.29 15.47
N ILE C 220 -3.12 1.40 16.75
CA ILE C 220 -1.84 0.90 17.26
C ILE C 220 -2.09 -0.47 17.87
N ILE C 221 -1.38 -1.49 17.36
CA ILE C 221 -1.50 -2.82 17.92
C ILE C 221 -0.87 -2.82 19.31
N PRO C 222 -1.63 -3.15 20.35
CA PRO C 222 -1.07 -3.11 21.70
C PRO C 222 0.00 -4.16 21.88
N LYS C 223 0.89 -3.90 22.84
CA LYS C 223 1.83 -4.93 23.27
C LYS C 223 1.13 -5.89 24.22
N ASP C 224 1.14 -7.18 23.89
CA ASP C 224 0.47 -8.19 24.69
C ASP C 224 1.49 -8.91 25.57
N ALA C 225 1.01 -9.83 26.40
CA ALA C 225 1.88 -10.56 27.32
C ALA C 225 2.99 -11.29 26.57
N GLU C 226 4.14 -11.45 27.23
CA GLU C 226 5.27 -12.12 26.59
C GLU C 226 4.88 -13.52 26.14
N GLY C 227 5.14 -13.82 24.87
CA GLY C 227 4.79 -15.10 24.30
C GLY C 227 3.49 -15.11 23.53
N ASN C 228 2.58 -14.17 23.80
CA ASN C 228 1.33 -14.10 23.06
C ASN C 228 1.52 -13.60 21.62
N GLY C 229 2.47 -12.71 21.37
CA GLY C 229 2.50 -12.07 20.05
C GLY C 229 1.23 -11.28 19.78
N ASN C 230 0.88 -11.14 18.51
CA ASN C 230 -0.40 -10.55 18.10
C ASN C 230 -1.56 -11.54 18.11
N ASN C 231 -1.32 -12.82 18.39
CA ASN C 231 -2.25 -13.89 18.00
C ASN C 231 -3.52 -13.99 18.85
N TYR C 232 -3.59 -13.33 20.01
CA TYR C 232 -4.75 -13.47 20.88
C TYR C 232 -5.57 -12.19 20.94
N MET C 233 -5.42 -11.34 19.91
CA MET C 233 -6.06 -10.03 19.83
C MET C 233 -6.77 -9.94 18.49
N SER C 234 -7.96 -9.34 18.49
CA SER C 234 -8.65 -8.93 17.28
C SER C 234 -8.78 -7.42 17.22
N VAL C 235 -8.86 -6.91 16.00
CA VAL C 235 -9.32 -5.56 15.71
C VAL C 235 -10.82 -5.63 15.43
N GLU C 236 -11.57 -4.78 16.11
CA GLU C 236 -13.02 -4.66 15.92
C GLU C 236 -13.36 -3.35 15.25
N PHE C 237 -14.24 -3.43 14.27
CA PHE C 237 -14.90 -2.24 13.77
C PHE C 237 -16.35 -2.57 13.54
N HIS C 238 -17.15 -1.54 13.38
CA HIS C 238 -18.54 -1.69 13.01
C HIS C 238 -18.69 -1.29 11.56
N TYR C 239 -19.62 -1.94 10.86
CA TYR C 239 -19.64 -1.84 9.40
C TYR C 239 -21.07 -1.72 8.89
N TYR C 240 -21.73 -0.63 9.29
CA TYR C 240 -23.04 -0.29 8.72
C TYR C 240 -22.82 0.49 7.41
N GLN C 241 -22.22 -0.20 6.44
CA GLN C 241 -21.74 0.52 5.27
C GLN C 241 -22.32 -0.07 3.99
N PRO C 242 -22.62 0.77 3.00
CA PRO C 242 -22.53 2.23 3.06
C PRO C 242 -23.64 2.79 3.96
N TRP C 243 -23.33 3.81 4.77
CA TRP C 243 -24.31 4.31 5.74
C TRP C 243 -25.55 4.86 5.06
N SER C 244 -25.39 5.44 3.87
CA SER C 244 -26.52 5.96 3.10
C SER C 244 -27.54 4.87 2.77
N TYR C 245 -27.15 3.60 2.82
CA TYR C 245 -28.08 2.49 2.66
C TYR C 245 -28.41 1.81 3.98
N ALA C 246 -27.41 1.48 4.77
CA ALA C 246 -27.63 0.67 5.96
C ALA C 246 -28.16 1.49 7.13
N GLY C 247 -27.94 2.79 7.14
CA GLY C 247 -28.23 3.56 8.33
C GLY C 247 -29.27 4.64 8.15
N ASP C 248 -29.10 5.52 7.16
CA ASP C 248 -29.90 6.73 7.11
C ASP C 248 -30.94 6.75 6.00
N CYS C 249 -31.13 5.63 5.30
CA CYS C 249 -32.26 5.40 4.40
C CYS C 249 -32.24 6.32 3.19
N THR C 250 -31.07 6.84 2.82
CA THR C 250 -31.01 7.65 1.61
C THR C 250 -31.28 6.80 0.37
N TYR C 251 -30.79 5.56 0.36
CA TYR C 251 -31.01 4.63 -0.73
C TYR C 251 -31.82 3.44 -0.23
N ASP C 252 -32.73 2.95 -1.08
CA ASP C 252 -33.49 1.75 -0.82
C ASP C 252 -32.84 0.50 -1.41
N TYR C 253 -31.79 0.66 -2.21
CA TYR C 253 -31.20 -0.44 -2.94
C TYR C 253 -29.68 -0.34 -2.83
N TRP C 254 -29.00 -1.46 -3.05
CA TRP C 254 -27.56 -1.52 -2.91
C TRP C 254 -26.96 -2.52 -3.90
N GLY C 255 -25.86 -2.13 -4.53
CA GLY C 255 -25.10 -3.07 -5.32
C GLY C 255 -25.38 -2.97 -6.80
N ASP C 256 -24.36 -3.26 -7.60
CA ASP C 256 -24.54 -3.27 -9.05
C ASP C 256 -25.59 -4.28 -9.48
N ALA C 257 -25.72 -5.40 -8.76
CA ALA C 257 -26.72 -6.40 -9.10
C ALA C 257 -28.14 -5.83 -9.07
N TYR C 258 -28.37 -4.79 -8.27
CA TYR C 258 -29.70 -4.17 -8.18
C TYR C 258 -29.75 -2.77 -8.76
N LYS C 259 -28.83 -2.43 -9.68
CA LYS C 259 -28.80 -1.09 -10.24
C LYS C 259 -30.08 -0.76 -11.00
N ASP C 260 -30.78 -1.78 -11.51
CA ASP C 260 -32.00 -1.57 -12.28
C ASP C 260 -33.22 -1.42 -11.40
N ALA C 261 -33.13 -1.74 -10.11
CA ALA C 261 -34.29 -1.65 -9.22
C ALA C 261 -34.52 -0.23 -8.73
N GLY C 262 -33.46 0.53 -8.55
CA GLY C 262 -33.58 1.89 -8.04
C GLY C 262 -32.21 2.52 -7.93
N LYS C 263 -32.16 3.69 -7.30
CA LYS C 263 -30.90 4.37 -7.08
C LYS C 263 -30.06 3.60 -6.05
N ILE C 264 -28.79 3.36 -6.37
CA ILE C 264 -27.89 2.66 -5.46
C ILE C 264 -26.76 3.60 -5.10
N PRO C 265 -26.11 3.39 -3.96
CA PRO C 265 -24.94 4.21 -3.61
C PRO C 265 -23.79 3.92 -4.57
N ALA C 266 -22.84 4.85 -4.59
CA ALA C 266 -21.62 4.62 -5.34
C ALA C 266 -20.84 3.42 -4.79
N ASP C 267 -20.79 3.29 -3.47
CA ASP C 267 -20.14 2.15 -2.85
C ASP C 267 -20.92 0.87 -3.15
N ASN C 268 -20.24 -0.14 -3.68
CA ASN C 268 -20.93 -1.32 -4.19
C ASN C 268 -20.20 -2.57 -3.72
N GLU C 269 -20.45 -3.70 -4.40
CA GLU C 269 -19.82 -4.96 -4.00
C GLU C 269 -18.30 -4.84 -4.02
N LYS C 270 -17.75 -4.23 -5.08
CA LYS C 270 -16.30 -4.12 -5.19
C LYS C 270 -15.73 -3.21 -4.10
N THR C 271 -16.43 -2.12 -3.77
CA THR C 271 -15.98 -1.27 -2.69
C THR C 271 -15.86 -2.05 -1.39
N MET C 272 -16.83 -2.94 -1.12
CA MET C 272 -16.78 -3.72 0.10
C MET C 272 -15.63 -4.72 0.10
N THR C 273 -15.47 -5.48 -0.99
CA THR C 273 -14.43 -6.50 -0.98
C THR C 273 -13.04 -5.88 -1.06
N ASP C 274 -12.90 -4.75 -1.75
CA ASP C 274 -11.63 -4.03 -1.71
C ASP C 274 -11.28 -3.59 -0.30
N PHE C 275 -12.28 -3.12 0.46
CA PHE C 275 -12.03 -2.76 1.85
C PHE C 275 -11.70 -3.99 2.70
N PHE C 276 -12.46 -5.08 2.56
CA PHE C 276 -12.13 -6.28 3.32
C PHE C 276 -10.72 -6.77 3.01
N ASP C 277 -10.31 -6.72 1.73
CA ASP C 277 -8.96 -7.10 1.36
C ASP C 277 -7.93 -6.22 2.05
N LYS C 278 -8.21 -4.92 2.14
CA LYS C 278 -7.31 -4.01 2.82
C LYS C 278 -7.18 -4.40 4.28
N ALA C 279 -8.28 -4.82 4.90
CA ALA C 279 -8.24 -5.24 6.30
C ALA C 279 -7.38 -6.49 6.46
N VAL C 280 -7.47 -7.43 5.51
CA VAL C 280 -6.63 -8.63 5.56
C VAL C 280 -5.16 -8.25 5.46
N ASN C 281 -4.82 -7.38 4.51
CA ASN C 281 -3.43 -7.01 4.26
C ASN C 281 -2.85 -6.19 5.40
N THR C 282 -3.69 -5.41 6.09
CA THR C 282 -3.21 -4.51 7.13
C THR C 282 -3.18 -5.19 8.50
N TRP C 283 -4.18 -6.01 8.82
CA TRP C 283 -4.34 -6.55 10.16
C TRP C 283 -4.25 -8.07 10.21
N SER C 284 -5.04 -8.78 9.41
N SER C 284 -5.02 -8.77 9.38
CA SER C 284 -5.02 -10.25 9.45
CA SER C 284 -5.03 -10.23 9.41
C SER C 284 -3.62 -10.79 9.18
C SER C 284 -3.66 -10.82 9.14
N ASN C 285 -2.93 -10.26 8.17
CA ASN C 285 -1.61 -10.75 7.83
C ASN C 285 -0.58 -10.52 8.94
N LYS C 286 -0.88 -9.68 9.91
CA LYS C 286 0.01 -9.52 11.07
C LYS C 286 -0.33 -10.47 12.20
N GLY C 287 -1.28 -11.39 11.99
CA GLY C 287 -1.67 -12.36 13.00
C GLY C 287 -2.89 -11.98 13.81
N LEU C 288 -3.46 -10.79 13.59
CA LEU C 288 -4.63 -10.34 14.33
C LEU C 288 -5.90 -10.99 13.78
N GLY C 289 -6.88 -11.18 14.67
CA GLY C 289 -8.23 -11.47 14.22
C GLY C 289 -8.96 -10.21 13.81
N ILE C 290 -10.09 -10.41 13.13
N ILE C 290 -10.09 -10.40 13.12
CA ILE C 290 -10.98 -9.33 12.69
CA ILE C 290 -10.95 -9.30 12.71
C ILE C 290 -12.38 -9.65 13.16
C ILE C 290 -12.37 -9.62 13.13
N VAL C 291 -12.98 -8.73 13.92
CA VAL C 291 -14.33 -8.87 14.42
C VAL C 291 -15.16 -7.75 13.80
N ILE C 292 -16.13 -8.08 12.95
CA ILE C 292 -17.14 -7.08 12.61
C ILE C 292 -18.20 -7.15 13.71
N GLY C 293 -18.06 -6.28 14.72
CA GLY C 293 -18.86 -6.41 15.92
C GLY C 293 -20.30 -5.97 15.79
N GLU C 294 -20.59 -5.11 14.81
CA GLU C 294 -21.95 -4.70 14.49
C GLU C 294 -22.03 -4.42 13.00
N TRP C 295 -23.12 -4.88 12.40
CA TRP C 295 -23.48 -4.55 11.03
C TRP C 295 -24.98 -4.77 10.92
N GLY C 296 -25.56 -4.26 9.85
CA GLY C 296 -26.98 -4.47 9.67
C GLY C 296 -27.56 -3.41 8.77
N VAL C 297 -28.78 -3.67 8.31
CA VAL C 297 -29.49 -2.71 7.47
C VAL C 297 -30.84 -2.43 8.10
N THR C 298 -31.11 -1.17 8.40
CA THR C 298 -32.39 -0.82 9.00
C THR C 298 -33.52 -1.09 8.02
N ASP C 299 -34.63 -1.60 8.53
CA ASP C 299 -35.76 -1.88 7.66
C ASP C 299 -36.34 -0.56 7.16
N HIS C 300 -36.34 -0.35 5.85
CA HIS C 300 -36.85 0.89 5.28
C HIS C 300 -37.18 0.68 3.81
N TYR C 301 -38.20 1.40 3.35
CA TYR C 301 -38.60 1.37 1.94
C TYR C 301 -39.57 2.51 1.70
N LYS C 302 -39.42 3.16 0.54
CA LYS C 302 -40.40 4.17 0.13
C LYS C 302 -41.58 3.52 -0.57
N SER C 303 -41.35 2.36 -1.18
CA SER C 303 -42.33 1.61 -1.94
C SER C 303 -41.68 0.27 -2.25
N ASN C 304 -42.50 -0.67 -2.71
CA ASN C 304 -42.05 -1.99 -3.16
C ASN C 304 -41.17 -2.66 -2.10
N SER C 305 -41.82 -2.98 -0.98
CA SER C 305 -41.12 -3.62 0.12
C SER C 305 -40.53 -4.96 -0.31
N GLU C 306 -41.18 -5.67 -1.23
CA GLU C 306 -40.71 -6.99 -1.59
C GLU C 306 -39.35 -6.93 -2.28
N LYS C 307 -39.20 -6.04 -3.26
CA LYS C 307 -37.92 -5.93 -3.95
C LYS C 307 -36.84 -5.38 -3.02
N VAL C 308 -37.19 -4.37 -2.21
CA VAL C 308 -36.24 -3.83 -1.24
C VAL C 308 -35.74 -4.91 -0.30
N HIS C 309 -36.65 -5.74 0.21
CA HIS C 309 -36.23 -6.80 1.13
C HIS C 309 -35.42 -7.88 0.41
N GLU C 310 -35.72 -8.12 -0.86
CA GLU C 310 -34.90 -9.02 -1.66
C GLU C 310 -33.46 -8.51 -1.75
N ASN C 311 -33.28 -7.21 -2.01
CA ASN C 311 -31.95 -6.61 -2.07
C ASN C 311 -31.26 -6.68 -0.70
N MET C 312 -32.04 -6.58 0.39
CA MET C 312 -31.47 -6.68 1.72
C MET C 312 -30.91 -8.08 1.95
N THR C 313 -31.64 -9.10 1.50
CA THR C 313 -31.15 -10.48 1.53
C THR C 313 -29.81 -10.60 0.82
N TYR C 314 -29.73 -10.04 -0.39
CA TYR C 314 -28.48 -10.05 -1.16
C TYR C 314 -27.36 -9.36 -0.39
N TYR C 315 -27.66 -8.20 0.20
CA TYR C 315 -26.64 -7.47 0.95
C TYR C 315 -26.15 -8.29 2.13
N CYS C 316 -27.06 -8.90 2.88
CA CYS C 316 -26.67 -9.69 4.05
C CYS C 316 -25.82 -10.89 3.64
N LYS C 317 -26.26 -11.60 2.59
CA LYS C 317 -25.48 -12.74 2.09
C LYS C 317 -24.09 -12.32 1.65
N PHE C 318 -24.01 -11.23 0.88
CA PHE C 318 -22.73 -10.78 0.38
C PHE C 318 -21.79 -10.37 1.52
N LEU C 319 -22.29 -9.57 2.47
CA LEU C 319 -21.42 -9.06 3.53
C LEU C 319 -20.93 -10.20 4.41
N THR C 320 -21.82 -11.07 4.86
CA THR C 320 -21.39 -12.12 5.78
C THR C 320 -20.53 -13.17 5.08
N THR C 321 -20.82 -13.48 3.81
CA THR C 321 -20.04 -14.48 3.10
C THR C 321 -18.64 -13.96 2.80
N GLU C 322 -18.54 -12.73 2.32
CA GLU C 322 -17.22 -12.18 1.98
C GLU C 322 -16.37 -11.96 3.23
N ALA C 323 -17.00 -11.59 4.35
CA ALA C 323 -16.27 -11.49 5.61
C ALA C 323 -15.83 -12.87 6.10
N ARG C 324 -16.75 -13.84 6.07
CA ARG C 324 -16.44 -15.19 6.55
C ARG C 324 -15.31 -15.81 5.74
N LYS C 325 -15.32 -15.62 4.42
N LYS C 325 -15.32 -15.61 4.41
CA LYS C 325 -14.30 -16.22 3.57
CA LYS C 325 -14.31 -16.18 3.53
C LYS C 325 -12.91 -15.70 3.89
C LYS C 325 -12.91 -15.70 3.88
N ARG C 326 -12.80 -14.51 4.47
CA ARG C 326 -11.53 -13.92 4.85
C ARG C 326 -11.16 -14.19 6.31
N GLY C 327 -11.93 -15.02 7.01
CA GLY C 327 -11.63 -15.36 8.38
C GLY C 327 -12.18 -14.44 9.44
N PHE C 328 -13.00 -13.45 9.05
CA PHE C 328 -13.62 -12.53 10.00
C PHE C 328 -14.78 -13.21 10.73
N SER C 329 -15.05 -12.74 11.94
CA SER C 329 -16.36 -12.99 12.56
C SER C 329 -17.26 -11.79 12.29
N THR C 330 -18.57 -12.05 12.28
CA THR C 330 -19.57 -10.99 12.11
C THR C 330 -20.67 -11.13 13.15
N PHE C 331 -21.19 -9.98 13.58
CA PHE C 331 -22.27 -9.95 14.56
C PHE C 331 -23.32 -8.95 14.11
N VAL C 332 -24.48 -9.45 13.68
CA VAL C 332 -25.54 -8.56 13.21
C VAL C 332 -26.16 -7.80 14.36
N TRP C 333 -26.51 -6.53 14.11
CA TRP C 333 -27.16 -5.72 15.15
C TRP C 333 -28.65 -6.03 15.19
N ASP C 334 -29.19 -6.22 16.39
CA ASP C 334 -30.62 -6.44 16.59
C ASP C 334 -31.05 -5.68 17.84
N ASN C 335 -31.99 -4.74 17.70
CA ASN C 335 -32.46 -3.98 18.85
C ASN C 335 -33.93 -4.24 19.15
N ASN C 336 -34.55 -5.25 18.54
CA ASN C 336 -35.95 -5.56 18.76
C ASN C 336 -36.87 -4.41 18.36
N HIS C 337 -36.45 -3.58 17.41
CA HIS C 337 -37.25 -2.48 16.90
CA HIS C 337 -37.27 -2.48 16.90
C HIS C 337 -37.68 -2.78 15.47
N PHE C 338 -38.98 -2.71 15.20
CA PHE C 338 -39.51 -3.06 13.90
C PHE C 338 -40.29 -1.88 13.31
N GLY C 339 -40.31 -1.82 11.99
CA GLY C 339 -40.99 -0.71 11.35
C GLY C 339 -40.30 -0.35 10.04
N ASN C 340 -40.46 0.91 9.67
CA ASN C 340 -40.01 1.41 8.37
C ASN C 340 -39.36 2.77 8.60
N GLY C 341 -38.03 2.78 8.74
CA GLY C 341 -37.36 4.04 9.00
C GLY C 341 -36.02 3.81 9.68
N SER C 342 -35.66 4.77 10.55
CA SER C 342 -34.41 4.75 11.28
C SER C 342 -34.45 3.77 12.43
N GLU C 343 -33.31 3.09 12.66
CA GLU C 343 -33.06 2.26 13.83
CA GLU C 343 -33.11 2.28 13.87
C GLU C 343 -34.01 1.07 13.94
N LYS C 344 -34.48 0.58 12.79
CA LYS C 344 -35.36 -0.59 12.74
C LYS C 344 -34.52 -1.83 12.45
N TYR C 345 -33.81 -2.29 13.49
CA TYR C 345 -32.87 -3.40 13.34
C TYR C 345 -33.37 -4.71 13.97
N GLY C 346 -34.64 -4.78 14.35
CA GLY C 346 -35.15 -6.00 14.93
C GLY C 346 -35.18 -7.13 13.91
N ILE C 347 -34.81 -8.33 14.36
CA ILE C 347 -35.01 -9.54 13.58
C ILE C 347 -36.03 -10.44 14.26
N PHE C 348 -35.82 -10.75 15.53
CA PHE C 348 -36.70 -11.63 16.31
C PHE C 348 -37.59 -10.77 17.19
N ASP C 349 -38.87 -11.10 17.26
CA ASP C 349 -39.78 -10.35 18.11
C ASP C 349 -39.65 -10.89 19.53
N ARG C 350 -38.90 -10.18 20.37
CA ARG C 350 -38.64 -10.65 21.73
C ARG C 350 -39.90 -10.65 22.59
N PHE C 351 -40.97 -10.00 22.14
CA PHE C 351 -42.22 -10.02 22.87
C PHE C 351 -43.15 -11.15 22.43
N LYS C 352 -42.84 -11.87 21.35
CA LYS C 352 -43.74 -12.92 20.83
C LYS C 352 -42.93 -14.16 20.42
N SER C 353 -42.37 -14.84 21.42
CA SER C 353 -41.68 -16.13 21.24
C SER C 353 -40.61 -16.05 20.16
N MET C 354 -39.96 -14.89 20.06
CA MET C 354 -38.86 -14.66 19.11
C MET C 354 -39.29 -14.93 17.68
N LYS C 355 -40.54 -14.61 17.35
CA LYS C 355 -41.02 -14.76 15.99
C LYS C 355 -40.13 -13.97 15.03
N VAL C 356 -39.75 -14.59 13.93
CA VAL C 356 -38.90 -13.93 12.95
C VAL C 356 -39.71 -12.90 12.17
N ASN C 357 -39.52 -11.63 12.49
CA ASN C 357 -40.24 -10.57 11.79
C ASN C 357 -39.42 -9.91 10.69
N ALA C 358 -38.13 -10.25 10.56
CA ALA C 358 -37.29 -9.81 9.44
C ALA C 358 -36.71 -11.05 8.75
N PRO C 359 -37.55 -11.89 8.16
CA PRO C 359 -37.03 -13.14 7.57
C PRO C 359 -36.08 -12.91 6.42
N TRP C 360 -36.17 -11.77 5.72
CA TRP C 360 -35.23 -11.49 4.64
C TRP C 360 -33.80 -11.39 5.14
N ILE C 361 -33.61 -10.99 6.41
CA ILE C 361 -32.26 -10.94 6.97
C ILE C 361 -31.71 -12.35 7.17
N LEU C 362 -32.52 -13.23 7.77
CA LEU C 362 -32.03 -14.59 8.03
C LEU C 362 -31.85 -15.39 6.74
N GLU C 363 -32.74 -15.21 5.75
CA GLU C 363 -32.51 -15.75 4.40
C GLU C 363 -31.13 -15.41 3.86
N GLY C 364 -30.68 -14.17 4.04
CA GLY C 364 -29.40 -13.78 3.50
C GLY C 364 -28.24 -14.34 4.30
N ILE C 365 -28.35 -14.32 5.63
CA ILE C 365 -27.26 -14.83 6.44
C ILE C 365 -27.11 -16.33 6.29
N PHE C 366 -28.22 -17.07 6.29
CA PHE C 366 -28.14 -18.51 6.38
C PHE C 366 -28.66 -19.26 5.16
N GLY C 367 -29.21 -18.58 4.17
CA GLY C 367 -29.79 -19.26 3.02
C GLY C 367 -28.75 -19.92 2.13
N ASN D 2 -0.41 -18.60 6.56
CA ASN D 2 0.40 -18.50 7.78
C ASN D 2 -0.21 -19.30 8.94
N ALA D 3 0.30 -20.49 9.20
CA ALA D 3 -0.19 -21.36 10.27
C ALA D 3 0.73 -21.26 11.48
N THR D 4 0.15 -21.27 12.69
CA THR D 4 0.99 -21.39 13.88
C THR D 4 1.64 -22.78 13.94
N ALA D 5 2.68 -22.89 14.78
CA ALA D 5 3.36 -24.18 14.94
C ALA D 5 2.40 -25.28 15.38
N GLN D 6 1.57 -25.00 16.39
CA GLN D 6 0.61 -26.01 16.83
C GLN D 6 -0.38 -26.34 15.73
N GLN D 7 -0.83 -25.33 14.98
CA GLN D 7 -1.71 -25.64 13.85
C GLN D 7 -1.00 -26.53 12.84
N TRP D 8 0.25 -26.20 12.53
CA TRP D 8 1.02 -26.92 11.52
C TRP D 8 1.24 -28.37 11.93
N ASN D 9 1.48 -28.62 13.23
CA ASN D 9 1.81 -29.95 13.72
C ASN D 9 0.60 -30.87 13.88
N LYS D 10 -0.60 -30.30 14.02
CA LYS D 10 -1.80 -31.09 14.33
C LYS D 10 -2.00 -32.21 13.31
N ASP D 11 -2.03 -33.44 13.82
CA ASP D 11 -2.34 -34.63 13.03
C ASP D 11 -1.29 -34.92 11.96
N VAL D 12 -0.10 -34.33 12.09
CA VAL D 12 0.96 -34.59 11.11
C VAL D 12 1.63 -35.92 11.45
N VAL D 13 1.61 -36.84 10.52
CA VAL D 13 2.21 -38.17 10.67
C VAL D 13 3.13 -38.32 9.47
N GLY D 14 4.43 -38.14 9.70
CA GLY D 14 5.39 -37.99 8.65
C GLY D 14 6.45 -39.07 8.62
N TRP D 15 7.33 -38.93 7.64
CA TRP D 15 8.33 -39.94 7.29
C TRP D 15 9.62 -39.23 6.91
N ASN D 16 10.77 -39.80 7.31
CA ASN D 16 12.06 -39.21 7.00
C ASN D 16 12.65 -39.80 5.73
N LEU D 17 13.08 -38.91 4.82
CA LEU D 17 13.85 -39.32 3.64
C LEU D 17 15.31 -39.54 4.06
N GLY D 18 15.54 -40.66 4.76
CA GLY D 18 16.78 -40.85 5.47
C GLY D 18 17.90 -41.42 4.60
N ASN D 19 19.13 -41.00 4.94
CA ASN D 19 20.35 -41.41 4.24
C ASN D 19 20.27 -41.08 2.74
N GLU D 20 19.88 -39.83 2.46
CA GLU D 20 19.87 -39.32 1.09
C GLU D 20 20.61 -38.00 1.04
N PHE D 21 19.92 -36.87 1.24
CA PHE D 21 20.60 -35.59 1.03
C PHE D 21 21.50 -35.17 2.18
N GLU D 22 21.55 -35.93 3.26
CA GLU D 22 22.48 -35.65 4.35
C GLU D 22 23.74 -36.53 4.27
N CYS D 23 23.88 -37.36 3.23
CA CYS D 23 25.10 -38.15 3.12
C CYS D 23 26.30 -37.23 2.85
N SER D 24 27.50 -37.76 3.09
CA SER D 24 28.60 -36.89 2.71
C SER D 24 28.79 -36.94 1.20
N ALA D 25 29.68 -36.08 0.71
CA ALA D 25 30.05 -36.14 -0.70
C ALA D 25 30.68 -37.50 -0.99
N PRO D 26 30.58 -38.00 -2.23
CA PRO D 26 31.16 -39.32 -2.54
C PRO D 26 32.61 -39.44 -2.13
N GLY D 27 32.89 -40.51 -1.39
CA GLY D 27 34.23 -40.80 -0.94
C GLY D 27 34.76 -39.93 0.18
N GLN D 28 33.90 -39.14 0.83
N GLN D 28 33.90 -39.12 0.82
CA GLN D 28 34.34 -38.23 1.88
CA GLN D 28 34.33 -38.20 1.87
C GLN D 28 33.84 -38.68 3.25
C GLN D 28 33.85 -38.66 3.23
N ASP D 29 34.58 -38.24 4.27
CA ASP D 29 34.27 -38.61 5.66
C ASP D 29 33.02 -37.89 6.15
N GLY D 30 32.02 -38.66 6.58
CA GLY D 30 30.81 -38.06 7.16
C GLY D 30 31.05 -37.29 8.44
N GLU D 31 32.19 -37.51 9.10
CA GLU D 31 32.55 -36.80 10.32
C GLU D 31 33.46 -35.60 10.06
N SER D 32 33.81 -35.38 8.80
CA SER D 32 34.69 -34.26 8.48
C SER D 32 34.00 -32.95 8.80
N MET D 33 34.80 -31.98 9.19
CA MET D 33 34.32 -30.64 9.50
C MET D 33 34.70 -29.66 8.40
N GLN D 34 35.28 -30.16 7.31
N GLN D 34 35.28 -30.16 7.31
CA GLN D 34 35.68 -29.31 6.20
CA GLN D 34 35.68 -29.30 6.21
C GLN D 34 34.46 -28.76 5.46
C GLN D 34 34.47 -28.77 5.46
N ILE D 35 34.63 -27.57 4.91
CA ILE D 35 33.60 -26.90 4.14
C ILE D 35 34.15 -26.65 2.74
N GLY D 36 33.41 -27.10 1.73
CA GLY D 36 33.84 -26.90 0.36
C GLY D 36 32.85 -27.52 -0.60
N ASN D 37 33.29 -27.69 -1.84
CA ASN D 37 32.43 -28.24 -2.91
C ASN D 37 33.26 -29.22 -3.73
N PRO D 38 33.57 -30.39 -3.18
CA PRO D 38 34.48 -31.32 -3.87
C PRO D 38 33.85 -31.93 -5.11
N ASP D 39 34.71 -32.47 -5.97
CA ASP D 39 34.25 -33.07 -7.22
C ASP D 39 33.27 -34.19 -6.93
N GLY D 40 32.12 -34.16 -7.62
CA GLY D 40 31.09 -35.16 -7.45
C GLY D 40 30.12 -34.91 -6.31
N SER D 41 30.20 -33.75 -5.63
CA SER D 41 29.34 -33.54 -4.46
C SER D 41 27.86 -33.52 -4.84
N ILE D 42 27.55 -33.16 -6.09
CA ILE D 42 26.15 -33.14 -6.54
C ILE D 42 25.53 -34.54 -6.48
N HIS D 43 26.34 -35.59 -6.40
CA HIS D 43 25.87 -36.96 -6.36
C HIS D 43 25.80 -37.49 -4.92
N ALA D 44 25.83 -36.59 -3.94
CA ALA D 44 25.86 -37.00 -2.53
C ALA D 44 24.71 -37.92 -2.17
N GLU D 45 23.53 -37.78 -2.79
CA GLU D 45 22.41 -38.58 -2.34
C GLU D 45 22.64 -40.08 -2.50
N THR D 46 23.59 -40.48 -3.37
CA THR D 46 23.92 -41.90 -3.56
C THR D 46 25.19 -42.29 -2.82
N ALA D 47 25.77 -41.41 -2.01
CA ALA D 47 27.09 -41.67 -1.46
C ALA D 47 27.10 -42.72 -0.37
N TRP D 48 25.96 -43.01 0.24
CA TRP D 48 25.89 -44.04 1.28
C TRP D 48 25.08 -45.25 0.82
N GLY D 49 25.02 -45.46 -0.48
CA GLY D 49 24.40 -46.66 -1.02
C GLY D 49 22.95 -46.58 -1.42
N ASN D 50 22.27 -45.47 -1.18
CA ASN D 50 20.86 -45.39 -1.54
C ASN D 50 20.72 -44.88 -2.96
N PRO D 51 19.52 -44.97 -3.54
CA PRO D 51 19.34 -44.55 -4.92
C PRO D 51 19.05 -43.06 -5.03
N VAL D 52 19.15 -42.57 -6.26
CA VAL D 52 18.61 -41.25 -6.58
C VAL D 52 17.12 -41.22 -6.26
N VAL D 53 16.69 -40.18 -5.54
CA VAL D 53 15.27 -40.05 -5.18
C VAL D 53 14.46 -39.65 -6.41
N THR D 54 13.31 -40.30 -6.59
CA THR D 54 12.44 -40.02 -7.73
C THR D 54 11.06 -39.57 -7.26
N LYS D 55 10.32 -38.97 -8.18
CA LYS D 55 8.96 -38.52 -7.87
C LYS D 55 8.09 -39.71 -7.43
N LYS D 56 8.26 -40.86 -8.08
CA LYS D 56 7.44 -42.02 -7.73
C LYS D 56 7.70 -42.46 -6.30
N MET D 57 8.92 -42.29 -5.82
N MET D 57 8.92 -42.30 -5.81
CA MET D 57 9.24 -42.61 -4.43
CA MET D 57 9.20 -42.62 -4.42
C MET D 57 8.44 -41.72 -3.48
C MET D 57 8.41 -41.72 -3.47
N ILE D 58 8.38 -40.42 -3.75
CA ILE D 58 7.64 -39.49 -2.91
C ILE D 58 6.15 -39.82 -2.94
N GLN D 59 5.64 -40.14 -4.12
CA GLN D 59 4.23 -40.49 -4.25
C GLN D 59 3.86 -41.75 -3.48
N ALA D 60 4.77 -42.72 -3.38
CA ALA D 60 4.47 -43.93 -2.62
C ALA D 60 4.32 -43.64 -1.14
N VAL D 61 5.17 -42.74 -0.61
CA VAL D 61 5.08 -42.35 0.78
C VAL D 61 3.72 -41.71 1.05
N LYS D 62 3.26 -40.86 0.13
CA LYS D 62 1.94 -40.25 0.27
C LYS D 62 0.85 -41.30 0.26
N LYS D 63 0.91 -42.21 -0.71
CA LYS D 63 -0.14 -43.21 -0.85
C LYS D 63 -0.23 -44.11 0.38
N ALA D 64 0.91 -44.31 1.07
CA ALA D 64 0.93 -45.12 2.28
C ALA D 64 0.17 -44.49 3.43
N GLY D 65 -0.07 -43.18 3.39
CA GLY D 65 -0.82 -42.48 4.43
C GLY D 65 -0.08 -41.36 5.11
N PHE D 66 1.24 -41.26 4.93
CA PHE D 66 1.98 -40.14 5.51
C PHE D 66 1.50 -38.82 4.90
N ASN D 67 1.51 -37.76 5.70
CA ASN D 67 1.11 -36.46 5.19
C ASN D 67 2.19 -35.41 5.32
N ALA D 68 3.42 -35.84 5.57
CA ALA D 68 4.56 -34.93 5.67
C ALA D 68 5.83 -35.74 5.50
N ILE D 69 6.86 -35.06 5.03
CA ILE D 69 8.19 -35.66 4.87
CA ILE D 69 8.19 -35.64 4.84
C ILE D 69 9.23 -34.71 5.44
N ARG D 70 10.12 -35.25 6.25
CA ARG D 70 11.28 -34.52 6.75
C ARG D 70 12.44 -34.89 5.85
N ILE D 71 13.17 -33.89 5.37
CA ILE D 71 14.27 -34.08 4.43
C ILE D 71 15.55 -33.65 5.11
N PRO D 72 16.31 -34.59 5.67
CA PRO D 72 17.65 -34.25 6.17
C PRO D 72 18.52 -33.75 5.04
N ILE D 73 19.24 -32.64 5.27
CA ILE D 73 20.12 -32.08 4.23
C ILE D 73 21.44 -31.64 4.86
N ARG D 74 22.54 -32.19 4.36
CA ARG D 74 23.88 -31.71 4.70
C ARG D 74 24.28 -30.63 3.70
N TRP D 75 24.90 -29.54 4.19
CA TRP D 75 25.29 -28.43 3.30
C TRP D 75 26.79 -28.25 3.18
N GLN D 76 27.58 -28.77 4.12
CA GLN D 76 28.98 -28.37 4.24
C GLN D 76 29.82 -28.75 3.03
N CYS D 77 29.43 -29.79 2.28
CA CYS D 77 30.15 -30.21 1.09
C CYS D 77 29.50 -29.69 -0.19
N HIS D 78 28.67 -28.68 -0.08
CA HIS D 78 28.02 -28.02 -1.20
C HIS D 78 28.24 -26.51 -1.14
N ILE D 79 29.38 -26.09 -0.59
CA ILE D 79 29.67 -24.67 -0.34
C ILE D 79 30.75 -24.22 -1.30
N THR D 80 30.45 -23.21 -2.12
CA THR D 80 31.40 -22.70 -3.11
C THR D 80 32.35 -21.65 -2.56
N ASN D 81 32.08 -21.12 -1.36
CA ASN D 81 32.94 -20.13 -0.71
C ASN D 81 32.69 -20.28 0.79
N ALA D 82 33.65 -20.87 1.49
CA ALA D 82 33.46 -21.15 2.91
C ALA D 82 33.37 -19.88 3.74
N GLN D 83 34.00 -18.80 3.30
CA GLN D 83 33.90 -17.55 4.04
C GLN D 83 32.47 -16.99 3.99
N ALA D 84 31.81 -17.12 2.83
CA ALA D 84 30.47 -16.57 2.65
C ALA D 84 29.37 -17.61 2.85
N MET D 85 29.74 -18.88 3.00
N MET D 85 29.72 -18.89 2.81
CA MET D 85 28.79 -20.00 3.03
CA MET D 85 28.73 -19.96 2.87
C MET D 85 27.81 -19.91 1.88
C MET D 85 27.82 -19.94 1.64
N SER D 86 28.33 -19.55 0.70
N SER D 86 28.40 -19.60 0.49
CA SER D 86 27.52 -19.57 -0.51
CA SER D 86 27.64 -19.54 -0.76
C SER D 86 27.32 -21.00 -0.98
C SER D 86 27.38 -20.96 -1.26
N ILE D 87 26.11 -21.31 -1.43
CA ILE D 87 25.71 -22.68 -1.71
C ILE D 87 25.75 -22.95 -3.20
N ASP D 88 26.25 -24.14 -3.57
CA ASP D 88 26.25 -24.59 -4.95
C ASP D 88 24.84 -24.53 -5.53
N LYS D 89 24.72 -23.91 -6.70
CA LYS D 89 23.41 -23.70 -7.30
C LYS D 89 22.76 -25.01 -7.70
N ALA D 90 23.55 -25.97 -8.18
CA ALA D 90 22.98 -27.25 -8.60
C ALA D 90 22.42 -28.00 -7.40
N TRP D 91 23.06 -27.88 -6.24
CA TRP D 91 22.54 -28.52 -5.05
C TRP D 91 21.21 -27.91 -4.63
N ILE D 92 21.13 -26.58 -4.60
CA ILE D 92 19.86 -25.88 -4.35
C ILE D 92 18.78 -26.37 -5.30
N ALA D 93 19.11 -26.43 -6.59
CA ALA D 93 18.11 -26.83 -7.58
C ALA D 93 17.61 -28.24 -7.31
N ARG D 94 18.50 -29.16 -6.94
CA ARG D 94 18.11 -30.53 -6.67
C ARG D 94 17.19 -30.61 -5.45
N ILE D 95 17.53 -29.89 -4.38
CA ILE D 95 16.68 -29.88 -3.19
C ILE D 95 15.30 -29.31 -3.54
N LYS D 96 15.28 -28.24 -4.33
CA LYS D 96 14.00 -27.64 -4.70
C LYS D 96 13.15 -28.60 -5.51
N GLU D 97 13.78 -29.40 -6.38
CA GLU D 97 13.05 -30.39 -7.17
C GLU D 97 12.30 -31.37 -6.26
N VAL D 98 12.99 -31.89 -5.25
N VAL D 98 12.99 -31.89 -5.25
CA VAL D 98 12.39 -32.89 -4.37
CA VAL D 98 12.36 -32.91 -4.42
C VAL D 98 11.34 -32.25 -3.48
C VAL D 98 11.36 -32.28 -3.43
N VAL D 99 11.64 -31.07 -2.94
CA VAL D 99 10.65 -30.34 -2.14
C VAL D 99 9.39 -30.09 -2.97
N GLY D 100 9.57 -29.69 -4.23
CA GLY D 100 8.42 -29.49 -5.09
C GLY D 100 7.61 -30.75 -5.30
N TRP D 101 8.28 -31.89 -5.51
CA TRP D 101 7.55 -33.15 -5.62
C TRP D 101 6.71 -33.40 -4.39
N CYS D 102 7.24 -33.09 -3.20
CA CYS D 102 6.48 -33.33 -1.98
C CYS D 102 5.26 -32.44 -1.92
N LEU D 103 5.48 -31.14 -2.12
CA LEU D 103 4.38 -30.18 -2.07
C LEU D 103 3.33 -30.48 -3.14
N ASP D 104 3.77 -30.82 -4.36
CA ASP D 104 2.83 -31.09 -5.45
C ASP D 104 2.02 -32.35 -5.23
N ASN D 105 2.39 -33.19 -4.27
CA ASN D 105 1.67 -34.43 -4.00
C ASN D 105 1.09 -34.40 -2.59
N GLY D 106 0.85 -33.21 -2.06
CA GLY D 106 0.05 -33.03 -0.87
C GLY D 106 0.76 -33.36 0.42
N LEU D 107 2.04 -33.05 0.51
CA LEU D 107 2.82 -33.35 1.69
C LEU D 107 3.38 -32.07 2.28
N LYS D 108 3.26 -31.93 3.60
CA LYS D 108 4.08 -30.94 4.27
C LYS D 108 5.54 -31.37 4.23
N VAL D 109 6.45 -30.41 4.40
CA VAL D 109 7.89 -30.66 4.29
C VAL D 109 8.62 -29.97 5.43
N ILE D 110 9.62 -30.64 5.97
CA ILE D 110 10.64 -29.99 6.79
C ILE D 110 11.96 -30.13 6.06
N ILE D 111 12.70 -29.02 5.91
CA ILE D 111 14.10 -29.07 5.51
C ILE D 111 14.93 -28.56 6.68
N ASN D 112 16.17 -29.05 6.77
CA ASN D 112 17.01 -28.72 7.90
C ASN D 112 18.48 -28.59 7.48
N VAL D 113 19.31 -28.50 8.51
CA VAL D 113 20.78 -28.55 8.42
C VAL D 113 21.16 -29.77 9.25
N HIS D 114 21.71 -30.80 8.59
CA HIS D 114 21.79 -32.16 9.14
C HIS D 114 23.18 -32.73 8.87
N HIS D 115 23.79 -33.34 9.88
CA HIS D 115 25.17 -33.83 9.79
C HIS D 115 26.13 -32.71 9.37
N GLU D 116 25.85 -31.50 9.83
CA GLU D 116 26.67 -30.33 9.49
C GLU D 116 27.77 -30.25 10.54
N LYS D 117 28.89 -30.94 10.30
CA LYS D 117 29.70 -31.33 11.45
C LYS D 117 30.55 -30.18 12.01
N TRP D 118 30.90 -29.19 11.20
CA TRP D 118 31.60 -28.03 11.76
C TRP D 118 30.75 -27.35 12.83
N LEU D 119 29.43 -27.42 12.68
CA LEU D 119 28.47 -26.87 13.63
C LEU D 119 28.18 -27.86 14.74
N GLU D 120 27.83 -29.09 14.37
CA GLU D 120 27.39 -30.08 15.34
C GLU D 120 28.50 -30.50 16.30
N SER D 121 29.74 -30.66 15.80
CA SER D 121 30.80 -31.26 16.59
C SER D 121 31.60 -30.25 17.40
N ARG D 122 31.29 -28.94 17.28
CA ARG D 122 32.08 -27.90 17.95
C ARG D 122 31.22 -26.94 18.77
N PRO D 123 30.33 -27.47 19.66
CA PRO D 123 29.55 -26.54 20.51
C PRO D 123 30.34 -26.07 21.72
N THR D 124 31.36 -25.26 21.46
CA THR D 124 32.29 -24.78 22.47
C THR D 124 32.52 -23.28 22.30
N TYR D 125 32.98 -22.64 23.39
CA TYR D 125 33.34 -21.23 23.32
C TYR D 125 34.43 -20.96 22.29
N GLN D 126 35.30 -21.92 22.06
CA GLN D 126 36.39 -21.77 21.10
C GLN D 126 35.86 -21.47 19.70
N TYR D 127 34.73 -22.07 19.32
CA TYR D 127 34.21 -21.95 17.97
C TYR D 127 32.87 -21.26 17.93
N LYS D 128 32.38 -20.76 19.06
CA LYS D 128 31.04 -20.17 19.13
C LYS D 128 30.87 -19.04 18.11
N GLU D 129 31.80 -18.09 18.09
CA GLU D 129 31.67 -16.93 17.22
C GLU D 129 31.74 -17.32 15.75
N GLU D 130 32.74 -18.12 15.38
CA GLU D 130 32.86 -18.57 14.00
C GLU D 130 31.62 -19.36 13.58
N ASN D 131 31.15 -20.27 14.44
CA ASN D 131 30.00 -21.10 14.08
C ASN D 131 28.73 -20.28 13.95
N CYS D 132 28.53 -19.33 14.87
CA CYS D 132 27.33 -18.50 14.77
C CYS D 132 27.37 -17.64 13.51
N GLN D 133 28.55 -17.13 13.14
CA GLN D 133 28.67 -16.38 11.89
C GLN D 133 28.36 -17.25 10.68
N LYS D 134 28.98 -18.44 10.61
N LYS D 134 28.96 -18.44 10.61
CA LYS D 134 28.72 -19.33 9.49
CA LYS D 134 28.71 -19.31 9.47
C LYS D 134 27.27 -19.79 9.46
C LYS D 134 27.26 -19.79 9.45
N LEU D 135 26.68 -20.11 10.63
CA LEU D 135 25.29 -20.55 10.65
C LEU D 135 24.37 -19.43 10.17
N ALA D 136 24.68 -18.19 10.55
CA ALA D 136 23.89 -17.05 10.09
C ALA D 136 23.97 -16.91 8.57
N LEU D 137 25.19 -16.99 8.01
N LEU D 137 25.18 -17.01 8.01
CA LEU D 137 25.36 -16.89 6.57
CA LEU D 137 25.34 -16.86 6.56
C LEU D 137 24.64 -18.04 5.87
C LEU D 137 24.76 -18.06 5.79
N LEU D 138 24.81 -19.26 6.39
CA LEU D 138 24.19 -20.42 5.76
C LEU D 138 22.68 -20.29 5.74
N TRP D 139 22.08 -19.97 6.89
CA TRP D 139 20.62 -19.88 6.93
C TRP D 139 20.10 -18.66 6.19
N MET D 140 20.89 -17.57 6.11
CA MET D 140 20.50 -16.48 5.23
C MET D 140 20.31 -16.96 3.80
N ASN D 141 21.21 -17.82 3.33
CA ASN D 141 21.11 -18.30 1.95
C ASN D 141 20.01 -19.35 1.80
N ILE D 142 19.90 -20.30 2.74
CA ILE D 142 18.85 -21.30 2.63
C ILE D 142 17.49 -20.63 2.71
N ALA D 143 17.30 -19.77 3.72
CA ALA D 143 15.98 -19.17 3.92
C ALA D 143 15.60 -18.29 2.74
N SER D 144 16.59 -17.61 2.15
CA SER D 144 16.29 -16.78 0.99
C SER D 144 15.89 -17.62 -0.20
N GLU D 145 16.62 -18.71 -0.47
CA GLU D 145 16.31 -19.57 -1.61
C GLU D 145 14.91 -20.16 -1.51
N PHE D 146 14.48 -20.48 -0.30
CA PHE D 146 13.20 -21.15 -0.10
C PHE D 146 12.11 -20.20 0.39
N ALA D 147 12.35 -18.89 0.35
CA ALA D 147 11.42 -17.94 0.95
C ALA D 147 10.06 -17.94 0.28
N ASN D 148 9.99 -18.27 -1.02
CA ASN D 148 8.76 -18.16 -1.79
C ASN D 148 7.78 -19.29 -1.50
N TYR D 149 8.24 -20.39 -0.88
CA TYR D 149 7.37 -21.54 -0.68
C TYR D 149 6.31 -21.23 0.37
N ASP D 150 5.16 -21.89 0.23
CA ASP D 150 4.03 -21.64 1.11
C ASP D 150 4.26 -22.29 2.48
N SER D 151 3.27 -22.13 3.36
CA SER D 151 3.47 -22.47 4.77
C SER D 151 3.56 -23.96 5.02
N ARG D 152 3.28 -24.80 4.03
CA ARG D 152 3.52 -26.24 4.16
C ARG D 152 4.99 -26.58 4.34
N LEU D 153 5.89 -25.67 3.97
CA LEU D 153 7.32 -25.87 4.18
C LEU D 153 7.76 -25.24 5.49
N ALA D 154 8.33 -26.05 6.38
CA ALA D 154 8.89 -25.59 7.65
C ALA D 154 10.41 -25.72 7.63
N PHE D 155 11.08 -24.88 8.41
CA PHE D 155 12.55 -24.93 8.56
C PHE D 155 12.92 -25.45 9.94
N ALA D 156 13.86 -26.38 9.98
CA ALA D 156 14.46 -26.84 11.23
C ALA D 156 15.93 -26.45 11.24
N GLY D 157 16.35 -25.73 12.28
CA GLY D 157 17.61 -24.99 12.20
C GLY D 157 18.83 -25.89 12.21
N THR D 158 18.80 -26.94 13.02
CA THR D 158 19.94 -27.83 13.19
C THR D 158 19.42 -29.26 13.34
N ASN D 159 20.34 -30.21 13.51
CA ASN D 159 19.95 -31.57 13.84
C ASN D 159 20.51 -31.90 15.22
N GLU D 160 21.49 -32.79 15.30
CA GLU D 160 21.93 -33.35 16.58
C GLU D 160 23.31 -32.78 16.91
N VAL D 161 23.33 -31.73 17.74
CA VAL D 161 24.55 -31.06 18.16
C VAL D 161 25.12 -31.80 19.37
N HIS D 162 26.39 -32.21 19.27
CA HIS D 162 27.06 -32.87 20.39
C HIS D 162 28.52 -33.07 20.04
N ILE D 163 29.36 -33.09 21.09
CA ILE D 163 30.75 -33.49 20.90
C ILE D 163 30.78 -34.91 20.34
N ARG D 164 31.67 -35.14 19.37
CA ARG D 164 31.77 -36.43 18.69
C ARG D 164 31.89 -37.58 19.68
N ASP D 165 31.06 -38.60 19.48
CA ASP D 165 30.99 -39.83 20.26
C ASP D 165 30.51 -39.63 21.69
N ASN D 166 30.00 -38.44 22.03
CA ASN D 166 29.47 -38.16 23.36
C ASN D 166 27.97 -37.93 23.22
N TRP D 167 27.16 -38.82 23.80
CA TRP D 167 25.71 -38.75 23.67
C TRP D 167 25.05 -38.36 24.99
N GLY D 168 25.83 -37.87 25.95
CA GLY D 168 25.34 -37.58 27.28
C GLY D 168 25.02 -36.12 27.48
N LYS D 169 24.67 -35.80 28.73
CA LYS D 169 24.15 -34.47 29.04
C LYS D 169 25.21 -33.42 28.72
N PRO D 170 24.81 -32.29 28.13
CA PRO D 170 25.78 -31.23 27.82
C PRO D 170 26.34 -30.58 29.07
N THR D 171 27.53 -30.01 28.92
CA THR D 171 28.04 -29.05 29.89
C THR D 171 27.30 -27.74 29.73
N ALA D 172 27.48 -26.83 30.70
CA ALA D 172 26.87 -25.51 30.58
C ALA D 172 27.40 -24.78 29.35
N GLU D 173 28.69 -24.95 29.06
CA GLU D 173 29.27 -24.38 27.84
C GLU D 173 28.58 -24.93 26.60
N ASN D 174 28.48 -26.27 26.51
CA ASN D 174 27.82 -26.90 25.35
C ASN D 174 26.42 -26.34 25.15
N LEU D 175 25.65 -26.28 26.24
CA LEU D 175 24.26 -25.85 26.16
C LEU D 175 24.15 -24.38 25.79
N GLU D 176 25.05 -23.53 26.31
CA GLU D 176 25.05 -22.12 25.92
C GLU D 176 25.24 -21.97 24.42
N VAL D 177 26.25 -22.63 23.86
CA VAL D 177 26.53 -22.44 22.45
C VAL D 177 25.39 -22.99 21.60
N GLN D 178 24.86 -24.14 21.99
CA GLN D 178 23.78 -24.76 21.20
C GLN D 178 22.49 -23.95 21.29
N ASN D 179 22.17 -23.41 22.46
CA ASN D 179 21.04 -22.48 22.54
C ASN D 179 21.28 -21.24 21.68
N ALA D 180 22.54 -20.79 21.59
CA ALA D 180 22.85 -19.66 20.71
C ALA D 180 22.59 -19.98 19.24
N TYR D 181 22.89 -21.22 18.82
CA TYR D 181 22.58 -21.64 17.46
C TYR D 181 21.11 -21.40 17.13
N ASN D 182 20.23 -21.81 18.05
CA ASN D 182 18.80 -21.70 17.82
C ASN D 182 18.38 -20.25 17.67
N GLN D 183 18.94 -19.36 18.48
CA GLN D 183 18.60 -17.95 18.38
C GLN D 183 19.12 -17.34 17.07
N ILE D 184 20.35 -17.68 16.68
CA ILE D 184 20.90 -17.18 15.41
C ILE D 184 20.00 -17.58 14.25
N PHE D 185 19.55 -18.83 14.24
CA PHE D 185 18.66 -19.33 13.21
C PHE D 185 17.37 -18.50 13.13
N VAL D 186 16.70 -18.32 14.27
CA VAL D 186 15.47 -17.54 14.26
C VAL D 186 15.75 -16.11 13.76
N ASP D 187 16.80 -15.47 14.30
CA ASP D 187 17.16 -14.10 13.91
C ASP D 187 17.30 -13.96 12.40
N VAL D 188 18.09 -14.84 11.77
CA VAL D 188 18.40 -14.59 10.37
C VAL D 188 17.23 -14.98 9.47
N VAL D 189 16.47 -16.02 9.83
CA VAL D 189 15.31 -16.36 9.00
C VAL D 189 14.31 -15.21 9.01
N ARG D 190 14.01 -14.67 10.21
CA ARG D 190 13.02 -13.59 10.26
C ARG D 190 13.53 -12.35 9.54
N ALA D 191 14.85 -12.14 9.53
CA ALA D 191 15.42 -10.97 8.86
C ALA D 191 15.25 -11.03 7.35
N THR D 192 15.06 -12.23 6.77
CA THR D 192 14.83 -12.30 5.33
C THR D 192 13.43 -11.82 4.96
N GLY D 193 12.51 -11.75 5.93
CA GLY D 193 11.19 -11.19 5.72
C GLY D 193 10.31 -12.00 4.77
N GLY D 194 9.32 -11.31 4.21
CA GLY D 194 8.43 -11.93 3.26
C GLY D 194 7.69 -13.10 3.87
N ASN D 195 7.61 -14.20 3.11
CA ASN D 195 6.95 -15.40 3.63
C ASN D 195 7.68 -16.00 4.82
N ASN D 196 8.93 -15.59 5.05
CA ASN D 196 9.64 -16.15 6.19
C ASN D 196 9.30 -15.48 7.51
N ALA D 197 8.51 -14.40 7.49
CA ALA D 197 8.22 -13.68 8.72
C ALA D 197 7.48 -14.56 9.72
N LYS D 198 6.58 -15.44 9.23
CA LYS D 198 5.75 -16.27 10.10
C LYS D 198 5.85 -17.74 9.73
N ARG D 199 6.91 -18.14 9.02
CA ARG D 199 7.10 -19.54 8.72
C ARG D 199 7.34 -20.33 10.00
N HIS D 200 6.87 -21.58 10.00
CA HIS D 200 7.10 -22.49 11.10
C HIS D 200 8.59 -22.77 11.22
N LEU D 201 9.19 -22.37 12.34
CA LEU D 201 10.59 -22.67 12.63
C LEU D 201 10.69 -23.70 13.74
N ILE D 202 11.59 -24.68 13.55
CA ILE D 202 11.71 -25.83 14.46
C ILE D 202 13.11 -25.81 15.09
N LEU D 203 13.15 -25.83 16.43
CA LEU D 203 14.36 -25.64 17.23
C LEU D 203 14.64 -26.90 18.04
N GLN D 204 15.91 -27.29 18.13
CA GLN D 204 16.28 -28.58 18.70
C GLN D 204 16.73 -28.46 20.15
N THR D 205 16.41 -29.48 20.94
CA THR D 205 17.08 -29.62 22.23
C THR D 205 18.49 -30.14 21.98
N TYR D 206 19.34 -30.10 23.02
CA TYR D 206 20.72 -30.54 22.86
C TYR D 206 20.75 -32.00 22.45
N VAL D 207 21.52 -32.32 21.39
CA VAL D 207 21.61 -33.62 20.71
C VAL D 207 20.22 -34.24 20.49
N CYS D 208 19.19 -33.38 20.41
CA CYS D 208 17.80 -33.81 20.24
C CYS D 208 17.36 -34.83 21.29
N ASN D 209 18.00 -34.83 22.45
CA ASN D 209 17.51 -35.64 23.55
C ASN D 209 16.62 -34.74 24.39
N PRO D 210 15.32 -35.01 24.48
CA PRO D 210 14.44 -34.06 25.18
C PRO D 210 14.80 -33.89 26.64
N TRP D 211 15.41 -34.90 27.24
CA TRP D 211 15.75 -34.77 28.66
C TRP D 211 16.87 -33.76 28.89
N PHE D 212 17.58 -33.35 27.84
CA PHE D 212 18.61 -32.34 27.97
C PHE D 212 18.09 -30.93 27.75
N GLY D 213 16.80 -30.76 27.51
CA GLY D 213 16.22 -29.43 27.41
C GLY D 213 15.02 -29.20 28.31
N ILE D 214 14.34 -30.28 28.71
CA ILE D 214 13.03 -30.13 29.36
C ILE D 214 13.13 -29.72 30.82
N GLU D 215 14.31 -29.78 31.42
CA GLU D 215 14.45 -29.43 32.83
C GLU D 215 15.10 -28.06 32.99
N ASN D 216 14.65 -27.31 33.99
CA ASN D 216 15.40 -26.15 34.50
C ASN D 216 15.60 -25.06 33.45
N GLY D 217 14.74 -25.00 32.44
CA GLY D 217 14.97 -24.04 31.36
C GLY D 217 16.19 -24.33 30.52
N ASP D 218 16.68 -25.57 30.52
CA ASP D 218 17.89 -25.91 29.76
C ASP D 218 17.74 -25.53 28.29
N PHE D 219 16.62 -25.91 27.67
CA PHE D 219 16.25 -25.38 26.36
C PHE D 219 15.73 -23.95 26.53
N ILE D 220 16.39 -22.97 25.90
CA ILE D 220 15.94 -21.58 25.96
C ILE D 220 15.03 -21.32 24.77
N ILE D 221 13.82 -20.85 25.03
CA ILE D 221 12.91 -20.46 23.96
C ILE D 221 13.45 -19.19 23.33
N PRO D 222 13.74 -19.18 22.03
CA PRO D 222 14.30 -17.98 21.41
C PRO D 222 13.30 -16.84 21.42
N LYS D 223 13.84 -15.62 21.38
N LYS D 223 13.84 -15.62 21.38
CA LYS D 223 13.02 -14.44 21.10
CA LYS D 223 13.02 -14.44 21.10
C LYS D 223 12.74 -14.39 19.60
C LYS D 223 12.75 -14.40 19.60
N ASP D 224 11.47 -14.45 19.24
CA ASP D 224 11.06 -14.38 17.85
C ASP D 224 10.67 -12.93 17.51
N ALA D 225 10.35 -12.70 16.24
CA ALA D 225 10.08 -11.36 15.75
C ALA D 225 8.88 -10.76 16.48
N GLU D 226 8.88 -9.42 16.54
CA GLU D 226 7.77 -8.70 17.15
C GLU D 226 6.45 -9.09 16.51
N GLY D 227 5.53 -9.53 17.35
CA GLY D 227 4.22 -9.96 16.91
C GLY D 227 4.07 -11.48 16.86
N ASN D 228 5.18 -12.21 16.83
CA ASN D 228 5.05 -13.66 16.70
C ASN D 228 4.82 -14.36 18.03
N GLY D 229 5.30 -13.78 19.12
CA GLY D 229 5.29 -14.49 20.40
C GLY D 229 5.99 -15.82 20.28
N ASN D 230 5.44 -16.83 20.95
CA ASN D 230 5.96 -18.18 20.87
C ASN D 230 5.28 -19.02 19.79
N ASN D 231 4.35 -18.42 19.05
CA ASN D 231 3.35 -19.20 18.33
C ASN D 231 3.87 -19.85 17.05
N TYR D 232 5.01 -19.44 16.53
CA TYR D 232 5.49 -19.94 15.25
C TYR D 232 6.74 -20.77 15.40
N MET D 233 7.03 -21.23 16.61
CA MET D 233 8.18 -22.09 16.90
C MET D 233 7.74 -23.40 17.50
N SER D 234 8.45 -24.48 17.15
CA SER D 234 8.32 -25.79 17.77
C SER D 234 9.61 -26.18 18.44
N VAL D 235 9.51 -26.97 19.51
CA VAL D 235 10.66 -27.71 20.04
C VAL D 235 10.71 -29.06 19.36
N GLU D 236 11.89 -29.42 18.85
CA GLU D 236 12.12 -30.74 18.25
C GLU D 236 13.02 -31.58 19.15
N PHE D 237 12.65 -32.84 19.30
CA PHE D 237 13.56 -33.83 19.84
C PHE D 237 13.38 -35.11 19.07
N HIS D 238 14.32 -36.02 19.26
CA HIS D 238 14.22 -37.34 18.67
C HIS D 238 13.90 -38.33 19.79
N TYR D 239 13.15 -39.37 19.46
CA TYR D 239 12.54 -40.18 20.50
C TYR D 239 12.62 -41.66 20.14
N TYR D 240 13.85 -42.15 20.02
CA TYR D 240 14.08 -43.59 19.88
C TYR D 240 14.16 -44.21 21.27
N GLN D 241 13.03 -44.13 21.97
CA GLN D 241 13.01 -44.44 23.39
C GLN D 241 12.00 -45.54 23.70
N PRO D 242 12.35 -46.48 24.58
CA PRO D 242 13.65 -46.61 25.24
C PRO D 242 14.68 -47.12 24.26
N TRP D 243 15.88 -46.54 24.30
CA TRP D 243 16.91 -46.91 23.35
C TRP D 243 17.26 -48.40 23.42
N SER D 244 17.12 -49.00 24.61
CA SER D 244 17.41 -50.43 24.78
C SER D 244 16.48 -51.32 23.97
N TYR D 245 15.33 -50.78 23.55
CA TYR D 245 14.44 -51.48 22.64
C TYR D 245 14.56 -50.96 21.22
N ALA D 246 14.52 -49.64 21.04
CA ALA D 246 14.39 -49.07 19.71
C ALA D 246 15.70 -48.95 18.96
N GLY D 247 16.84 -48.94 19.67
CA GLY D 247 18.12 -48.62 19.06
C GLY D 247 19.13 -49.73 19.16
N ASP D 248 19.39 -50.23 20.36
CA ASP D 248 20.56 -51.09 20.54
C ASP D 248 20.20 -52.56 20.76
N CYS D 249 18.93 -52.93 20.60
CA CYS D 249 18.47 -54.31 20.50
C CYS D 249 18.69 -55.11 21.78
N THR D 250 18.83 -54.44 22.92
CA THR D 250 18.92 -55.19 24.18
C THR D 250 17.65 -55.99 24.44
N TYR D 251 16.49 -55.40 24.18
CA TYR D 251 15.20 -56.03 24.37
C TYR D 251 14.51 -56.26 23.03
N ASP D 252 13.90 -57.45 22.88
CA ASP D 252 13.07 -57.74 21.72
C ASP D 252 11.60 -57.33 21.91
N TYR D 253 11.21 -56.96 23.13
CA TYR D 253 9.82 -56.71 23.49
C TYR D 253 9.76 -55.45 24.32
N TRP D 254 8.57 -54.84 24.36
CA TRP D 254 8.38 -53.56 25.02
C TRP D 254 6.95 -53.47 25.53
N GLY D 255 6.79 -52.90 26.71
CA GLY D 255 5.46 -52.55 27.16
C GLY D 255 4.90 -53.60 28.11
N ASP D 256 4.12 -53.14 29.09
CA ASP D 256 3.49 -54.07 30.00
C ASP D 256 2.58 -55.04 29.27
N ALA D 257 2.03 -54.62 28.12
CA ALA D 257 1.16 -55.49 27.34
C ALA D 257 1.88 -56.75 26.87
N TYR D 258 3.21 -56.69 26.69
CA TYR D 258 3.99 -57.80 26.16
C TYR D 258 4.95 -58.38 27.19
N LYS D 259 4.72 -58.11 28.47
CA LYS D 259 5.61 -58.63 29.51
C LYS D 259 5.61 -60.16 29.56
N ASP D 260 4.60 -60.81 29.00
CA ASP D 260 4.55 -62.27 28.98
C ASP D 260 5.26 -62.89 27.79
N ALA D 261 5.58 -62.08 26.76
CA ALA D 261 6.28 -62.58 25.59
C ALA D 261 7.78 -62.72 25.82
N GLY D 262 8.35 -61.86 26.66
CA GLY D 262 9.76 -61.91 26.97
C GLY D 262 10.16 -60.68 27.76
N LYS D 263 11.47 -60.54 27.97
CA LYS D 263 11.98 -59.41 28.75
C LYS D 263 11.65 -58.09 28.09
N ILE D 264 11.23 -57.12 28.89
CA ILE D 264 10.89 -55.78 28.43
C ILE D 264 11.71 -54.79 29.23
N PRO D 265 11.94 -53.59 28.69
CA PRO D 265 12.62 -52.56 29.49
C PRO D 265 11.75 -52.08 30.64
N ALA D 266 12.40 -51.41 31.59
CA ALA D 266 11.64 -50.82 32.69
C ALA D 266 10.75 -49.69 32.18
N ASP D 267 11.24 -48.91 31.22
CA ASP D 267 10.43 -47.88 30.58
C ASP D 267 9.30 -48.55 29.79
N ASN D 268 8.07 -48.17 30.09
CA ASN D 268 6.89 -48.82 29.52
C ASN D 268 5.91 -47.76 29.01
N GLU D 269 4.66 -48.17 28.83
CA GLU D 269 3.66 -47.27 28.26
C GLU D 269 3.47 -46.02 29.12
N LYS D 270 3.43 -46.19 30.45
N LYS D 270 3.43 -46.18 30.44
CA LYS D 270 3.25 -45.06 31.35
CA LYS D 270 3.23 -44.99 31.28
C LYS D 270 4.45 -44.13 31.32
C LYS D 270 4.46 -44.10 31.31
N THR D 271 5.66 -44.69 31.25
CA THR D 271 6.86 -43.86 31.18
C THR D 271 6.76 -42.90 30.01
N MET D 272 6.25 -43.39 28.87
CA MET D 272 6.19 -42.59 27.67
C MET D 272 5.10 -41.53 27.78
N THR D 273 3.91 -41.91 28.22
CA THR D 273 2.86 -40.88 28.34
C THR D 273 3.18 -39.88 29.44
N ASP D 274 3.86 -40.29 30.52
CA ASP D 274 4.29 -39.33 31.52
C ASP D 274 5.28 -38.32 30.93
N PHE D 275 6.21 -38.79 30.10
CA PHE D 275 7.13 -37.88 29.44
C PHE D 275 6.38 -36.96 28.49
N PHE D 276 5.50 -37.52 27.66
CA PHE D 276 4.73 -36.68 26.73
C PHE D 276 3.94 -35.62 27.48
N ASP D 277 3.33 -35.99 28.62
CA ASP D 277 2.62 -35.00 29.44
C ASP D 277 3.58 -33.93 29.96
N LYS D 278 4.81 -34.31 30.30
CA LYS D 278 5.77 -33.30 30.73
C LYS D 278 6.11 -32.34 29.60
N ALA D 279 6.21 -32.86 28.38
CA ALA D 279 6.46 -32.00 27.23
C ALA D 279 5.31 -31.03 27.02
N VAL D 280 4.07 -31.51 27.15
CA VAL D 280 2.91 -30.62 27.04
C VAL D 280 2.99 -29.51 28.08
N ASN D 281 3.34 -29.87 29.32
CA ASN D 281 3.26 -28.92 30.41
C ASN D 281 4.44 -27.94 30.39
N THR D 282 5.55 -28.35 29.80
CA THR D 282 6.74 -27.50 29.75
C THR D 282 6.74 -26.60 28.51
N TRP D 283 6.36 -27.15 27.36
CA TRP D 283 6.50 -26.45 26.09
C TRP D 283 5.17 -26.12 25.43
N SER D 284 4.31 -27.12 25.19
CA SER D 284 3.04 -26.87 24.51
C SER D 284 2.23 -25.76 25.18
N ASN D 285 2.19 -25.77 26.51
CA ASN D 285 1.36 -24.80 27.21
C ASN D 285 1.92 -23.38 27.14
N LYS D 286 3.15 -23.21 26.66
CA LYS D 286 3.69 -21.90 26.37
C LYS D 286 3.40 -21.44 24.94
N GLY D 287 2.62 -22.22 24.19
CA GLY D 287 2.28 -21.87 22.83
C GLY D 287 3.16 -22.50 21.79
N LEU D 288 4.16 -23.28 22.19
CA LEU D 288 5.10 -23.87 21.26
C LEU D 288 4.53 -25.14 20.66
N GLY D 289 4.93 -25.43 19.42
CA GLY D 289 4.68 -26.74 18.87
C GLY D 289 5.71 -27.75 19.36
N ILE D 290 5.41 -29.02 19.13
CA ILE D 290 6.31 -30.13 19.48
C ILE D 290 6.43 -31.00 18.26
N VAL D 291 7.68 -31.24 17.84
CA VAL D 291 7.98 -32.07 16.68
C VAL D 291 8.83 -33.24 17.16
N ILE D 292 8.30 -34.46 17.07
CA ILE D 292 9.14 -35.64 17.24
C ILE D 292 9.74 -35.90 15.87
N GLY D 293 10.94 -35.34 15.65
CA GLY D 293 11.51 -35.30 14.32
C GLY D 293 12.07 -36.62 13.83
N GLU D 294 12.42 -37.52 14.74
CA GLU D 294 12.81 -38.88 14.40
C GLU D 294 12.33 -39.81 15.51
N TRP D 295 11.83 -40.97 15.11
CA TRP D 295 11.53 -42.07 16.03
C TRP D 295 11.56 -43.33 15.19
N GLY D 296 11.62 -44.48 15.86
CA GLY D 296 11.57 -45.73 15.14
C GLY D 296 12.15 -46.85 15.95
N VAL D 297 11.87 -48.07 15.50
CA VAL D 297 12.42 -49.26 16.13
C VAL D 297 13.15 -50.06 15.07
N THR D 298 14.43 -50.32 15.30
CA THR D 298 15.22 -51.11 14.36
C THR D 298 14.69 -52.54 14.30
N ASP D 299 14.67 -53.10 13.09
CA ASP D 299 14.22 -54.46 12.93
C ASP D 299 15.24 -55.40 13.56
N HIS D 300 14.83 -56.12 14.58
CA HIS D 300 15.73 -56.99 15.32
C HIS D 300 14.91 -58.04 16.03
N TYR D 301 15.45 -59.25 16.10
CA TYR D 301 14.79 -60.32 16.83
C TYR D 301 15.80 -61.45 17.01
N LYS D 302 15.83 -61.99 18.23
CA LYS D 302 16.65 -63.18 18.45
C LYS D 302 15.93 -64.42 17.97
N SER D 303 14.60 -64.37 17.97
CA SER D 303 13.74 -65.47 17.58
C SER D 303 12.32 -64.93 17.50
N ASN D 304 11.41 -65.78 17.05
CA ASN D 304 9.98 -65.47 16.98
C ASN D 304 9.73 -64.09 16.37
N SER D 305 10.15 -63.97 15.10
CA SER D 305 10.01 -62.69 14.43
C SER D 305 8.56 -62.23 14.38
N GLU D 306 7.62 -63.17 14.29
CA GLU D 306 6.21 -62.81 14.18
CA GLU D 306 6.23 -62.76 14.17
C GLU D 306 5.73 -62.08 15.43
N LYS D 307 6.06 -62.61 16.62
CA LYS D 307 5.61 -61.96 17.84
C LYS D 307 6.38 -60.67 18.12
N VAL D 308 7.67 -60.64 17.76
CA VAL D 308 8.44 -59.41 17.91
C VAL D 308 7.85 -58.32 17.03
N HIS D 309 7.52 -58.66 15.78
CA HIS D 309 6.94 -57.69 14.88
C HIS D 309 5.55 -57.26 15.32
N GLU D 310 4.78 -58.16 15.93
CA GLU D 310 3.48 -57.77 16.48
C GLU D 310 3.66 -56.73 17.59
N ASN D 311 4.66 -56.92 18.45
CA ASN D 311 4.96 -55.96 19.52
C ASN D 311 5.43 -54.65 18.92
N MET D 312 6.15 -54.72 17.81
CA MET D 312 6.57 -53.49 17.14
C MET D 312 5.38 -52.69 16.64
N THR D 313 4.37 -53.39 16.12
CA THR D 313 3.14 -52.74 15.69
C THR D 313 2.51 -51.99 16.86
N TYR D 314 2.44 -52.63 18.02
CA TYR D 314 1.85 -52.03 19.22
C TYR D 314 2.64 -50.79 19.66
N TYR D 315 3.97 -50.90 19.64
CA TYR D 315 4.81 -49.76 19.99
C TYR D 315 4.57 -48.58 19.06
N CYS D 316 4.52 -48.85 17.74
CA CYS D 316 4.34 -47.78 16.76
C CYS D 316 2.97 -47.12 16.91
N LYS D 317 1.93 -47.94 17.09
CA LYS D 317 0.60 -47.40 17.31
C LYS D 317 0.57 -46.57 18.58
N PHE D 318 1.17 -47.08 19.65
CA PHE D 318 1.14 -46.38 20.93
C PHE D 318 1.87 -45.05 20.86
N LEU D 319 3.10 -45.05 20.34
CA LEU D 319 3.86 -43.81 20.27
C LEU D 319 3.16 -42.77 19.41
N THR D 320 2.81 -43.15 18.18
CA THR D 320 2.23 -42.15 17.27
C THR D 320 0.87 -41.66 17.75
N THR D 321 0.03 -42.52 18.33
CA THR D 321 -1.30 -42.09 18.76
C THR D 321 -1.21 -41.20 20.00
N GLU D 322 -0.36 -41.56 20.96
CA GLU D 322 -0.24 -40.76 22.17
C GLU D 322 0.41 -39.42 21.86
N ALA D 323 1.32 -39.38 20.89
CA ALA D 323 1.89 -38.10 20.47
C ALA D 323 0.85 -37.27 19.73
N ARG D 324 0.07 -37.90 18.85
CA ARG D 324 -0.84 -37.15 17.99
C ARG D 324 -1.95 -36.51 18.80
N LYS D 325 -2.49 -37.25 19.79
CA LYS D 325 -3.58 -36.70 20.59
C LYS D 325 -3.13 -35.55 21.48
N ARG D 326 -1.83 -35.38 21.69
CA ARG D 326 -1.30 -34.23 22.42
C ARG D 326 -0.90 -33.08 21.50
N GLY D 327 -1.17 -33.20 20.20
CA GLY D 327 -0.87 -32.14 19.26
C GLY D 327 0.52 -32.17 18.66
N PHE D 328 1.34 -33.19 18.95
CA PHE D 328 2.67 -33.29 18.38
C PHE D 328 2.60 -33.75 16.93
N SER D 329 3.59 -33.38 16.15
CA SER D 329 3.83 -34.08 14.90
C SER D 329 4.89 -35.15 15.14
N THR D 330 4.85 -36.22 14.34
CA THR D 330 5.84 -37.27 14.41
C THR D 330 6.38 -37.57 13.02
N PHE D 331 7.66 -37.93 12.96
CA PHE D 331 8.31 -38.31 11.71
C PHE D 331 9.13 -39.57 11.94
N VAL D 332 8.71 -40.68 11.33
CA VAL D 332 9.41 -41.95 11.53
C VAL D 332 10.71 -41.94 10.75
N TRP D 333 11.74 -42.58 11.32
CA TRP D 333 13.03 -42.69 10.63
C TRP D 333 13.00 -43.87 9.65
N ASP D 334 13.48 -43.62 8.43
CA ASP D 334 13.57 -44.65 7.40
C ASP D 334 14.88 -44.41 6.65
N ASN D 335 15.78 -45.40 6.69
CA ASN D 335 17.05 -45.25 5.98
C ASN D 335 17.23 -46.26 4.86
N ASN D 336 16.16 -46.97 4.46
CA ASN D 336 16.22 -47.93 3.36
C ASN D 336 17.20 -49.06 3.65
N HIS D 337 17.43 -49.37 4.92
N HIS D 337 17.42 -49.40 4.91
CA HIS D 337 18.30 -50.48 5.31
CA HIS D 337 18.32 -50.49 5.26
C HIS D 337 17.45 -51.56 5.95
C HIS D 337 17.55 -51.57 6.00
N PHE D 338 17.57 -52.79 5.45
CA PHE D 338 16.74 -53.89 5.93
C PHE D 338 17.61 -55.02 6.48
N GLY D 339 17.07 -55.75 7.44
CA GLY D 339 17.83 -56.82 8.06
C GLY D 339 17.43 -57.00 9.51
N ASN D 340 18.35 -57.58 10.28
CA ASN D 340 18.09 -57.99 11.67
C ASN D 340 19.29 -57.52 12.49
N GLY D 341 19.16 -56.37 13.13
CA GLY D 341 20.23 -55.83 13.95
C GLY D 341 20.13 -54.31 14.07
N SER D 342 21.31 -53.68 14.10
CA SER D 342 21.45 -52.24 14.27
C SER D 342 21.12 -51.50 12.98
N GLU D 343 20.48 -50.32 13.13
CA GLU D 343 20.27 -49.37 12.03
CA GLU D 343 20.29 -49.37 12.03
C GLU D 343 19.42 -49.95 10.90
N LYS D 344 18.56 -50.90 11.22
CA LYS D 344 17.67 -51.48 10.21
C LYS D 344 16.31 -50.78 10.28
N TYR D 345 16.29 -49.54 9.78
CA TYR D 345 15.10 -48.70 9.87
C TYR D 345 14.34 -48.60 8.55
N GLY D 346 14.69 -49.41 7.55
CA GLY D 346 13.98 -49.34 6.30
C GLY D 346 12.52 -49.75 6.46
N ILE D 347 11.63 -49.02 5.78
CA ILE D 347 10.23 -49.41 5.64
C ILE D 347 9.92 -49.78 4.20
N PHE D 348 10.22 -48.88 3.27
CA PHE D 348 9.94 -49.07 1.85
C PHE D 348 11.23 -49.43 1.13
N ASP D 349 11.18 -50.37 0.19
CA ASP D 349 12.40 -50.76 -0.51
C ASP D 349 12.55 -49.80 -1.69
N ARG D 350 13.45 -48.83 -1.54
CA ARG D 350 13.60 -47.81 -2.56
C ARG D 350 14.20 -48.35 -3.84
N PHE D 351 14.73 -49.57 -3.83
CA PHE D 351 15.24 -50.20 -5.04
C PHE D 351 14.21 -51.01 -5.80
N LYS D 352 13.03 -51.29 -5.20
CA LYS D 352 12.01 -52.12 -5.84
C LYS D 352 10.61 -51.52 -5.66
N SER D 353 10.38 -50.40 -6.34
CA SER D 353 9.07 -49.74 -6.41
C SER D 353 8.45 -49.52 -5.04
N MET D 354 9.30 -49.15 -4.09
CA MET D 354 8.90 -48.78 -2.73
C MET D 354 8.09 -49.89 -2.07
N LYS D 355 8.45 -51.14 -2.37
CA LYS D 355 7.76 -52.27 -1.80
C LYS D 355 7.89 -52.23 -0.28
N VAL D 356 6.77 -52.43 0.41
CA VAL D 356 6.76 -52.35 1.86
C VAL D 356 7.39 -53.61 2.43
N ASN D 357 8.61 -53.49 2.95
CA ASN D 357 9.30 -54.63 3.53
C ASN D 357 9.24 -54.64 5.05
N ALA D 358 8.70 -53.59 5.68
CA ALA D 358 8.43 -53.56 7.12
C ALA D 358 6.95 -53.25 7.36
N PRO D 359 6.06 -54.12 6.91
CA PRO D 359 4.63 -53.82 7.02
C PRO D 359 4.13 -53.72 8.45
N TRP D 360 4.82 -54.33 9.42
CA TRP D 360 4.42 -54.21 10.81
C TRP D 360 4.51 -52.76 11.30
N ILE D 361 5.41 -51.96 10.71
CA ILE D 361 5.48 -50.55 11.09
C ILE D 361 4.26 -49.79 10.58
N LEU D 362 3.93 -49.95 9.29
CA LEU D 362 2.79 -49.23 8.74
C LEU D 362 1.49 -49.68 9.39
N GLU D 363 1.36 -50.98 9.71
CA GLU D 363 0.16 -51.44 10.40
C GLU D 363 0.01 -50.76 11.76
N GLY D 364 1.12 -50.45 12.42
CA GLY D 364 1.03 -49.74 13.68
C GLY D 364 0.68 -48.28 13.50
N ILE D 365 1.32 -47.61 12.53
CA ILE D 365 1.08 -46.19 12.36
C ILE D 365 -0.33 -45.92 11.85
N PHE D 366 -0.80 -46.72 10.89
CA PHE D 366 -2.03 -46.41 10.16
C PHE D 366 -3.15 -47.42 10.38
N GLY D 367 -2.92 -48.51 11.08
CA GLY D 367 -3.93 -49.54 11.26
C GLY D 367 -5.11 -49.10 12.11
C1 EDO E . -25.72 30.56 -34.24
O1 EDO E . -26.78 31.44 -34.60
C2 EDO E . -24.41 31.03 -34.84
O2 EDO E . -24.12 32.36 -34.36
C1 EDO F . 6.85 -15.90 -11.16
O1 EDO F . 7.64 -16.28 -12.29
C2 EDO F . 7.39 -14.58 -10.63
O2 EDO F . 8.82 -14.70 -10.51
C1 EDO G . 23.77 -5.96 -25.07
O1 EDO G . 22.39 -5.58 -24.93
C2 EDO G . 24.41 -6.00 -23.69
O2 EDO G . 23.71 -6.95 -22.86
C1 EDO H . -17.32 -20.97 15.25
O1 EDO H . -17.40 -21.45 16.59
C2 EDO H . -17.85 -21.98 14.25
O2 EDO H . -17.21 -23.24 14.48
C1 EDO I . -23.34 4.25 15.26
O1 EDO I . -23.57 3.78 16.58
C2 EDO I . -23.12 3.07 14.31
O2 EDO I . -21.80 2.54 14.51
#